data_2RNB
#
_entry.id   2RNB
#
loop_
_entity.id
_entity.type
_entity.pdbx_description
1 polymer 'Cytochrome c oxidase copper chaperone'
2 non-polymer 'COPPER (I) ION'
#
_entity_poly.entity_id   1
_entity_poly.type   'polypeptide(L)'
_entity_poly.pdbx_seq_one_letter_code
;GSFTMPGLVDSNPAPPESQEKKPLKPCCACPETKKARDACIIEKGEEHCGHLIEAHKECMRALGFKI
;
_entity_poly.pdbx_strand_id   A
#
loop_
_chem_comp.id
_chem_comp.type
_chem_comp.name
_chem_comp.formula
CU1 non-polymer 'COPPER (I) ION' 'Cu 1'
#
# COMPACT_ATOMS: atom_id res chain seq x y z
N GLY A 1 19.47 0.81 26.88
CA GLY A 1 19.92 0.54 28.25
C GLY A 1 20.00 -0.96 28.42
N SER A 2 21.00 -1.48 29.15
CA SER A 2 21.50 -2.85 28.92
C SER A 2 21.86 -3.06 27.43
N PHE A 3 21.91 -4.29 26.92
CA PHE A 3 22.05 -4.53 25.48
C PHE A 3 21.01 -3.72 24.68
N THR A 4 21.44 -3.04 23.62
CA THR A 4 20.60 -2.13 22.83
C THR A 4 21.04 -2.18 21.36
N MET A 5 20.09 -1.99 20.42
CA MET A 5 20.36 -1.93 18.98
C MET A 5 19.79 -0.64 18.37
N PRO A 6 20.44 0.52 18.61
CA PRO A 6 20.00 1.83 18.10
C PRO A 6 20.23 2.04 16.59
N GLY A 7 20.26 0.96 15.79
CA GLY A 7 20.47 1.03 14.33
C GLY A 7 19.25 0.58 13.51
N LEU A 8 18.88 -0.71 13.61
CA LEU A 8 17.90 -1.38 12.74
C LEU A 8 18.22 -1.23 11.23
N VAL A 9 17.30 -1.72 10.39
CA VAL A 9 17.34 -1.58 8.93
C VAL A 9 15.93 -1.77 8.34
N ASP A 10 15.41 -0.74 7.69
CA ASP A 10 14.04 -0.62 7.17
C ASP A 10 13.97 0.40 6.01
N SER A 11 12.79 0.53 5.39
CA SER A 11 12.54 1.51 4.32
C SER A 11 12.27 2.92 4.85
N ASN A 12 12.41 3.91 3.96
CA ASN A 12 12.33 5.35 4.25
C ASN A 12 11.36 6.05 3.26
N PRO A 13 10.04 5.87 3.44
CA PRO A 13 9.01 6.36 2.52
C PRO A 13 8.66 7.85 2.73
N ALA A 14 7.65 8.32 2.01
CA ALA A 14 7.08 9.67 2.13
C ALA A 14 5.56 9.70 1.85
N PRO A 15 4.81 10.68 2.40
CA PRO A 15 3.35 10.74 2.37
C PRO A 15 2.66 10.88 0.99
N PRO A 16 1.34 10.58 0.91
CA PRO A 16 0.52 10.59 -0.31
C PRO A 16 -0.15 11.94 -0.64
N GLU A 17 -1.06 11.93 -1.63
CA GLU A 17 -2.13 12.93 -1.78
C GLU A 17 -2.87 13.22 -0.45
N SER A 18 -2.60 14.37 0.17
CA SER A 18 -3.41 15.00 1.24
C SER A 18 -2.92 16.40 1.62
N GLN A 19 -3.63 17.43 1.17
CA GLN A 19 -3.75 18.70 1.92
C GLN A 19 -5.12 19.33 1.60
N GLU A 20 -6.15 18.49 1.50
CA GLU A 20 -7.27 18.72 0.56
C GLU A 20 -8.55 17.99 1.01
N LYS A 21 -9.53 17.82 0.10
CA LYS A 21 -10.85 17.25 0.44
C LYS A 21 -11.50 16.28 -0.55
N LYS A 22 -10.84 16.01 -1.66
CA LYS A 22 -11.13 14.98 -2.69
C LYS A 22 -11.32 13.56 -2.13
N PRO A 23 -11.92 12.65 -2.91
CA PRO A 23 -11.89 11.23 -2.62
C PRO A 23 -10.54 10.62 -2.94
N LEU A 24 -10.42 9.32 -2.65
CA LEU A 24 -9.25 8.53 -2.98
C LEU A 24 -9.66 7.19 -3.62
N LYS A 25 -8.68 6.53 -4.22
CA LYS A 25 -8.80 5.32 -5.05
C LYS A 25 -8.05 4.20 -4.31
N PRO A 26 -8.56 2.96 -4.25
CA PRO A 26 -8.00 1.91 -3.40
C PRO A 26 -6.74 1.26 -4.04
N CYS A 27 -6.53 1.49 -5.34
CA CYS A 27 -5.31 1.25 -6.06
C CYS A 27 -4.20 2.29 -5.74
N CYS A 28 -4.60 3.47 -5.23
CA CYS A 28 -3.72 4.63 -5.03
C CYS A 28 -3.51 5.07 -3.57
N ALA A 29 -4.49 4.88 -2.68
CA ALA A 29 -4.41 5.29 -1.27
C ALA A 29 -3.33 4.46 -0.54
N CYS A 30 -2.84 4.94 0.61
CA CYS A 30 -1.79 4.28 1.39
C CYS A 30 -0.64 3.72 0.51
N PRO A 31 -0.06 4.53 -0.41
CA PRO A 31 0.67 4.02 -1.57
C PRO A 31 1.99 3.37 -1.19
N GLU A 32 2.54 3.74 -0.04
CA GLU A 32 3.67 3.10 0.64
C GLU A 32 3.39 1.65 1.09
N THR A 33 2.26 1.37 1.75
CA THR A 33 1.80 -0.01 2.00
C THR A 33 1.34 -0.69 0.71
N LYS A 34 0.74 0.04 -0.24
CA LYS A 34 0.38 -0.46 -1.59
C LYS A 34 1.60 -0.98 -2.36
N LYS A 35 2.70 -0.23 -2.35
CA LYS A 35 4.03 -0.59 -2.89
C LYS A 35 4.52 -1.89 -2.30
N ALA A 36 4.50 -1.95 -0.97
CA ALA A 36 4.92 -3.12 -0.20
C ALA A 36 4.03 -4.35 -0.45
N ARG A 37 2.71 -4.15 -0.61
CA ARG A 37 1.75 -5.20 -0.97
C ARG A 37 2.11 -5.81 -2.32
N ASP A 38 2.19 -4.95 -3.34
CA ASP A 38 2.43 -5.34 -4.72
C ASP A 38 3.86 -5.86 -4.96
N ALA A 39 4.86 -5.41 -4.19
CA ALA A 39 6.19 -6.03 -4.17
C ALA A 39 6.15 -7.47 -3.62
N CYS A 40 5.39 -7.72 -2.54
CA CYS A 40 5.15 -9.07 -2.02
C CYS A 40 4.53 -9.99 -3.09
N ILE A 41 3.69 -9.42 -3.95
CA ILE A 41 3.01 -10.10 -5.05
C ILE A 41 3.95 -10.33 -6.25
N ILE A 42 4.90 -9.43 -6.51
CA ILE A 42 6.01 -9.63 -7.46
C ILE A 42 6.95 -10.76 -6.97
N GLU A 43 7.17 -10.89 -5.66
CA GLU A 43 7.98 -11.94 -5.04
C GLU A 43 7.35 -13.34 -5.06
N LYS A 44 6.02 -13.43 -4.89
CA LYS A 44 5.23 -14.68 -4.96
C LYS A 44 3.89 -14.54 -5.69
N GLY A 45 3.06 -13.64 -5.18
CA GLY A 45 1.61 -13.59 -5.38
C GLY A 45 0.92 -13.22 -4.06
N GLU A 46 -0.33 -12.77 -4.11
CA GLU A 46 -0.99 -12.19 -2.93
C GLU A 46 -1.37 -13.22 -1.88
N GLU A 47 -1.64 -14.44 -2.33
CA GLU A 47 -1.97 -15.57 -1.48
C GLU A 47 -0.88 -15.83 -0.40
N HIS A 48 0.41 -15.58 -0.72
CA HIS A 48 1.54 -15.74 0.20
C HIS A 48 1.80 -14.49 1.06
N CYS A 49 0.92 -13.50 0.97
CA CYS A 49 1.20 -12.11 1.26
C CYS A 49 -0.01 -11.35 1.83
N GLY A 50 -1.07 -12.03 2.31
CA GLY A 50 -2.22 -11.32 2.85
C GLY A 50 -1.95 -10.53 4.12
N HIS A 51 -0.98 -10.89 4.95
CA HIS A 51 -0.50 -9.98 6.00
C HIS A 51 -0.01 -8.62 5.47
N LEU A 52 0.43 -8.57 4.21
CA LEU A 52 0.78 -7.33 3.53
C LEU A 52 -0.46 -6.64 2.99
N ILE A 53 -1.45 -7.43 2.55
CA ILE A 53 -2.72 -6.88 2.06
C ILE A 53 -3.51 -6.30 3.22
N GLU A 54 -3.52 -6.96 4.37
CA GLU A 54 -4.30 -6.58 5.54
C GLU A 54 -3.79 -5.28 6.17
N ALA A 55 -2.48 -5.18 6.44
CA ALA A 55 -1.90 -3.93 6.93
C ALA A 55 -2.18 -2.73 6.00
N HIS A 56 -2.17 -2.95 4.68
CA HIS A 56 -2.52 -1.96 3.67
C HIS A 56 -4.02 -1.64 3.60
N LYS A 57 -4.84 -2.69 3.65
CA LYS A 57 -6.30 -2.64 3.68
C LYS A 57 -6.79 -1.71 4.80
N GLU A 58 -6.34 -1.98 6.01
CA GLU A 58 -6.81 -1.26 7.20
C GLU A 58 -6.27 0.18 7.24
N CYS A 59 -5.06 0.38 6.74
CA CYS A 59 -4.54 1.71 6.37
C CYS A 59 -5.54 2.50 5.49
N MET A 60 -5.93 2.01 4.30
CA MET A 60 -7.02 2.61 3.47
C MET A 60 -8.29 2.77 4.28
N ARG A 61 -8.72 1.79 5.05
CA ARG A 61 -9.99 1.81 5.78
C ARG A 61 -10.20 3.05 6.64
N ALA A 62 -9.13 3.53 7.30
CA ALA A 62 -9.12 4.80 8.05
C ALA A 62 -9.73 5.97 7.27
N LEU A 63 -9.50 5.98 5.96
CA LEU A 63 -9.85 7.07 5.05
C LEU A 63 -11.33 6.99 4.62
N GLY A 64 -12.14 6.11 5.23
CA GLY A 64 -13.58 5.95 4.96
C GLY A 64 -13.88 4.91 3.87
N PHE A 65 -13.16 3.79 3.88
CA PHE A 65 -12.85 3.00 2.67
C PHE A 65 -13.55 1.65 2.66
N LYS A 66 -13.97 1.21 1.48
CA LYS A 66 -14.79 0.02 1.24
C LYS A 66 -13.85 -1.17 0.96
N ILE A 67 -13.31 -1.72 2.05
CA ILE A 67 -12.13 -2.60 2.15
C ILE A 67 -12.38 -3.74 3.16
CU CU1 B . -5.20 4.20 -8.74
N GLY A 1 27.43 9.04 -5.01
CA GLY A 1 27.62 7.62 -4.65
C GLY A 1 28.15 7.56 -3.24
N SER A 2 27.75 6.56 -2.46
CA SER A 2 27.90 6.58 -0.99
C SER A 2 28.10 5.15 -0.45
N PHE A 3 28.60 5.03 0.78
CA PHE A 3 28.64 3.77 1.53
C PHE A 3 28.52 4.04 3.03
N THR A 4 28.37 2.97 3.84
CA THR A 4 28.23 2.97 5.31
C THR A 4 26.96 3.64 5.88
N MET A 5 26.42 4.68 5.22
CA MET A 5 25.22 5.44 5.61
C MET A 5 25.05 5.68 7.12
N PRO A 6 26.06 6.27 7.82
CA PRO A 6 26.04 6.49 9.27
C PRO A 6 25.11 7.64 9.73
N GLY A 7 24.02 7.90 8.99
CA GLY A 7 23.00 8.89 9.39
C GLY A 7 21.95 9.20 8.30
N LEU A 8 22.38 9.18 7.03
CA LEU A 8 21.57 9.29 5.80
C LEU A 8 20.35 10.26 5.79
N VAL A 9 20.46 11.36 6.54
CA VAL A 9 19.61 12.56 6.45
C VAL A 9 19.33 12.92 4.98
N ASP A 10 18.06 13.19 4.68
CA ASP A 10 17.49 13.54 3.37
C ASP A 10 17.97 12.69 2.16
N SER A 11 18.39 11.45 2.41
CA SER A 11 18.50 10.38 1.40
C SER A 11 17.19 10.16 0.63
N ASN A 12 16.04 10.37 1.30
CA ASN A 12 14.70 10.06 0.79
C ASN A 12 13.59 10.76 1.63
N PRO A 13 13.48 12.09 1.55
CA PRO A 13 12.46 12.88 2.26
C PRO A 13 11.09 12.80 1.55
N ALA A 14 10.09 13.52 2.08
CA ALA A 14 8.70 13.49 1.62
C ALA A 14 8.04 14.89 1.62
N PRO A 15 6.95 15.09 0.85
CA PRO A 15 6.15 16.31 0.92
C PRO A 15 5.37 16.45 2.24
N PRO A 16 4.97 17.68 2.62
CA PRO A 16 4.07 17.93 3.76
C PRO A 16 2.60 17.64 3.41
N GLU A 17 1.73 17.81 4.42
CA GLU A 17 0.28 17.83 4.26
C GLU A 17 -0.23 19.22 3.85
N SER A 18 -1.36 19.19 3.14
CA SER A 18 -2.36 20.26 2.93
C SER A 18 -3.53 19.71 2.09
N GLN A 19 -3.18 18.85 1.12
CA GLN A 19 -3.99 17.99 0.25
C GLN A 19 -5.17 18.65 -0.52
N GLU A 20 -5.61 18.00 -1.59
CA GLU A 20 -6.96 18.22 -2.13
C GLU A 20 -8.05 17.76 -1.13
N LYS A 21 -9.28 17.84 -1.58
CA LYS A 21 -10.52 17.67 -0.86
C LYS A 21 -11.44 16.84 -1.75
N LYS A 22 -11.12 15.54 -1.84
CA LYS A 22 -11.51 14.61 -2.92
C LYS A 22 -11.67 13.16 -2.44
N PRO A 23 -12.32 12.29 -3.24
CA PRO A 23 -12.25 10.86 -3.01
C PRO A 23 -10.87 10.28 -3.33
N LEU A 24 -10.69 8.99 -3.04
CA LEU A 24 -9.47 8.26 -3.30
C LEU A 24 -9.73 6.84 -3.84
N LYS A 25 -8.72 6.25 -4.49
CA LYS A 25 -8.76 4.95 -5.16
C LYS A 25 -7.96 3.98 -4.32
N PRO A 26 -8.35 2.70 -4.18
CA PRO A 26 -7.70 1.78 -3.25
C PRO A 26 -6.35 1.25 -3.81
N CYS A 27 -6.10 1.49 -5.09
CA CYS A 27 -4.86 1.25 -5.78
C CYS A 27 -3.90 2.48 -5.71
N CYS A 28 -4.44 3.67 -5.41
CA CYS A 28 -3.67 4.91 -5.27
C CYS A 28 -3.49 5.37 -3.78
N ALA A 29 -4.47 5.09 -2.93
CA ALA A 29 -4.45 5.41 -1.50
C ALA A 29 -3.37 4.60 -0.78
N CYS A 30 -2.97 5.01 0.43
CA CYS A 30 -1.97 4.32 1.25
C CYS A 30 -0.79 3.74 0.42
N PRO A 31 -0.16 4.56 -0.45
CA PRO A 31 0.59 4.07 -1.60
C PRO A 31 1.88 3.35 -1.19
N GLU A 32 2.33 3.56 0.04
CA GLU A 32 3.55 3.00 0.60
C GLU A 32 3.33 1.57 1.13
N THR A 33 2.18 1.29 1.76
CA THR A 33 1.72 -0.10 1.95
C THR A 33 1.26 -0.72 0.64
N LYS A 34 0.72 0.06 -0.32
CA LYS A 34 0.40 -0.41 -1.68
C LYS A 34 1.64 -0.93 -2.40
N LYS A 35 2.74 -0.17 -2.36
CA LYS A 35 4.07 -0.54 -2.83
C LYS A 35 4.54 -1.85 -2.20
N ALA A 36 4.48 -1.95 -0.88
CA ALA A 36 4.90 -3.14 -0.15
C ALA A 36 4.00 -4.36 -0.43
N ARG A 37 2.69 -4.16 -0.58
CA ARG A 37 1.73 -5.20 -0.96
C ARG A 37 2.09 -5.77 -2.31
N ASP A 38 2.22 -4.90 -3.30
CA ASP A 38 2.46 -5.28 -4.68
C ASP A 38 3.89 -5.80 -4.92
N ALA A 39 4.88 -5.34 -4.15
CA ALA A 39 6.20 -5.99 -4.10
C ALA A 39 6.10 -7.44 -3.56
N CYS A 40 5.34 -7.68 -2.49
CA CYS A 40 5.08 -9.03 -1.98
C CYS A 40 4.46 -9.93 -3.06
N ILE A 41 3.64 -9.33 -3.92
CA ILE A 41 2.96 -9.99 -5.04
C ILE A 41 3.90 -10.25 -6.22
N ILE A 42 4.91 -9.40 -6.46
CA ILE A 42 6.02 -9.67 -7.38
C ILE A 42 6.91 -10.82 -6.85
N GLU A 43 7.13 -10.87 -5.53
CA GLU A 43 7.96 -11.88 -4.87
C GLU A 43 7.32 -13.29 -4.82
N LYS A 44 6.01 -13.38 -4.58
CA LYS A 44 5.25 -14.65 -4.45
C LYS A 44 3.89 -14.70 -5.15
N GLY A 45 3.18 -13.57 -5.20
CA GLY A 45 1.73 -13.51 -5.39
C GLY A 45 1.00 -13.26 -4.07
N GLU A 46 -0.22 -12.71 -4.13
CA GLU A 46 -0.91 -12.16 -2.96
C GLU A 46 -1.36 -13.23 -1.97
N GLU A 47 -1.60 -14.43 -2.49
CA GLU A 47 -1.97 -15.59 -1.69
C GLU A 47 -0.93 -15.91 -0.59
N HIS A 48 0.35 -15.56 -0.77
CA HIS A 48 1.41 -15.77 0.22
C HIS A 48 1.69 -14.52 1.07
N CYS A 49 0.84 -13.50 0.96
CA CYS A 49 1.13 -12.11 1.24
C CYS A 49 -0.08 -11.36 1.80
N GLY A 50 -1.12 -12.04 2.28
CA GLY A 50 -2.31 -11.34 2.76
C GLY A 50 -2.10 -10.54 4.03
N HIS A 51 -1.14 -10.88 4.88
CA HIS A 51 -0.68 -9.97 5.95
C HIS A 51 -0.21 -8.61 5.43
N LEU A 52 0.29 -8.57 4.18
CA LEU A 52 0.68 -7.34 3.51
C LEU A 52 -0.54 -6.64 2.93
N ILE A 53 -1.52 -7.43 2.47
CA ILE A 53 -2.77 -6.86 1.95
C ILE A 53 -3.55 -6.27 3.10
N GLU A 54 -3.59 -6.93 4.25
CA GLU A 54 -4.29 -6.51 5.44
C GLU A 54 -3.68 -5.22 6.00
N ALA A 55 -2.37 -5.17 6.22
CA ALA A 55 -1.69 -3.94 6.65
C ALA A 55 -2.01 -2.72 5.75
N HIS A 56 -2.08 -2.93 4.44
CA HIS A 56 -2.51 -1.94 3.45
C HIS A 56 -4.01 -1.60 3.50
N LYS A 57 -4.82 -2.64 3.63
CA LYS A 57 -6.29 -2.56 3.76
C LYS A 57 -6.70 -1.69 4.94
N GLU A 58 -6.18 -1.99 6.12
CA GLU A 58 -6.53 -1.29 7.35
C GLU A 58 -6.01 0.15 7.35
N CYS A 59 -4.84 0.36 6.74
CA CYS A 59 -4.41 1.71 6.32
C CYS A 59 -5.53 2.44 5.53
N MET A 60 -5.98 1.93 4.38
CA MET A 60 -7.11 2.49 3.60
C MET A 60 -8.38 2.67 4.42
N ARG A 61 -8.80 1.71 5.24
CA ARG A 61 -10.00 1.78 6.05
C ARG A 61 -10.09 3.02 6.92
N ALA A 62 -8.97 3.53 7.44
CA ALA A 62 -8.89 4.86 8.10
C ALA A 62 -9.54 5.99 7.28
N LEU A 63 -9.35 5.95 5.96
CA LEU A 63 -9.73 6.97 4.99
C LEU A 63 -11.22 6.85 4.57
N GLY A 64 -12.01 6.01 5.26
CA GLY A 64 -13.45 5.83 5.03
C GLY A 64 -13.80 4.77 3.97
N PHE A 65 -12.98 3.73 3.85
CA PHE A 65 -12.82 2.94 2.61
C PHE A 65 -13.58 1.61 2.62
N LYS A 66 -13.96 1.13 1.43
CA LYS A 66 -14.79 -0.06 1.20
C LYS A 66 -13.87 -1.28 1.02
N ILE A 67 -13.34 -1.75 2.15
CA ILE A 67 -12.13 -2.58 2.30
C ILE A 67 -12.29 -3.60 3.44
CU CU1 B . -4.41 3.56 -8.35
N GLY A 1 17.36 -18.27 -11.37
CA GLY A 1 16.10 -18.54 -12.08
C GLY A 1 16.28 -18.20 -13.54
N SER A 2 15.21 -17.80 -14.22
CA SER A 2 15.21 -17.15 -15.54
C SER A 2 14.02 -16.20 -15.61
N PHE A 3 13.83 -15.48 -16.71
CA PHE A 3 12.86 -14.39 -16.83
C PHE A 3 12.04 -14.52 -18.12
N THR A 4 10.77 -14.08 -18.09
CA THR A 4 9.84 -14.22 -19.23
C THR A 4 8.83 -13.08 -19.30
N MET A 5 8.30 -12.64 -18.14
CA MET A 5 7.48 -11.45 -17.89
C MET A 5 6.54 -11.00 -19.05
N PRO A 6 5.69 -11.89 -19.64
CA PRO A 6 4.96 -11.65 -20.89
C PRO A 6 3.81 -10.61 -20.83
N GLY A 7 3.76 -9.84 -19.76
CA GLY A 7 2.83 -8.73 -19.50
C GLY A 7 3.13 -7.99 -18.19
N LEU A 8 4.37 -8.09 -17.67
CA LEU A 8 4.74 -7.64 -16.32
C LEU A 8 6.24 -7.37 -16.13
N VAL A 9 6.87 -6.87 -17.20
CA VAL A 9 8.26 -6.37 -17.21
C VAL A 9 8.59 -5.51 -15.98
N ASP A 10 9.73 -5.82 -15.35
CA ASP A 10 10.25 -5.34 -14.06
C ASP A 10 10.47 -3.81 -13.94
N SER A 11 9.40 -3.02 -13.98
CA SER A 11 9.44 -1.55 -13.87
C SER A 11 8.19 -1.01 -13.18
N ASN A 12 8.37 -0.21 -12.13
CA ASN A 12 7.26 0.42 -11.39
C ASN A 12 7.59 1.82 -10.82
N PRO A 13 7.94 2.79 -11.69
CA PRO A 13 7.96 4.21 -11.35
C PRO A 13 6.53 4.75 -11.20
N ALA A 14 6.40 5.96 -10.67
CA ALA A 14 5.14 6.70 -10.58
C ALA A 14 5.38 8.23 -10.48
N PRO A 15 4.41 9.07 -10.84
CA PRO A 15 4.33 10.47 -10.39
C PRO A 15 3.92 10.53 -8.90
N PRO A 16 3.98 11.71 -8.24
CA PRO A 16 3.28 11.92 -6.98
C PRO A 16 1.76 11.97 -7.18
N GLU A 17 1.05 12.03 -6.06
CA GLU A 17 -0.41 11.84 -5.92
C GLU A 17 -1.23 12.71 -6.88
N SER A 18 -0.78 13.97 -7.02
CA SER A 18 -1.31 14.97 -7.95
C SER A 18 -2.82 15.21 -7.85
N GLN A 19 -3.41 15.02 -6.66
CA GLN A 19 -4.87 14.81 -6.51
C GLN A 19 -5.57 15.79 -5.56
N GLU A 20 -5.02 16.99 -5.34
CA GLU A 20 -5.73 18.02 -4.56
C GLU A 20 -7.10 18.31 -5.15
N LYS A 21 -7.98 18.69 -4.25
CA LYS A 21 -9.42 18.89 -4.41
C LYS A 21 -10.15 17.77 -5.18
N LYS A 22 -9.67 16.51 -5.08
CA LYS A 22 -10.32 15.28 -5.59
C LYS A 22 -10.50 14.24 -4.45
N PRO A 23 -11.41 13.27 -4.59
CA PRO A 23 -11.47 12.10 -3.72
C PRO A 23 -10.39 11.07 -4.06
N LEU A 24 -10.12 10.18 -3.10
CA LEU A 24 -9.28 8.99 -3.28
C LEU A 24 -10.01 7.87 -4.07
N LYS A 25 -9.26 6.81 -4.36
CA LYS A 25 -9.60 5.63 -5.16
C LYS A 25 -8.73 4.47 -4.67
N PRO A 26 -9.27 3.24 -4.55
CA PRO A 26 -8.68 2.17 -3.73
C PRO A 26 -7.46 1.48 -4.39
N CYS A 27 -7.21 1.80 -5.66
CA CYS A 27 -6.01 1.53 -6.40
C CYS A 27 -4.82 2.44 -5.98
N CYS A 28 -5.14 3.61 -5.37
CA CYS A 28 -4.18 4.65 -5.05
C CYS A 28 -3.94 4.92 -3.55
N ALA A 29 -4.92 4.64 -2.67
CA ALA A 29 -4.80 5.00 -1.26
C ALA A 29 -3.61 4.29 -0.58
N CYS A 30 -3.12 4.84 0.54
CA CYS A 30 -2.00 4.31 1.33
C CYS A 30 -0.84 3.77 0.47
N PRO A 31 -0.24 4.62 -0.39
CA PRO A 31 0.51 4.19 -1.56
C PRO A 31 1.82 3.48 -1.19
N GLU A 32 2.34 3.74 0.00
CA GLU A 32 3.47 3.07 0.65
C GLU A 32 3.19 1.57 0.92
N THR A 33 2.19 1.24 1.75
CA THR A 33 1.73 -0.14 1.92
C THR A 33 1.19 -0.72 0.62
N LYS A 34 0.61 0.09 -0.29
CA LYS A 34 0.22 -0.34 -1.64
C LYS A 34 1.42 -0.86 -2.43
N LYS A 35 2.53 -0.11 -2.47
CA LYS A 35 3.77 -0.54 -3.15
C LYS A 35 4.37 -1.78 -2.48
N ALA A 36 4.37 -1.80 -1.16
CA ALA A 36 4.83 -2.94 -0.37
C ALA A 36 3.98 -4.21 -0.61
N ARG A 37 2.66 -4.06 -0.74
CA ARG A 37 1.72 -5.12 -1.10
C ARG A 37 2.11 -5.72 -2.45
N ASP A 38 2.23 -4.85 -3.44
CA ASP A 38 2.53 -5.24 -4.83
C ASP A 38 3.97 -5.78 -5.02
N ALA A 39 4.96 -5.29 -4.27
CA ALA A 39 6.30 -5.85 -4.23
C ALA A 39 6.34 -7.25 -3.59
N CYS A 40 5.55 -7.50 -2.54
CA CYS A 40 5.31 -8.84 -1.99
C CYS A 40 4.75 -9.79 -3.07
N ILE A 41 3.88 -9.28 -3.93
CA ILE A 41 3.19 -10.02 -4.98
C ILE A 41 4.11 -10.33 -6.16
N ILE A 42 5.10 -9.48 -6.46
CA ILE A 42 6.23 -9.84 -7.33
C ILE A 42 6.97 -11.06 -6.77
N GLU A 43 7.24 -11.06 -5.47
CA GLU A 43 8.04 -12.07 -4.79
C GLU A 43 7.37 -13.47 -4.70
N LYS A 44 6.05 -13.56 -4.51
CA LYS A 44 5.28 -14.82 -4.33
C LYS A 44 3.84 -14.85 -4.85
N GLY A 45 3.26 -13.73 -5.28
CA GLY A 45 1.81 -13.58 -5.47
C GLY A 45 1.07 -13.26 -4.16
N GLU A 46 -0.19 -12.82 -4.25
CA GLU A 46 -0.87 -12.18 -3.11
C GLU A 46 -1.33 -13.15 -2.04
N GLU A 47 -1.68 -14.37 -2.43
CA GLU A 47 -2.16 -15.36 -1.47
C GLU A 47 -1.10 -15.65 -0.39
N HIS A 48 0.19 -15.63 -0.76
CA HIS A 48 1.35 -15.82 0.11
C HIS A 48 1.77 -14.53 0.85
N CYS A 49 0.99 -13.46 0.67
CA CYS A 49 1.27 -12.09 1.04
C CYS A 49 0.04 -11.39 1.63
N GLY A 50 -0.99 -12.11 2.07
CA GLY A 50 -2.20 -11.47 2.57
C GLY A 50 -2.07 -10.72 3.88
N HIS A 51 -1.05 -10.99 4.70
CA HIS A 51 -0.65 -10.08 5.79
C HIS A 51 -0.28 -8.69 5.28
N LEU A 52 0.32 -8.61 4.09
CA LEU A 52 0.65 -7.37 3.38
C LEU A 52 -0.59 -6.75 2.78
N ILE A 53 -1.57 -7.56 2.34
CA ILE A 53 -2.88 -6.99 2.01
C ILE A 53 -3.55 -6.44 3.25
N GLU A 54 -3.47 -7.12 4.39
CA GLU A 54 -4.24 -6.80 5.58
C GLU A 54 -3.76 -5.55 6.34
N ALA A 55 -2.46 -5.44 6.59
CA ALA A 55 -1.87 -4.20 7.12
C ALA A 55 -2.18 -2.98 6.23
N HIS A 56 -2.14 -3.18 4.90
CA HIS A 56 -2.50 -2.17 3.92
C HIS A 56 -3.99 -1.81 3.96
N LYS A 57 -4.87 -2.82 3.97
CA LYS A 57 -6.33 -2.68 4.07
C LYS A 57 -6.75 -1.72 5.19
N GLU A 58 -6.17 -1.89 6.38
CA GLU A 58 -6.52 -1.10 7.56
C GLU A 58 -5.92 0.31 7.52
N CYS A 59 -4.82 0.53 6.81
CA CYS A 59 -4.42 1.87 6.37
C CYS A 59 -5.52 2.53 5.49
N MET A 60 -5.93 1.93 4.36
CA MET A 60 -7.06 2.41 3.51
C MET A 60 -8.29 2.74 4.35
N ARG A 61 -8.67 1.88 5.30
CA ARG A 61 -9.91 1.98 6.04
C ARG A 61 -10.03 3.24 6.90
N ALA A 62 -8.92 3.76 7.44
CA ALA A 62 -8.89 5.08 8.09
C ALA A 62 -9.53 6.19 7.23
N LEU A 63 -9.30 6.09 5.91
CA LEU A 63 -9.66 7.09 4.92
C LEU A 63 -11.15 6.96 4.48
N GLY A 64 -11.95 6.11 5.15
CA GLY A 64 -13.40 6.00 4.98
C GLY A 64 -13.85 4.99 3.93
N PHE A 65 -13.22 3.82 3.86
CA PHE A 65 -12.95 3.13 2.59
C PHE A 65 -13.59 1.74 2.47
N LYS A 66 -14.01 1.38 1.24
CA LYS A 66 -14.72 0.14 0.90
C LYS A 66 -13.70 -0.94 0.51
N ILE A 67 -13.23 -1.71 1.50
CA ILE A 67 -11.97 -2.48 1.50
C ILE A 67 -12.12 -3.82 2.22
CU CU1 B . -5.85 4.72 -8.75
N GLY A 1 41.13 -5.87 20.20
CA GLY A 1 39.94 -5.88 19.34
C GLY A 1 38.71 -6.01 20.20
N SER A 2 37.53 -5.73 19.65
CA SER A 2 36.23 -5.72 20.37
C SER A 2 35.08 -5.83 19.35
N PHE A 3 33.84 -5.86 19.84
CA PHE A 3 32.67 -5.54 19.02
C PHE A 3 32.71 -4.08 18.51
N THR A 4 31.94 -3.79 17.46
CA THR A 4 31.68 -2.43 16.92
C THR A 4 30.40 -2.48 16.07
N MET A 5 29.75 -1.35 15.84
CA MET A 5 28.61 -1.22 14.91
C MET A 5 28.83 -0.03 13.96
N PRO A 6 29.76 -0.14 12.99
CA PRO A 6 30.18 0.98 12.12
C PRO A 6 29.14 1.41 11.06
N GLY A 7 27.94 0.81 11.05
CA GLY A 7 26.83 1.22 10.19
C GLY A 7 25.51 0.69 10.74
N LEU A 8 24.48 1.55 10.71
CA LEU A 8 23.14 1.33 11.23
C LEU A 8 22.23 2.46 10.77
N VAL A 9 20.96 2.10 10.50
CA VAL A 9 19.96 2.90 9.78
C VAL A 9 20.40 3.22 8.33
N ASP A 10 19.43 3.49 7.45
CA ASP A 10 19.62 3.53 5.99
C ASP A 10 18.92 4.68 5.26
N SER A 11 17.94 5.30 5.90
CA SER A 11 16.89 6.05 5.22
C SER A 11 16.15 7.06 6.13
N ASN A 12 15.29 7.86 5.50
CA ASN A 12 14.42 8.86 6.12
C ASN A 12 13.02 8.88 5.47
N PRO A 13 12.27 7.76 5.50
CA PRO A 13 11.14 7.50 4.61
C PRO A 13 9.92 8.38 4.87
N ALA A 14 9.78 9.39 4.02
CA ALA A 14 8.74 10.41 4.06
C ALA A 14 7.30 9.85 3.95
N PRO A 15 6.30 10.57 4.52
CA PRO A 15 4.87 10.27 4.39
C PRO A 15 4.35 10.35 2.93
N PRO A 16 3.04 10.15 2.67
CA PRO A 16 2.38 10.63 1.46
C PRO A 16 2.18 12.16 1.50
N GLU A 17 1.58 12.68 0.43
CA GLU A 17 0.99 14.02 0.36
C GLU A 17 -0.33 14.10 1.14
N SER A 18 -0.81 15.33 1.34
CA SER A 18 -2.02 15.64 2.11
C SER A 18 -2.63 17.04 1.91
N GLN A 19 -2.30 17.80 0.88
CA GLN A 19 -2.69 19.19 0.70
C GLN A 19 -3.73 19.41 -0.39
N GLU A 20 -4.02 18.40 -1.20
CA GLU A 20 -5.22 18.37 -2.03
C GLU A 20 -6.46 17.83 -1.33
N LYS A 21 -7.57 18.08 -2.02
CA LYS A 21 -8.95 17.85 -1.64
C LYS A 21 -9.70 17.31 -2.85
N LYS A 22 -9.46 16.02 -3.12
CA LYS A 22 -10.03 15.16 -4.17
C LYS A 22 -10.46 13.84 -3.50
N PRO A 23 -11.33 13.03 -4.14
CA PRO A 23 -11.51 11.65 -3.72
C PRO A 23 -10.27 10.82 -4.02
N LEU A 24 -9.98 9.89 -3.12
CA LEU A 24 -9.07 8.78 -3.39
C LEU A 24 -9.78 7.71 -4.26
N LYS A 25 -8.99 6.85 -4.89
CA LYS A 25 -9.33 5.75 -5.82
C LYS A 25 -8.50 4.54 -5.39
N PRO A 26 -9.10 3.37 -5.17
CA PRO A 26 -8.55 2.33 -4.29
C PRO A 26 -7.25 1.67 -4.82
N CYS A 27 -6.98 1.79 -6.12
CA CYS A 27 -5.73 1.42 -6.76
C CYS A 27 -4.54 2.32 -6.35
N CYS A 28 -4.81 3.53 -5.86
CA CYS A 28 -3.84 4.56 -5.48
C CYS A 28 -3.67 4.76 -3.95
N ALA A 29 -4.63 4.27 -3.15
CA ALA A 29 -4.70 4.63 -1.72
C ALA A 29 -3.52 4.06 -0.91
N CYS A 30 -3.21 4.67 0.24
CA CYS A 30 -2.15 4.21 1.17
C CYS A 30 -0.86 3.72 0.47
N PRO A 31 -0.20 4.55 -0.34
CA PRO A 31 0.76 4.09 -1.34
C PRO A 31 1.99 3.43 -0.70
N GLU A 32 2.29 3.79 0.55
CA GLU A 32 3.37 3.28 1.38
C GLU A 32 3.28 1.76 1.59
N THR A 33 2.11 1.27 2.02
CA THR A 33 1.75 -0.16 2.07
C THR A 33 1.41 -0.70 0.69
N LYS A 34 0.73 0.05 -0.19
CA LYS A 34 0.37 -0.37 -1.55
C LYS A 34 1.58 -0.86 -2.34
N LYS A 35 2.67 -0.10 -2.30
CA LYS A 35 4.01 -0.44 -2.81
C LYS A 35 4.50 -1.78 -2.30
N ALA A 36 4.50 -1.90 -0.97
CA ALA A 36 4.99 -3.08 -0.26
C ALA A 36 4.13 -4.32 -0.51
N ARG A 37 2.80 -4.14 -0.65
CA ARG A 37 1.83 -5.18 -1.00
C ARG A 37 2.15 -5.72 -2.40
N ASP A 38 2.23 -4.83 -3.38
CA ASP A 38 2.44 -5.20 -4.77
C ASP A 38 3.87 -5.71 -5.04
N ALA A 39 4.89 -5.28 -4.28
CA ALA A 39 6.22 -5.90 -4.29
C ALA A 39 6.23 -7.33 -3.72
N CYS A 40 5.50 -7.58 -2.63
CA CYS A 40 5.23 -8.93 -2.11
C CYS A 40 4.61 -9.82 -3.19
N ILE A 41 3.74 -9.25 -4.01
CA ILE A 41 3.04 -9.95 -5.08
C ILE A 41 3.95 -10.22 -6.28
N ILE A 42 4.94 -9.35 -6.56
CA ILE A 42 6.04 -9.64 -7.48
C ILE A 42 6.92 -10.81 -6.99
N GLU A 43 7.13 -10.93 -5.68
CA GLU A 43 7.90 -12.00 -5.06
C GLU A 43 7.19 -13.37 -5.01
N LYS A 44 5.86 -13.43 -4.78
CA LYS A 44 5.09 -14.67 -4.58
C LYS A 44 3.63 -14.70 -5.04
N GLY A 45 3.01 -13.57 -5.41
CA GLY A 45 1.56 -13.44 -5.54
C GLY A 45 0.87 -13.08 -4.21
N GLU A 46 -0.41 -12.66 -4.24
CA GLU A 46 -1.07 -12.06 -3.07
C GLU A 46 -1.47 -13.07 -2.01
N GLU A 47 -1.78 -14.29 -2.44
CA GLU A 47 -2.19 -15.37 -1.54
C GLU A 47 -1.11 -15.68 -0.47
N HIS A 48 0.18 -15.53 -0.81
CA HIS A 48 1.34 -15.75 0.06
C HIS A 48 1.73 -14.49 0.85
N CYS A 49 0.88 -13.45 0.83
CA CYS A 49 1.19 -12.08 1.18
C CYS A 49 0.06 -11.36 1.94
N GLY A 50 -0.94 -12.06 2.48
CA GLY A 50 -2.05 -11.38 3.15
C GLY A 50 -1.66 -10.52 4.34
N HIS A 51 -0.65 -10.84 5.13
CA HIS A 51 -0.15 -9.90 6.14
C HIS A 51 0.27 -8.52 5.57
N LEU A 52 0.64 -8.46 4.29
CA LEU A 52 0.85 -7.21 3.55
C LEU A 52 -0.46 -6.60 3.09
N ILE A 53 -1.42 -7.44 2.70
CA ILE A 53 -2.71 -6.97 2.18
C ILE A 53 -3.58 -6.48 3.33
N GLU A 54 -3.49 -7.09 4.50
CA GLU A 54 -4.20 -6.72 5.68
C GLU A 54 -3.71 -5.40 6.28
N ALA A 55 -2.41 -5.25 6.54
CA ALA A 55 -1.85 -3.97 6.99
C ALA A 55 -2.20 -2.80 6.03
N HIS A 56 -2.28 -3.07 4.74
CA HIS A 56 -2.71 -2.13 3.71
C HIS A 56 -4.23 -1.86 3.71
N LYS A 57 -5.03 -2.93 3.86
CA LYS A 57 -6.50 -2.87 3.97
C LYS A 57 -6.93 -1.92 5.09
N GLU A 58 -6.38 -2.10 6.28
CA GLU A 58 -6.70 -1.27 7.44
C GLU A 58 -6.20 0.17 7.25
N CYS A 59 -5.04 0.33 6.62
CA CYS A 59 -4.57 1.63 6.14
C CYS A 59 -5.62 2.33 5.24
N MET A 60 -6.06 1.74 4.11
CA MET A 60 -7.18 2.23 3.26
C MET A 60 -8.40 2.57 4.12
N ARG A 61 -8.85 1.66 4.98
CA ARG A 61 -10.02 1.83 5.82
C ARG A 61 -10.00 3.09 6.70
N ALA A 62 -8.83 3.52 7.19
CA ALA A 62 -8.66 4.83 7.83
C ALA A 62 -9.26 6.00 7.04
N LEU A 63 -9.10 5.94 5.72
CA LEU A 63 -9.47 6.99 4.78
C LEU A 63 -11.00 6.96 4.46
N GLY A 64 -11.79 6.15 5.17
CA GLY A 64 -13.23 5.97 4.97
C GLY A 64 -13.61 4.92 3.92
N PHE A 65 -12.68 4.02 3.57
CA PHE A 65 -12.76 3.14 2.40
C PHE A 65 -13.78 2.00 2.50
N LYS A 66 -14.00 1.29 1.40
CA LYS A 66 -14.98 0.20 1.27
C LYS A 66 -14.23 -1.08 0.94
N ILE A 67 -13.86 -1.73 2.04
CA ILE A 67 -12.86 -2.78 2.24
C ILE A 67 -13.35 -3.66 3.38
CU CU1 B . -4.59 4.07 -8.85
N GLY A 1 20.14 -18.24 21.16
CA GLY A 1 19.96 -16.77 21.07
C GLY A 1 18.84 -16.46 20.10
N SER A 2 18.24 -15.28 20.18
CA SER A 2 16.93 -14.95 19.57
C SER A 2 16.83 -14.97 18.04
N PHE A 3 17.94 -15.08 17.31
CA PHE A 3 18.04 -15.20 15.83
C PHE A 3 17.10 -14.26 15.04
N THR A 4 16.86 -13.06 15.56
CA THR A 4 15.81 -12.15 15.07
C THR A 4 16.34 -11.22 13.99
N MET A 5 15.53 -10.95 12.96
CA MET A 5 15.85 -10.00 11.89
C MET A 5 14.76 -8.91 11.79
N PRO A 6 14.75 -7.93 12.72
CA PRO A 6 13.80 -6.81 12.71
C PRO A 6 14.06 -5.75 11.62
N GLY A 7 15.00 -5.98 10.69
CA GLY A 7 15.39 -5.02 9.66
C GLY A 7 14.44 -4.97 8.45
N LEU A 8 13.14 -5.17 8.67
CA LEU A 8 12.11 -5.32 7.65
C LEU A 8 11.16 -4.14 7.71
N VAL A 9 11.20 -3.35 6.65
CA VAL A 9 10.36 -2.16 6.41
C VAL A 9 10.33 -1.16 7.58
N ASP A 10 11.19 -0.14 7.50
CA ASP A 10 11.00 1.09 8.27
C ASP A 10 9.66 1.76 7.89
N SER A 11 8.68 1.74 8.79
CA SER A 11 7.46 2.53 8.64
C SER A 11 7.77 4.02 8.76
N ASN A 12 7.28 4.83 7.81
CA ASN A 12 7.54 6.27 7.79
C ASN A 12 6.45 7.11 7.10
N PRO A 13 5.20 7.01 7.57
CA PRO A 13 4.08 7.79 7.08
C PRO A 13 4.22 9.28 7.42
N ALA A 14 3.30 10.05 6.85
CA ALA A 14 3.03 11.43 7.21
C ALA A 14 2.30 11.50 8.58
N PRO A 15 2.37 12.65 9.28
CA PRO A 15 1.47 12.96 10.38
C PRO A 15 0.03 13.18 9.88
N PRO A 16 -1.00 13.09 10.75
CA PRO A 16 -2.38 13.35 10.38
C PRO A 16 -2.65 14.84 10.12
N GLU A 17 -3.86 15.13 9.67
CA GLU A 17 -4.27 16.43 9.11
C GLU A 17 -5.69 16.81 9.56
N SER A 18 -6.09 18.06 9.34
CA SER A 18 -7.41 18.60 9.68
C SER A 18 -7.80 19.81 8.81
N GLN A 19 -7.81 19.60 7.50
CA GLN A 19 -8.26 20.61 6.52
C GLN A 19 -8.93 19.90 5.34
N GLU A 20 -9.74 20.59 4.53
CA GLU A 20 -10.10 20.06 3.22
C GLU A 20 -8.88 19.81 2.32
N LYS A 21 -9.08 18.88 1.39
CA LYS A 21 -8.14 18.47 0.33
C LYS A 21 -8.94 17.69 -0.72
N LYS A 22 -8.57 17.78 -2.00
CA LYS A 22 -9.17 16.87 -3.01
C LYS A 22 -8.82 15.41 -2.70
N PRO A 23 -9.76 14.47 -2.93
CA PRO A 23 -9.69 13.16 -2.31
C PRO A 23 -8.73 12.20 -3.00
N LEU A 24 -8.40 11.15 -2.26
CA LEU A 24 -7.68 9.99 -2.75
C LEU A 24 -8.54 9.07 -3.62
N LYS A 25 -7.88 8.25 -4.43
CA LYS A 25 -8.47 7.11 -5.14
C LYS A 25 -8.33 5.88 -4.25
N PRO A 26 -9.27 4.92 -4.29
CA PRO A 26 -9.20 3.74 -3.44
C PRO A 26 -8.01 2.84 -3.82
N CYS A 27 -7.68 2.74 -5.11
CA CYS A 27 -6.60 1.94 -5.64
C CYS A 27 -5.19 2.59 -5.46
N CYS A 28 -5.14 3.92 -5.31
CA CYS A 28 -3.91 4.69 -5.13
C CYS A 28 -3.58 5.05 -3.66
N ALA A 29 -4.57 4.97 -2.75
CA ALA A 29 -4.41 5.30 -1.34
C ALA A 29 -3.39 4.40 -0.62
N CYS A 30 -2.93 4.82 0.57
CA CYS A 30 -1.86 4.16 1.35
C CYS A 30 -0.68 3.68 0.47
N PRO A 31 -0.05 4.58 -0.32
CA PRO A 31 0.75 4.19 -1.49
C PRO A 31 2.06 3.49 -1.10
N GLU A 32 2.53 3.76 0.11
CA GLU A 32 3.56 3.03 0.86
C GLU A 32 3.26 1.52 1.00
N THR A 33 2.25 1.16 1.79
CA THR A 33 1.75 -0.21 2.00
C THR A 33 1.26 -0.82 0.69
N LYS A 34 0.67 -0.03 -0.20
CA LYS A 34 0.33 -0.40 -1.59
C LYS A 34 1.53 -0.95 -2.36
N LYS A 35 2.65 -0.20 -2.36
CA LYS A 35 3.92 -0.63 -2.96
C LYS A 35 4.43 -1.94 -2.35
N ALA A 36 4.43 -1.96 -1.03
CA ALA A 36 4.91 -3.10 -0.24
C ALA A 36 4.07 -4.36 -0.48
N ARG A 37 2.75 -4.22 -0.61
CA ARG A 37 1.80 -5.29 -0.95
C ARG A 37 2.12 -5.83 -2.33
N ASP A 38 2.13 -4.95 -3.32
CA ASP A 38 2.36 -5.31 -4.72
C ASP A 38 3.78 -5.82 -5.00
N ALA A 39 4.80 -5.42 -4.22
CA ALA A 39 6.13 -6.03 -4.25
C ALA A 39 6.13 -7.46 -3.70
N CYS A 40 5.42 -7.73 -2.59
CA CYS A 40 5.20 -9.08 -2.06
C CYS A 40 4.56 -10.00 -3.12
N ILE A 41 3.70 -9.42 -3.97
CA ILE A 41 3.02 -10.09 -5.07
C ILE A 41 3.93 -10.31 -6.28
N ILE A 42 4.87 -9.41 -6.55
CA ILE A 42 5.97 -9.63 -7.52
C ILE A 42 6.93 -10.75 -7.06
N GLU A 43 7.15 -10.87 -5.74
CA GLU A 43 8.01 -11.89 -5.14
C GLU A 43 7.39 -13.32 -5.12
N LYS A 44 6.07 -13.43 -4.92
CA LYS A 44 5.32 -14.69 -4.97
C LYS A 44 3.96 -14.58 -5.68
N GLY A 45 3.14 -13.66 -5.20
CA GLY A 45 1.70 -13.59 -5.40
C GLY A 45 1.02 -13.24 -4.07
N GLU A 46 -0.25 -12.81 -4.09
CA GLU A 46 -0.90 -12.23 -2.90
C GLU A 46 -1.25 -13.27 -1.86
N GLU A 47 -1.50 -14.50 -2.31
CA GLU A 47 -1.84 -15.61 -1.42
C GLU A 47 -0.74 -15.86 -0.35
N HIS A 48 0.54 -15.61 -0.68
CA HIS A 48 1.68 -15.76 0.22
C HIS A 48 1.92 -14.51 1.10
N CYS A 49 1.02 -13.52 1.01
CA CYS A 49 1.29 -12.14 1.29
C CYS A 49 0.08 -11.39 1.89
N GLY A 50 -0.96 -12.08 2.38
CA GLY A 50 -2.11 -11.37 2.94
C GLY A 50 -1.84 -10.57 4.19
N HIS A 51 -0.85 -10.91 5.03
CA HIS A 51 -0.38 -9.98 6.06
C HIS A 51 0.06 -8.61 5.51
N LEU A 52 0.48 -8.54 4.24
CA LEU A 52 0.79 -7.29 3.55
C LEU A 52 -0.49 -6.62 3.04
N ILE A 53 -1.47 -7.43 2.63
CA ILE A 53 -2.76 -6.92 2.12
C ILE A 53 -3.61 -6.39 3.26
N GLU A 54 -3.60 -7.07 4.41
CA GLU A 54 -4.34 -6.72 5.60
C GLU A 54 -3.90 -5.38 6.18
N ALA A 55 -2.59 -5.18 6.42
CA ALA A 55 -2.08 -3.89 6.92
C ALA A 55 -2.45 -2.72 5.99
N HIS A 56 -2.37 -2.94 4.69
CA HIS A 56 -2.73 -1.98 3.65
C HIS A 56 -4.23 -1.68 3.58
N LYS A 57 -5.04 -2.73 3.57
CA LYS A 57 -6.52 -2.69 3.62
C LYS A 57 -7.03 -1.79 4.74
N GLU A 58 -6.53 -2.02 5.95
CA GLU A 58 -6.96 -1.30 7.13
C GLU A 58 -6.42 0.13 7.16
N CYS A 59 -5.18 0.33 6.68
CA CYS A 59 -4.64 1.65 6.33
C CYS A 59 -5.59 2.46 5.44
N MET A 60 -6.00 1.92 4.27
CA MET A 60 -6.99 2.53 3.37
C MET A 60 -8.30 2.80 4.13
N ARG A 61 -8.87 1.82 4.81
CA ARG A 61 -10.14 1.89 5.51
C ARG A 61 -10.24 3.05 6.52
N ALA A 62 -9.13 3.46 7.14
CA ALA A 62 -9.03 4.67 7.97
C ALA A 62 -9.65 5.90 7.28
N LEU A 63 -9.49 5.99 5.96
CA LEU A 63 -9.87 7.14 5.14
C LEU A 63 -11.39 7.19 4.85
N GLY A 64 -12.15 6.28 5.46
CA GLY A 64 -13.57 6.03 5.19
C GLY A 64 -13.79 5.00 4.07
N PHE A 65 -12.73 4.33 3.62
CA PHE A 65 -12.67 3.43 2.46
C PHE A 65 -13.35 2.09 2.73
N LYS A 66 -13.71 1.36 1.66
CA LYS A 66 -14.39 0.05 1.73
C LYS A 66 -13.45 -1.00 1.15
N ILE A 67 -12.71 -1.65 2.05
CA ILE A 67 -11.81 -2.79 1.82
C ILE A 67 -12.10 -3.90 2.85
CU CU1 B . -5.04 3.78 -8.29
N GLY A 1 -1.46 -24.16 -26.95
CA GLY A 1 -1.08 -23.11 -25.98
C GLY A 1 -0.33 -22.03 -26.71
N SER A 2 -0.38 -20.79 -26.25
CA SER A 2 0.09 -19.62 -27.00
C SER A 2 0.64 -18.53 -26.05
N PHE A 3 1.42 -17.60 -26.58
CA PHE A 3 1.97 -16.45 -25.85
C PHE A 3 2.15 -15.26 -26.82
N THR A 4 2.20 -14.02 -26.30
CA THR A 4 2.54 -12.83 -27.11
C THR A 4 3.04 -11.66 -26.25
N MET A 5 2.29 -11.30 -25.19
CA MET A 5 2.58 -10.21 -24.23
C MET A 5 3.32 -8.99 -24.80
N PRO A 6 2.82 -8.34 -25.88
CA PRO A 6 3.60 -7.42 -26.70
C PRO A 6 3.87 -6.04 -26.07
N GLY A 7 3.41 -5.78 -24.84
CA GLY A 7 3.54 -4.47 -24.18
C GLY A 7 2.19 -3.94 -23.69
N LEU A 8 1.80 -4.32 -22.47
CA LEU A 8 0.47 -4.06 -21.92
C LEU A 8 0.46 -4.13 -20.40
N VAL A 9 -0.43 -3.32 -19.82
CA VAL A 9 -0.77 -3.20 -18.39
C VAL A 9 0.36 -2.63 -17.51
N ASP A 10 -0.04 -1.87 -16.48
CA ASP A 10 0.85 -1.09 -15.60
C ASP A 10 0.58 -1.32 -14.10
N SER A 11 -0.70 -1.48 -13.77
CA SER A 11 -1.29 -1.55 -12.42
C SER A 11 -0.81 -0.47 -11.42
N ASN A 12 -0.31 0.67 -11.91
CA ASN A 12 0.32 1.75 -11.12
C ASN A 12 0.10 3.14 -11.76
N PRO A 13 -1.17 3.58 -11.89
CA PRO A 13 -1.52 4.96 -12.18
C PRO A 13 -1.12 5.89 -11.02
N ALA A 14 -1.06 7.18 -11.30
CA ALA A 14 -0.70 8.19 -10.31
C ALA A 14 -1.84 8.50 -9.30
N PRO A 15 -1.48 8.86 -8.04
CA PRO A 15 -2.39 9.43 -7.06
C PRO A 15 -2.90 10.83 -7.46
N PRO A 16 -3.92 11.39 -6.77
CA PRO A 16 -4.37 12.77 -6.97
C PRO A 16 -3.39 13.80 -6.39
N GLU A 17 -3.72 15.08 -6.62
CA GLU A 17 -2.98 16.22 -6.08
C GLU A 17 -3.62 16.77 -4.80
N SER A 18 -2.76 17.13 -3.86
CA SER A 18 -3.07 17.66 -2.52
C SER A 18 -3.71 19.06 -2.50
N GLN A 19 -4.20 19.58 -3.64
CA GLN A 19 -4.67 20.95 -3.79
C GLN A 19 -5.92 21.28 -2.97
N GLU A 20 -6.81 20.32 -2.76
CA GLU A 20 -8.01 20.41 -1.91
C GLU A 20 -8.62 19.00 -1.72
N LYS A 21 -9.90 18.90 -1.35
CA LYS A 21 -10.76 17.70 -1.22
C LYS A 21 -10.90 16.78 -2.46
N LYS A 22 -9.86 16.64 -3.30
CA LYS A 22 -9.85 15.75 -4.47
C LYS A 22 -10.12 14.28 -4.10
N PRO A 23 -10.67 13.47 -5.03
CA PRO A 23 -11.00 12.08 -4.76
C PRO A 23 -9.77 11.19 -4.67
N LEU A 24 -9.98 9.98 -4.15
CA LEU A 24 -8.98 8.92 -4.06
C LEU A 24 -9.41 7.63 -4.76
N LYS A 25 -8.44 6.73 -4.95
CA LYS A 25 -8.62 5.37 -5.50
C LYS A 25 -7.94 4.40 -4.55
N PRO A 26 -8.38 3.14 -4.44
CA PRO A 26 -7.76 2.18 -3.51
C PRO A 26 -6.44 1.60 -4.06
N CYS A 27 -6.23 1.69 -5.38
CA CYS A 27 -4.96 1.47 -6.04
C CYS A 27 -3.96 2.64 -5.83
N CYS A 28 -4.44 3.79 -5.34
CA CYS A 28 -3.65 5.01 -5.12
C CYS A 28 -3.45 5.39 -3.64
N ALA A 29 -4.48 5.16 -2.81
CA ALA A 29 -4.45 5.46 -1.39
C ALA A 29 -3.37 4.63 -0.69
N CYS A 30 -2.89 5.09 0.48
CA CYS A 30 -1.85 4.40 1.25
C CYS A 30 -0.69 3.88 0.37
N PRO A 31 -0.04 4.75 -0.43
CA PRO A 31 0.74 4.36 -1.61
C PRO A 31 2.03 3.61 -1.26
N GLU A 32 2.38 3.54 0.02
CA GLU A 32 3.59 2.94 0.53
C GLU A 32 3.33 1.49 0.98
N THR A 33 2.22 1.23 1.69
CA THR A 33 1.70 -0.13 1.82
C THR A 33 1.19 -0.68 0.49
N LYS A 34 0.75 0.16 -0.46
CA LYS A 34 0.45 -0.25 -1.85
C LYS A 34 1.66 -0.86 -2.53
N LYS A 35 2.78 -0.12 -2.56
CA LYS A 35 4.08 -0.57 -3.03
C LYS A 35 4.54 -1.84 -2.31
N ALA A 36 4.39 -1.93 -0.99
CA ALA A 36 4.76 -3.12 -0.23
C ALA A 36 3.86 -4.33 -0.53
N ARG A 37 2.54 -4.13 -0.68
CA ARG A 37 1.57 -5.19 -1.03
C ARG A 37 1.98 -5.81 -2.37
N ASP A 38 2.14 -4.95 -3.35
CA ASP A 38 2.43 -5.35 -4.74
C ASP A 38 3.87 -5.84 -4.93
N ALA A 39 4.85 -5.36 -4.16
CA ALA A 39 6.17 -5.99 -4.08
C ALA A 39 6.09 -7.42 -3.54
N CYS A 40 5.29 -7.67 -2.50
CA CYS A 40 5.03 -9.01 -1.96
C CYS A 40 4.46 -9.95 -3.04
N ILE A 41 3.69 -9.38 -3.96
CA ILE A 41 3.09 -10.09 -5.09
C ILE A 41 4.09 -10.33 -6.23
N ILE A 42 5.03 -9.41 -6.48
CA ILE A 42 6.19 -9.62 -7.35
C ILE A 42 7.14 -10.70 -6.79
N GLU A 43 7.29 -10.77 -5.46
CA GLU A 43 8.12 -11.72 -4.75
C GLU A 43 7.54 -13.16 -4.73
N LYS A 44 6.21 -13.29 -4.62
CA LYS A 44 5.46 -14.57 -4.63
C LYS A 44 4.16 -14.52 -5.43
N GLY A 45 3.27 -13.62 -5.01
CA GLY A 45 1.83 -13.64 -5.27
C GLY A 45 1.05 -13.32 -3.99
N GLU A 46 -0.19 -12.85 -4.09
CA GLU A 46 -0.88 -12.25 -2.95
C GLU A 46 -1.29 -13.25 -1.89
N GLU A 47 -1.52 -14.49 -2.32
CA GLU A 47 -1.88 -15.58 -1.42
C GLU A 47 -0.83 -15.78 -0.31
N HIS A 48 0.47 -15.58 -0.62
CA HIS A 48 1.58 -15.69 0.33
C HIS A 48 1.79 -14.42 1.17
N CYS A 49 0.89 -13.44 1.01
CA CYS A 49 1.12 -12.04 1.26
C CYS A 49 -0.15 -11.33 1.75
N GLY A 50 -1.19 -12.04 2.19
CA GLY A 50 -2.42 -11.37 2.62
C GLY A 50 -2.35 -10.68 3.97
N HIS A 51 -1.32 -10.94 4.80
CA HIS A 51 -0.95 -10.02 5.88
C HIS A 51 -0.55 -8.64 5.35
N LEU A 52 0.07 -8.59 4.17
CA LEU A 52 0.46 -7.35 3.50
C LEU A 52 -0.79 -6.67 2.96
N ILE A 53 -1.73 -7.46 2.46
CA ILE A 53 -2.98 -6.90 1.96
C ILE A 53 -3.82 -6.41 3.14
N GLU A 54 -3.92 -7.16 4.23
CA GLU A 54 -4.68 -6.76 5.41
C GLU A 54 -4.17 -5.46 6.03
N ALA A 55 -2.85 -5.33 6.21
CA ALA A 55 -2.22 -4.11 6.71
C ALA A 55 -2.44 -2.90 5.77
N HIS A 56 -2.29 -3.09 4.46
CA HIS A 56 -2.57 -2.04 3.46
C HIS A 56 -4.05 -1.63 3.45
N LYS A 57 -4.93 -2.64 3.47
CA LYS A 57 -6.37 -2.46 3.60
C LYS A 57 -6.72 -1.63 4.83
N GLU A 58 -6.15 -1.97 5.98
CA GLU A 58 -6.41 -1.29 7.26
C GLU A 58 -5.80 0.11 7.32
N CYS A 59 -4.70 0.38 6.60
CA CYS A 59 -4.30 1.75 6.28
C CYS A 59 -5.42 2.50 5.55
N MET A 60 -5.86 2.03 4.36
CA MET A 60 -6.96 2.66 3.59
C MET A 60 -8.24 2.83 4.38
N ARG A 61 -8.70 1.83 5.14
CA ARG A 61 -9.92 1.82 5.92
C ARG A 61 -10.05 3.04 6.83
N ALA A 62 -8.96 3.54 7.42
CA ALA A 62 -8.90 4.83 8.14
C ALA A 62 -9.54 6.00 7.37
N LEU A 63 -9.33 6.01 6.06
CA LEU A 63 -9.68 7.09 5.13
C LEU A 63 -11.15 6.97 4.66
N GLY A 64 -11.96 6.10 5.28
CA GLY A 64 -13.37 5.87 4.93
C GLY A 64 -13.57 4.82 3.83
N PHE A 65 -12.71 3.79 3.79
CA PHE A 65 -12.58 2.81 2.70
C PHE A 65 -13.32 1.49 2.98
N LYS A 66 -13.66 0.78 1.91
CA LYS A 66 -14.68 -0.27 1.86
C LYS A 66 -14.03 -1.61 1.53
N ILE A 67 -13.31 -2.18 2.50
CA ILE A 67 -12.36 -3.30 2.34
C ILE A 67 -12.27 -4.16 3.61
CU CU1 B . -4.66 4.10 -8.58
N GLY A 1 6.82 -16.98 34.72
CA GLY A 1 6.27 -16.61 33.39
C GLY A 1 7.19 -15.62 32.72
N SER A 2 6.80 -15.09 31.56
CA SER A 2 7.51 -14.01 30.84
C SER A 2 6.53 -13.29 29.89
N PHE A 3 7.01 -12.33 29.10
CA PHE A 3 6.26 -11.62 28.06
C PHE A 3 7.15 -11.38 26.83
N THR A 4 6.60 -10.88 25.73
CA THR A 4 7.34 -10.58 24.48
C THR A 4 6.57 -9.57 23.64
N MET A 5 7.27 -8.86 22.74
CA MET A 5 6.68 -8.05 21.67
C MET A 5 7.30 -8.45 20.32
N PRO A 6 6.93 -9.64 19.78
CA PRO A 6 7.61 -10.25 18.64
C PRO A 6 7.46 -9.51 17.30
N GLY A 7 6.74 -8.38 17.27
CA GLY A 7 6.63 -7.51 16.08
C GLY A 7 7.48 -6.23 16.15
N LEU A 8 7.91 -5.80 17.35
CA LEU A 8 8.44 -4.47 17.61
C LEU A 8 7.58 -3.33 17.01
N VAL A 9 8.10 -2.10 16.94
CA VAL A 9 7.36 -0.95 16.37
C VAL A 9 8.28 0.18 15.91
N ASP A 10 7.85 0.87 14.86
CA ASP A 10 8.13 2.28 14.53
C ASP A 10 6.80 2.91 14.06
N SER A 11 6.71 4.23 14.04
CA SER A 11 5.68 4.99 13.32
C SER A 11 6.14 6.43 13.07
N ASN A 12 7.29 6.63 12.42
CA ASN A 12 7.89 7.96 12.18
C ASN A 12 8.08 8.29 10.68
N PRO A 13 6.98 8.39 9.91
CA PRO A 13 6.97 8.87 8.53
C PRO A 13 6.94 10.42 8.49
N ALA A 14 6.72 10.98 7.30
CA ALA A 14 6.39 12.39 7.10
C ALA A 14 5.11 12.56 6.25
N PRO A 15 4.41 13.70 6.36
CA PRO A 15 3.28 14.03 5.49
C PRO A 15 3.72 14.35 4.04
N PRO A 16 2.84 14.21 3.04
CA PRO A 16 3.06 14.73 1.70
C PRO A 16 2.86 16.26 1.63
N GLU A 17 3.14 16.81 0.45
CA GLU A 17 3.08 18.25 0.17
C GLU A 17 1.66 18.76 -0.14
N SER A 18 1.45 20.06 0.08
CA SER A 18 0.19 20.82 -0.06
C SER A 18 -0.39 20.93 -1.49
N GLN A 19 0.05 20.11 -2.44
CA GLN A 19 -0.18 20.21 -3.90
C GLN A 19 -1.60 20.69 -4.28
N GLU A 20 -2.64 20.05 -3.74
CA GLU A 20 -3.93 20.68 -3.41
C GLU A 20 -4.68 19.77 -2.43
N LYS A 21 -5.73 20.32 -1.86
CA LYS A 21 -6.70 19.66 -0.95
C LYS A 21 -7.61 18.65 -1.71
N LYS A 22 -7.00 17.74 -2.48
CA LYS A 22 -7.68 16.69 -3.27
C LYS A 22 -8.27 15.57 -2.40
N PRO A 23 -9.27 14.82 -2.91
CA PRO A 23 -9.74 13.58 -2.29
C PRO A 23 -8.87 12.38 -2.69
N LEU A 24 -9.10 11.24 -2.05
CA LEU A 24 -8.49 9.95 -2.40
C LEU A 24 -9.43 9.10 -3.27
N LYS A 25 -8.85 8.07 -3.89
CA LYS A 25 -9.33 7.19 -4.94
C LYS A 25 -8.67 5.82 -4.66
N PRO A 26 -9.44 4.75 -4.44
CA PRO A 26 -9.07 3.64 -3.55
C PRO A 26 -7.81 2.87 -4.00
N CYS A 27 -7.57 2.76 -5.31
CA CYS A 27 -6.44 2.06 -5.90
C CYS A 27 -5.06 2.71 -5.56
N CYS A 28 -5.09 3.98 -5.15
CA CYS A 28 -3.93 4.81 -4.83
C CYS A 28 -3.77 5.13 -3.32
N ALA A 29 -4.72 4.74 -2.47
CA ALA A 29 -4.66 5.06 -1.04
C ALA A 29 -3.46 4.34 -0.40
N CYS A 30 -2.92 4.88 0.71
CA CYS A 30 -1.79 4.31 1.44
C CYS A 30 -0.66 3.78 0.52
N PRO A 31 -0.05 4.65 -0.31
CA PRO A 31 0.63 4.21 -1.53
C PRO A 31 1.93 3.44 -1.24
N GLU A 32 2.47 3.57 -0.03
CA GLU A 32 3.71 2.94 0.39
C GLU A 32 3.49 1.50 0.90
N THR A 33 2.43 1.24 1.67
CA THR A 33 1.94 -0.14 1.85
C THR A 33 1.40 -0.71 0.54
N LYS A 34 0.85 0.10 -0.39
CA LYS A 34 0.47 -0.35 -1.75
C LYS A 34 1.68 -0.86 -2.54
N LYS A 35 2.78 -0.11 -2.54
CA LYS A 35 4.09 -0.50 -3.08
C LYS A 35 4.58 -1.80 -2.45
N ALA A 36 4.55 -1.90 -1.13
CA ALA A 36 4.99 -3.08 -0.40
C ALA A 36 4.09 -4.31 -0.65
N ARG A 37 2.78 -4.11 -0.80
CA ARG A 37 1.81 -5.16 -1.16
C ARG A 37 2.18 -5.75 -2.52
N ASP A 38 2.35 -4.88 -3.51
CA ASP A 38 2.65 -5.27 -4.88
C ASP A 38 4.08 -5.83 -5.05
N ALA A 39 5.06 -5.40 -4.25
CA ALA A 39 6.36 -6.07 -4.15
C ALA A 39 6.26 -7.50 -3.55
N CYS A 40 5.41 -7.71 -2.56
CA CYS A 40 5.06 -9.05 -2.06
C CYS A 40 4.43 -9.94 -3.14
N ILE A 41 3.70 -9.33 -4.06
CA ILE A 41 3.08 -10.02 -5.19
C ILE A 41 4.12 -10.38 -6.26
N ILE A 42 5.16 -9.54 -6.45
CA ILE A 42 6.37 -9.87 -7.22
C ILE A 42 7.15 -11.05 -6.60
N GLU A 43 7.22 -11.17 -5.27
CA GLU A 43 7.85 -12.30 -4.59
C GLU A 43 7.14 -13.64 -4.83
N LYS A 44 5.80 -13.68 -4.68
CA LYS A 44 5.03 -14.92 -4.48
C LYS A 44 3.56 -14.88 -4.88
N GLY A 45 3.04 -13.73 -5.29
CA GLY A 45 1.60 -13.51 -5.44
C GLY A 45 0.91 -13.15 -4.13
N GLU A 46 -0.26 -12.54 -4.23
CA GLU A 46 -0.95 -11.93 -3.09
C GLU A 46 -1.42 -12.96 -2.08
N GLU A 47 -1.71 -14.16 -2.57
CA GLU A 47 -2.09 -15.30 -1.76
C GLU A 47 -1.01 -15.69 -0.72
N HIS A 48 0.29 -15.40 -0.95
CA HIS A 48 1.35 -15.76 0.00
C HIS A 48 1.72 -14.55 0.87
N CYS A 49 0.86 -13.52 0.87
CA CYS A 49 1.18 -12.16 1.21
C CYS A 49 0.02 -11.41 1.87
N GLY A 50 -1.04 -12.07 2.34
CA GLY A 50 -2.20 -11.34 2.87
C GLY A 50 -1.96 -10.58 4.16
N HIS A 51 -0.91 -10.82 4.94
CA HIS A 51 -0.47 -9.87 5.99
C HIS A 51 -0.11 -8.49 5.43
N LEU A 52 0.42 -8.46 4.21
CA LEU A 52 0.72 -7.26 3.42
C LEU A 52 -0.55 -6.66 2.83
N ILE A 53 -1.54 -7.46 2.45
CA ILE A 53 -2.84 -6.88 2.07
C ILE A 53 -3.56 -6.31 3.28
N GLU A 54 -3.57 -7.03 4.40
CA GLU A 54 -4.28 -6.64 5.60
C GLU A 54 -3.75 -5.33 6.20
N ALA A 55 -2.43 -5.23 6.47
CA ALA A 55 -1.84 -4.00 7.00
C ALA A 55 -2.05 -2.76 6.10
N HIS A 56 -2.09 -2.98 4.79
CA HIS A 56 -2.38 -1.97 3.79
C HIS A 56 -3.87 -1.58 3.75
N LYS A 57 -4.74 -2.59 3.79
CA LYS A 57 -6.20 -2.44 3.84
C LYS A 57 -6.64 -1.54 4.97
N GLU A 58 -6.21 -1.82 6.19
CA GLU A 58 -6.64 -1.07 7.37
C GLU A 58 -6.21 0.40 7.29
N CYS A 59 -4.99 0.64 6.81
CA CYS A 59 -4.49 1.96 6.44
C CYS A 59 -5.44 2.73 5.49
N MET A 60 -5.89 2.12 4.38
CA MET A 60 -6.93 2.67 3.48
C MET A 60 -8.26 2.83 4.22
N ARG A 61 -8.78 1.80 4.88
CA ARG A 61 -10.07 1.74 5.55
C ARG A 61 -10.31 2.87 6.54
N ALA A 62 -9.24 3.35 7.21
CA ALA A 62 -9.24 4.58 8.03
C ALA A 62 -9.94 5.78 7.35
N LEU A 63 -9.84 5.85 6.02
CA LEU A 63 -10.32 6.99 5.22
C LEU A 63 -11.84 6.91 4.94
N GLY A 64 -12.52 5.92 5.53
CA GLY A 64 -13.88 5.51 5.19
C GLY A 64 -13.93 4.63 3.94
N PHE A 65 -12.80 4.04 3.53
CA PHE A 65 -12.66 3.15 2.38
C PHE A 65 -13.35 1.81 2.63
N LYS A 66 -13.94 1.22 1.58
CA LYS A 66 -14.74 -0.02 1.65
C LYS A 66 -13.93 -1.16 1.04
N ILE A 67 -13.35 -1.99 1.91
CA ILE A 67 -12.40 -3.07 1.64
C ILE A 67 -12.49 -4.12 2.75
CU CU1 B . -4.67 4.13 -8.27
N GLY A 1 -37.65 -10.93 29.24
CA GLY A 1 -36.70 -9.81 29.01
C GLY A 1 -35.48 -10.04 29.87
N SER A 2 -34.31 -9.56 29.45
CA SER A 2 -33.02 -9.99 30.00
C SER A 2 -32.00 -8.84 29.98
N PHE A 3 -30.97 -8.91 30.81
CA PHE A 3 -29.75 -8.13 30.59
C PHE A 3 -29.17 -8.45 29.19
N THR A 4 -28.74 -7.43 28.47
CA THR A 4 -28.18 -7.54 27.11
C THR A 4 -27.11 -6.46 26.93
N MET A 5 -26.00 -6.78 26.25
CA MET A 5 -24.83 -5.88 26.12
C MET A 5 -24.30 -5.77 24.68
N PRO A 6 -25.07 -5.21 23.72
CA PRO A 6 -24.66 -5.11 22.32
C PRO A 6 -23.58 -4.04 22.02
N GLY A 7 -23.15 -3.24 23.00
CA GLY A 7 -22.22 -2.11 22.84
C GLY A 7 -20.76 -2.47 23.11
N LEU A 8 -20.28 -3.59 22.56
CA LEU A 8 -18.97 -4.17 22.84
C LEU A 8 -18.07 -4.10 21.61
N VAL A 9 -16.79 -3.77 21.85
CA VAL A 9 -15.64 -3.98 20.95
C VAL A 9 -15.95 -3.55 19.51
N ASP A 10 -16.15 -2.24 19.33
CA ASP A 10 -16.98 -1.71 18.24
C ASP A 10 -16.25 -0.71 17.33
N SER A 11 -16.84 -0.43 16.17
CA SER A 11 -16.30 0.48 15.16
C SER A 11 -16.28 1.94 15.62
N ASN A 12 -15.12 2.58 15.55
CA ASN A 12 -14.90 3.99 15.84
C ASN A 12 -14.18 4.63 14.62
N PRO A 13 -14.92 4.96 13.56
CA PRO A 13 -14.37 5.48 12.31
C PRO A 13 -14.03 6.97 12.41
N ALA A 14 -13.52 7.53 11.32
CA ALA A 14 -13.27 8.94 11.17
C ALA A 14 -14.56 9.79 11.25
N PRO A 15 -14.45 11.07 11.66
CA PRO A 15 -15.51 12.06 11.52
C PRO A 15 -15.74 12.45 10.04
N PRO A 16 -16.87 13.11 9.73
CA PRO A 16 -17.09 13.73 8.43
C PRO A 16 -16.21 14.97 8.21
N GLU A 17 -16.31 15.53 7.00
CA GLU A 17 -15.54 16.69 6.57
C GLU A 17 -16.05 18.01 7.19
N SER A 18 -15.14 19.00 7.28
CA SER A 18 -15.37 20.34 7.84
C SER A 18 -14.41 21.42 7.32
N GLN A 19 -13.43 21.08 6.46
CA GLN A 19 -12.40 22.00 5.99
C GLN A 19 -12.08 21.71 4.51
N GLU A 20 -11.30 22.57 3.82
CA GLU A 20 -10.60 22.08 2.62
C GLU A 20 -9.68 20.88 2.95
N LYS A 21 -9.76 19.92 2.03
CA LYS A 21 -8.95 18.72 1.87
C LYS A 21 -8.55 18.55 0.38
N LYS A 22 -7.88 17.45 0.05
CA LYS A 22 -7.75 16.97 -1.33
C LYS A 22 -8.14 15.47 -1.41
N PRO A 23 -8.66 15.01 -2.56
CA PRO A 23 -9.39 13.76 -2.63
C PRO A 23 -8.49 12.52 -2.76
N LEU A 24 -9.08 11.35 -2.55
CA LEU A 24 -8.47 10.05 -2.79
C LEU A 24 -9.50 9.12 -3.50
N LYS A 25 -8.99 8.03 -4.08
CA LYS A 25 -9.67 7.01 -4.88
C LYS A 25 -9.09 5.66 -4.44
N PRO A 26 -9.92 4.65 -4.13
CA PRO A 26 -9.57 3.56 -3.22
C PRO A 26 -8.38 2.69 -3.67
N CYS A 27 -8.14 2.57 -4.98
CA CYS A 27 -7.04 1.83 -5.56
C CYS A 27 -5.66 2.54 -5.38
N CYS A 28 -5.66 3.85 -5.13
CA CYS A 28 -4.49 4.70 -4.96
C CYS A 28 -4.14 5.01 -3.48
N ALA A 29 -5.07 4.73 -2.56
CA ALA A 29 -4.93 5.08 -1.15
C ALA A 29 -3.74 4.33 -0.52
N CYS A 30 -3.13 4.91 0.51
CA CYS A 30 -1.92 4.35 1.17
C CYS A 30 -0.87 3.77 0.18
N PRO A 31 -0.35 4.59 -0.76
CA PRO A 31 0.40 4.12 -1.91
C PRO A 31 1.73 3.47 -1.49
N GLU A 32 2.32 3.91 -0.40
CA GLU A 32 3.31 3.20 0.43
C GLU A 32 3.02 1.71 0.68
N THR A 33 1.99 1.37 1.47
CA THR A 33 1.63 -0.04 1.69
C THR A 33 1.14 -0.71 0.41
N LYS A 34 0.54 0.03 -0.55
CA LYS A 34 0.20 -0.50 -1.88
C LYS A 34 1.44 -1.02 -2.61
N LYS A 35 2.53 -0.25 -2.60
CA LYS A 35 3.81 -0.64 -3.19
C LYS A 35 4.38 -1.86 -2.47
N ALA A 36 4.34 -1.85 -1.14
CA ALA A 36 4.80 -2.98 -0.32
C ALA A 36 3.98 -4.27 -0.59
N ARG A 37 2.67 -4.14 -0.73
CA ARG A 37 1.72 -5.20 -1.07
C ARG A 37 2.08 -5.80 -2.43
N ASP A 38 2.19 -4.95 -3.43
CA ASP A 38 2.54 -5.33 -4.80
C ASP A 38 3.97 -5.89 -4.94
N ALA A 39 4.93 -5.42 -4.13
CA ALA A 39 6.28 -5.98 -4.08
C ALA A 39 6.30 -7.39 -3.46
N CYS A 40 5.48 -7.64 -2.44
CA CYS A 40 5.24 -8.98 -1.91
C CYS A 40 4.76 -9.93 -3.01
N ILE A 41 3.85 -9.45 -3.86
CA ILE A 41 3.27 -10.20 -4.96
C ILE A 41 4.31 -10.47 -6.06
N ILE A 42 5.31 -9.59 -6.23
CA ILE A 42 6.48 -9.84 -7.07
C ILE A 42 7.42 -10.91 -6.47
N GLU A 43 7.56 -10.97 -5.15
CA GLU A 43 8.40 -11.95 -4.45
C GLU A 43 7.80 -13.37 -4.36
N LYS A 44 6.47 -13.51 -4.27
CA LYS A 44 5.76 -14.80 -4.08
C LYS A 44 4.39 -14.96 -4.74
N GLY A 45 3.73 -13.87 -5.13
CA GLY A 45 2.32 -13.86 -5.51
C GLY A 45 1.36 -13.58 -4.34
N GLU A 46 0.08 -13.45 -4.65
CA GLU A 46 -0.88 -12.72 -3.80
C GLU A 46 -1.41 -13.50 -2.58
N GLU A 47 -1.59 -14.81 -2.72
CA GLU A 47 -1.96 -15.72 -1.63
C GLU A 47 -0.93 -15.75 -0.48
N HIS A 48 0.37 -15.63 -0.78
CA HIS A 48 1.46 -15.68 0.19
C HIS A 48 1.68 -14.34 0.90
N CYS A 49 0.76 -13.37 0.71
CA CYS A 49 0.95 -11.97 0.98
C CYS A 49 -0.28 -11.29 1.59
N GLY A 50 -1.30 -12.02 2.05
CA GLY A 50 -2.47 -11.38 2.65
C GLY A 50 -2.20 -10.60 3.92
N HIS A 51 -1.22 -10.95 4.76
CA HIS A 51 -0.79 -10.04 5.83
C HIS A 51 -0.33 -8.67 5.32
N LEU A 52 0.18 -8.60 4.09
CA LEU A 52 0.51 -7.35 3.42
C LEU A 52 -0.76 -6.68 2.90
N ILE A 53 -1.73 -7.47 2.43
CA ILE A 53 -2.99 -6.90 1.92
C ILE A 53 -3.83 -6.37 3.06
N GLU A 54 -3.87 -7.07 4.18
CA GLU A 54 -4.67 -6.75 5.35
C GLU A 54 -4.17 -5.49 6.04
N ALA A 55 -2.86 -5.39 6.30
CA ALA A 55 -2.23 -4.17 6.82
C ALA A 55 -2.44 -2.95 5.90
N HIS A 56 -2.25 -3.13 4.59
CA HIS A 56 -2.54 -2.10 3.59
C HIS A 56 -4.01 -1.68 3.60
N LYS A 57 -4.90 -2.66 3.64
CA LYS A 57 -6.35 -2.48 3.78
C LYS A 57 -6.68 -1.66 5.01
N GLU A 58 -6.14 -1.95 6.21
CA GLU A 58 -6.42 -1.13 7.40
C GLU A 58 -5.98 0.33 7.21
N CYS A 59 -4.81 0.56 6.59
CA CYS A 59 -4.29 1.90 6.31
C CYS A 59 -5.29 2.73 5.48
N MET A 60 -5.76 2.19 4.35
CA MET A 60 -6.83 2.81 3.54
C MET A 60 -8.13 2.94 4.37
N ARG A 61 -8.57 1.93 5.11
CA ARG A 61 -9.79 1.92 5.89
C ARG A 61 -9.91 3.07 6.88
N ALA A 62 -8.79 3.55 7.43
CA ALA A 62 -8.73 4.79 8.22
C ALA A 62 -9.48 5.97 7.58
N LEU A 63 -9.45 6.04 6.24
CA LEU A 63 -10.01 7.17 5.49
C LEU A 63 -11.54 7.10 5.34
N GLY A 64 -12.17 6.12 6.02
CA GLY A 64 -13.59 5.77 5.91
C GLY A 64 -13.87 4.85 4.72
N PHE A 65 -12.86 4.11 4.27
CA PHE A 65 -12.74 3.54 2.92
C PHE A 65 -13.42 2.17 2.78
N LYS A 66 -13.84 1.80 1.55
CA LYS A 66 -14.64 0.61 1.23
C LYS A 66 -13.73 -0.56 0.85
N ILE A 67 -13.05 -1.15 1.84
CA ILE A 67 -11.74 -1.83 1.66
C ILE A 67 -11.59 -3.17 2.41
CU CU1 B . -5.59 3.91 -8.12
N GLY A 1 1.91 -22.38 -10.55
CA GLY A 1 1.61 -23.24 -9.39
C GLY A 1 0.19 -22.94 -8.99
N SER A 2 -0.03 -22.61 -7.73
CA SER A 2 -0.95 -21.49 -7.43
C SER A 2 -0.15 -20.20 -7.70
N PHE A 3 0.83 -19.88 -6.84
CA PHE A 3 1.95 -18.99 -7.15
C PHE A 3 2.58 -19.30 -8.53
N THR A 4 2.74 -18.26 -9.35
CA THR A 4 3.22 -18.36 -10.74
C THR A 4 3.92 -17.05 -11.11
N MET A 5 5.03 -17.12 -11.84
CA MET A 5 5.98 -16.00 -11.98
C MET A 5 6.16 -15.52 -13.44
N PRO A 6 5.09 -15.07 -14.13
CA PRO A 6 5.19 -14.53 -15.49
C PRO A 6 5.70 -13.07 -15.55
N GLY A 7 5.90 -12.41 -14.41
CA GLY A 7 6.27 -10.99 -14.28
C GLY A 7 7.58 -10.82 -13.52
N LEU A 8 8.70 -10.95 -14.22
CA LEU A 8 10.04 -11.01 -13.64
C LEU A 8 10.94 -9.86 -14.10
N VAL A 9 11.71 -9.34 -13.13
CA VAL A 9 12.82 -8.40 -13.30
C VAL A 9 12.37 -7.12 -14.00
N ASP A 10 11.91 -6.16 -13.20
CA ASP A 10 11.28 -4.90 -13.63
C ASP A 10 11.60 -3.77 -12.64
N SER A 11 11.43 -2.53 -13.09
CA SER A 11 11.62 -1.30 -12.30
C SER A 11 10.84 -0.17 -12.97
N ASN A 12 9.54 -0.40 -13.16
CA ASN A 12 8.67 0.36 -14.07
C ASN A 12 7.49 0.90 -13.21
N PRO A 13 7.67 2.06 -12.57
CA PRO A 13 6.76 2.57 -11.53
C PRO A 13 5.59 3.37 -12.11
N ALA A 14 4.71 3.82 -11.22
CA ALA A 14 3.69 4.81 -11.48
C ALA A 14 4.14 6.21 -11.00
N PRO A 15 3.56 7.29 -11.55
CA PRO A 15 3.75 8.65 -11.02
C PRO A 15 3.07 8.84 -9.66
N PRO A 16 3.44 9.89 -8.89
CA PRO A 16 2.69 10.35 -7.72
C PRO A 16 1.38 11.06 -8.12
N GLU A 17 0.62 11.50 -7.11
CA GLU A 17 -0.59 12.31 -7.29
C GLU A 17 -0.34 13.78 -6.92
N SER A 18 -1.21 14.68 -7.39
CA SER A 18 -0.95 16.12 -7.49
C SER A 18 -0.78 16.87 -6.15
N GLN A 19 -0.05 17.98 -6.22
CA GLN A 19 -0.17 19.13 -5.33
C GLN A 19 -1.48 19.92 -5.57
N GLU A 20 -2.63 19.28 -5.35
CA GLU A 20 -3.95 19.90 -5.44
C GLU A 20 -4.81 19.59 -4.20
N LYS A 21 -5.86 20.38 -3.97
CA LYS A 21 -6.76 20.24 -2.81
C LYS A 21 -7.85 19.16 -3.02
N LYS A 22 -7.47 18.02 -3.59
CA LYS A 22 -8.37 16.99 -4.16
C LYS A 22 -8.38 15.68 -3.35
N PRO A 23 -9.37 14.79 -3.56
CA PRO A 23 -9.49 13.57 -2.80
C PRO A 23 -8.65 12.43 -3.37
N LEU A 24 -8.34 11.50 -2.49
CA LEU A 24 -7.83 10.17 -2.82
C LEU A 24 -8.89 9.36 -3.62
N LYS A 25 -8.43 8.38 -4.41
CA LYS A 25 -9.19 7.38 -5.16
C LYS A 25 -8.76 5.98 -4.68
N PRO A 26 -9.70 5.09 -4.34
CA PRO A 26 -9.47 3.96 -3.44
C PRO A 26 -8.41 2.95 -3.92
N CYS A 27 -8.19 2.83 -5.22
CA CYS A 27 -7.18 2.00 -5.84
C CYS A 27 -5.73 2.46 -5.56
N CYS A 28 -5.55 3.73 -5.17
CA CYS A 28 -4.26 4.34 -4.87
C CYS A 28 -4.10 4.76 -3.40
N ALA A 29 -5.09 4.50 -2.56
CA ALA A 29 -5.01 4.91 -1.16
C ALA A 29 -3.87 4.19 -0.44
N CYS A 30 -3.29 4.83 0.57
CA CYS A 30 -2.13 4.30 1.28
C CYS A 30 -1.05 3.73 0.32
N PRO A 31 -0.48 4.58 -0.57
CA PRO A 31 0.26 4.14 -1.74
C PRO A 31 1.58 3.42 -1.40
N GLU A 32 1.96 3.46 -0.12
CA GLU A 32 3.18 2.88 0.44
C GLU A 32 2.96 1.45 0.92
N THR A 33 1.91 1.16 1.70
CA THR A 33 1.45 -0.23 1.90
C THR A 33 0.91 -0.84 0.60
N LYS A 34 0.37 -0.02 -0.32
CA LYS A 34 0.01 -0.46 -1.69
C LYS A 34 1.24 -1.02 -2.41
N LYS A 35 2.30 -0.22 -2.53
CA LYS A 35 3.56 -0.62 -3.13
C LYS A 35 4.20 -1.82 -2.42
N ALA A 36 4.10 -1.88 -1.10
CA ALA A 36 4.57 -3.03 -0.32
C ALA A 36 3.74 -4.31 -0.58
N ARG A 37 2.41 -4.20 -0.73
CA ARG A 37 1.52 -5.30 -1.15
C ARG A 37 1.95 -5.78 -2.55
N ASP A 38 2.04 -4.84 -3.48
CA ASP A 38 2.37 -5.06 -4.88
C ASP A 38 3.78 -5.66 -5.06
N ALA A 39 4.77 -5.24 -4.25
CA ALA A 39 6.09 -5.85 -4.20
C ALA A 39 6.07 -7.28 -3.62
N CYS A 40 5.24 -7.56 -2.62
CA CYS A 40 5.02 -8.90 -2.07
C CYS A 40 4.54 -9.89 -3.14
N ILE A 41 3.72 -9.39 -4.07
CA ILE A 41 3.20 -10.19 -5.18
C ILE A 41 4.32 -10.49 -6.19
N ILE A 42 5.26 -9.56 -6.40
CA ILE A 42 6.51 -9.81 -7.15
C ILE A 42 7.42 -10.84 -6.46
N GLU A 43 7.51 -10.86 -5.12
CA GLU A 43 8.30 -11.80 -4.36
C GLU A 43 7.80 -13.26 -4.48
N LYS A 44 6.48 -13.47 -4.33
CA LYS A 44 5.87 -14.79 -4.12
C LYS A 44 4.44 -14.95 -4.61
N GLY A 45 3.78 -13.88 -5.03
CA GLY A 45 2.37 -13.90 -5.39
C GLY A 45 1.48 -13.63 -4.18
N GLU A 46 0.25 -13.22 -4.45
CA GLU A 46 -0.63 -12.62 -3.46
C GLU A 46 -1.07 -13.60 -2.36
N GLU A 47 -1.14 -14.89 -2.68
CA GLU A 47 -1.39 -15.96 -1.72
C GLU A 47 -0.31 -16.07 -0.61
N HIS A 48 0.93 -15.63 -0.82
CA HIS A 48 1.99 -15.77 0.18
C HIS A 48 2.14 -14.46 0.99
N CYS A 49 1.12 -13.61 0.95
CA CYS A 49 1.23 -12.19 1.20
C CYS A 49 0.00 -11.53 1.87
N GLY A 50 -0.97 -12.25 2.44
CA GLY A 50 -2.17 -11.56 2.94
C GLY A 50 -2.01 -10.68 4.16
N HIS A 51 -1.05 -10.93 5.05
CA HIS A 51 -0.65 -9.91 6.02
C HIS A 51 -0.23 -8.56 5.38
N LEU A 52 0.23 -8.60 4.13
CA LEU A 52 0.53 -7.39 3.35
C LEU A 52 -0.74 -6.79 2.77
N ILE A 53 -1.68 -7.63 2.37
CA ILE A 53 -2.98 -7.17 1.84
C ILE A 53 -3.83 -6.58 2.96
N GLU A 54 -3.81 -7.17 4.15
CA GLU A 54 -4.58 -6.76 5.31
C GLU A 54 -4.08 -5.49 5.99
N ALA A 55 -2.79 -5.41 6.34
CA ALA A 55 -2.21 -4.18 6.88
C ALA A 55 -2.41 -2.97 5.93
N HIS A 56 -2.35 -3.24 4.62
CA HIS A 56 -2.66 -2.26 3.59
C HIS A 56 -4.15 -1.88 3.52
N LYS A 57 -5.02 -2.89 3.53
CA LYS A 57 -6.49 -2.73 3.65
C LYS A 57 -6.85 -1.77 4.77
N GLU A 58 -6.34 -2.03 5.97
CA GLU A 58 -6.59 -1.22 7.16
C GLU A 58 -6.02 0.20 7.02
N CYS A 59 -4.82 0.36 6.44
CA CYS A 59 -4.24 1.67 6.11
C CYS A 59 -5.20 2.53 5.25
N MET A 60 -5.73 1.99 4.15
CA MET A 60 -6.81 2.63 3.36
C MET A 60 -8.07 2.84 4.20
N ARG A 61 -8.55 1.85 4.97
CA ARG A 61 -9.79 1.94 5.72
C ARG A 61 -9.80 3.04 6.77
N ALA A 62 -8.62 3.42 7.28
CA ALA A 62 -8.42 4.63 8.10
C ALA A 62 -9.09 5.88 7.52
N LEU A 63 -9.16 5.99 6.18
CA LEU A 63 -9.67 7.18 5.50
C LEU A 63 -11.21 7.22 5.43
N GLY A 64 -11.85 6.30 6.16
CA GLY A 64 -13.30 6.00 6.08
C GLY A 64 -13.67 5.29 4.78
N PHE A 65 -12.70 4.58 4.19
CA PHE A 65 -12.70 4.12 2.80
C PHE A 65 -13.66 2.94 2.57
N LYS A 66 -14.26 2.86 1.37
CA LYS A 66 -15.28 1.86 1.01
C LYS A 66 -14.61 0.50 0.72
N ILE A 67 -14.27 -0.20 1.81
CA ILE A 67 -13.64 -1.52 1.89
C ILE A 67 -14.26 -2.28 3.08
CU CU1 B . -5.32 4.03 -8.69
N GLY A 1 12.97 -28.58 -16.45
CA GLY A 1 11.77 -27.90 -15.93
C GLY A 1 11.96 -26.40 -16.10
N SER A 2 11.47 -25.59 -15.18
CA SER A 2 11.86 -24.18 -15.06
C SER A 2 13.37 -24.01 -14.88
N PHE A 3 13.90 -22.84 -15.23
CA PHE A 3 15.30 -22.44 -15.01
C PHE A 3 15.42 -20.91 -14.93
N THR A 4 16.59 -20.40 -14.56
CA THR A 4 16.89 -18.97 -14.33
C THR A 4 16.12 -18.41 -13.12
N MET A 5 16.42 -17.17 -12.71
CA MET A 5 15.82 -16.49 -11.56
C MET A 5 15.40 -15.04 -11.90
N PRO A 6 14.51 -14.84 -12.91
CA PRO A 6 14.08 -13.50 -13.35
C PRO A 6 13.04 -12.83 -12.43
N GLY A 7 12.53 -13.52 -11.40
CA GLY A 7 11.47 -13.02 -10.51
C GLY A 7 11.95 -12.02 -9.46
N LEU A 8 12.81 -11.08 -9.84
CA LEU A 8 13.50 -10.15 -8.97
C LEU A 8 13.20 -8.71 -9.43
N VAL A 9 12.92 -7.85 -8.44
CA VAL A 9 13.04 -6.38 -8.52
C VAL A 9 12.56 -5.77 -9.85
N ASP A 10 11.24 -5.70 -9.97
CA ASP A 10 10.50 -5.07 -11.07
C ASP A 10 10.95 -3.63 -11.41
N SER A 11 10.77 -3.29 -12.68
CA SER A 11 10.65 -1.98 -13.33
C SER A 11 9.61 -1.03 -12.69
N ASN A 12 9.70 -0.79 -11.38
CA ASN A 12 8.62 -0.30 -10.53
C ASN A 12 9.08 0.93 -9.73
N PRO A 13 9.25 2.09 -10.39
CA PRO A 13 9.80 3.30 -9.82
C PRO A 13 8.80 4.05 -8.91
N ALA A 14 9.08 5.33 -8.70
CA ALA A 14 8.19 6.34 -8.15
C ALA A 14 8.34 7.66 -8.94
N PRO A 15 7.35 8.57 -8.88
CA PRO A 15 7.52 9.94 -9.36
C PRO A 15 8.50 10.74 -8.48
N PRO A 16 9.00 11.90 -8.96
CA PRO A 16 9.59 12.92 -8.10
C PRO A 16 8.53 13.59 -7.21
N GLU A 17 8.96 14.58 -6.43
CA GLU A 17 8.08 15.51 -5.76
C GLU A 17 7.16 16.28 -6.72
N SER A 18 5.97 16.56 -6.23
CA SER A 18 4.83 17.25 -6.88
C SER A 18 3.66 17.32 -5.90
N GLN A 19 2.65 18.14 -6.18
CA GLN A 19 1.48 18.23 -5.30
C GLN A 19 0.22 18.69 -6.06
N GLU A 20 -0.94 18.14 -5.70
CA GLU A 20 -2.24 18.73 -5.95
C GLU A 20 -3.14 18.56 -4.71
N LYS A 21 -4.05 19.51 -4.51
CA LYS A 21 -5.01 19.56 -3.40
C LYS A 21 -6.23 18.62 -3.61
N LYS A 22 -6.02 17.53 -4.35
CA LYS A 22 -7.01 16.56 -4.83
C LYS A 22 -7.63 15.68 -3.73
N PRO A 23 -8.71 14.94 -4.05
CA PRO A 23 -9.16 13.81 -3.22
C PRO A 23 -8.37 12.54 -3.54
N LEU A 24 -8.46 11.58 -2.63
CA LEU A 24 -8.01 10.21 -2.86
C LEU A 24 -9.02 9.43 -3.73
N LYS A 25 -8.59 8.31 -4.31
CA LYS A 25 -9.29 7.34 -5.15
C LYS A 25 -8.81 5.96 -4.68
N PRO A 26 -9.70 5.02 -4.39
CA PRO A 26 -9.46 3.92 -3.44
C PRO A 26 -8.25 3.03 -3.80
N CYS A 27 -8.05 2.71 -5.08
CA CYS A 27 -6.95 1.92 -5.59
C CYS A 27 -5.54 2.53 -5.31
N CYS A 28 -5.47 3.86 -5.16
CA CYS A 28 -4.27 4.62 -4.88
C CYS A 28 -4.06 4.93 -3.38
N ALA A 29 -5.03 4.61 -2.51
CA ALA A 29 -4.96 4.95 -1.09
C ALA A 29 -3.82 4.18 -0.41
N CYS A 30 -3.19 4.78 0.60
CA CYS A 30 -1.97 4.24 1.22
C CYS A 30 -0.94 3.71 0.20
N PRO A 31 -0.45 4.56 -0.73
CA PRO A 31 0.36 4.11 -1.86
C PRO A 31 1.69 3.49 -1.40
N GLU A 32 2.20 3.97 -0.26
CA GLU A 32 3.22 3.32 0.58
C GLU A 32 3.06 1.80 0.74
N THR A 33 2.02 1.37 1.46
CA THR A 33 1.72 -0.04 1.73
C THR A 33 1.16 -0.75 0.51
N LYS A 34 0.56 -0.02 -0.46
CA LYS A 34 0.23 -0.55 -1.80
C LYS A 34 1.47 -1.06 -2.52
N LYS A 35 2.54 -0.26 -2.56
CA LYS A 35 3.82 -0.63 -3.17
C LYS A 35 4.45 -1.80 -2.45
N ALA A 36 4.41 -1.78 -1.12
CA ALA A 36 4.88 -2.90 -0.28
C ALA A 36 4.10 -4.20 -0.52
N ARG A 37 2.77 -4.11 -0.66
CA ARG A 37 1.87 -5.22 -1.01
C ARG A 37 2.26 -5.81 -2.37
N ASP A 38 2.36 -4.95 -3.37
CA ASP A 38 2.72 -5.34 -4.74
C ASP A 38 4.16 -5.88 -4.84
N ALA A 39 5.10 -5.41 -4.02
CA ALA A 39 6.44 -5.99 -3.89
C ALA A 39 6.44 -7.41 -3.30
N CYS A 40 5.55 -7.69 -2.34
CA CYS A 40 5.27 -9.05 -1.86
C CYS A 40 4.77 -9.95 -3.00
N ILE A 41 3.87 -9.43 -3.82
CA ILE A 41 3.27 -10.16 -4.94
C ILE A 41 4.30 -10.42 -6.05
N ILE A 42 5.26 -9.51 -6.24
CA ILE A 42 6.46 -9.75 -7.07
C ILE A 42 7.31 -10.92 -6.55
N GLU A 43 7.47 -11.05 -5.23
CA GLU A 43 8.21 -12.16 -4.60
C GLU A 43 7.49 -13.53 -4.70
N LYS A 44 6.18 -13.58 -4.45
CA LYS A 44 5.42 -14.83 -4.20
C LYS A 44 4.03 -14.93 -4.81
N GLY A 45 3.47 -13.84 -5.34
CA GLY A 45 2.04 -13.76 -5.67
C GLY A 45 1.16 -13.46 -4.45
N GLU A 46 -0.13 -13.29 -4.70
CA GLU A 46 -1.01 -12.54 -3.79
C GLU A 46 -1.57 -13.34 -2.61
N GLU A 47 -1.78 -14.64 -2.79
CA GLU A 47 -2.19 -15.56 -1.72
C GLU A 47 -1.16 -15.68 -0.57
N HIS A 48 0.15 -15.57 -0.86
CA HIS A 48 1.23 -15.68 0.12
C HIS A 48 1.52 -14.36 0.85
N CYS A 49 0.64 -13.37 0.71
CA CYS A 49 0.87 -11.98 1.03
C CYS A 49 -0.30 -11.28 1.74
N GLY A 50 -1.30 -11.99 2.26
CA GLY A 50 -2.44 -11.34 2.89
C GLY A 50 -2.14 -10.50 4.11
N HIS A 51 -1.17 -10.84 4.95
CA HIS A 51 -0.70 -9.91 5.99
C HIS A 51 -0.23 -8.56 5.43
N LEU A 52 0.29 -8.54 4.20
CA LEU A 52 0.65 -7.34 3.47
C LEU A 52 -0.57 -6.67 2.87
N ILE A 53 -1.57 -7.46 2.47
CA ILE A 53 -2.82 -6.91 1.93
C ILE A 53 -3.63 -6.29 3.04
N GLU A 54 -3.64 -6.91 4.23
CA GLU A 54 -4.34 -6.47 5.39
C GLU A 54 -3.74 -5.23 6.06
N ALA A 55 -2.45 -5.24 6.38
CA ALA A 55 -1.77 -4.06 6.93
C ALA A 55 -1.93 -2.82 6.03
N HIS A 56 -2.02 -3.04 4.72
CA HIS A 56 -2.37 -2.05 3.71
C HIS A 56 -3.85 -1.67 3.70
N LYS A 57 -4.74 -2.66 3.64
CA LYS A 57 -6.21 -2.50 3.70
C LYS A 57 -6.61 -1.60 4.85
N GLU A 58 -6.16 -1.91 6.07
CA GLU A 58 -6.51 -1.15 7.28
C GLU A 58 -6.03 0.30 7.20
N CYS A 59 -4.84 0.51 6.66
CA CYS A 59 -4.32 1.85 6.30
C CYS A 59 -5.28 2.65 5.39
N MET A 60 -5.81 2.07 4.31
CA MET A 60 -6.86 2.65 3.44
C MET A 60 -8.16 2.87 4.24
N ARG A 61 -8.68 1.85 4.91
CA ARG A 61 -9.92 1.82 5.67
C ARG A 61 -10.07 2.93 6.71
N ALA A 62 -8.97 3.35 7.32
CA ALA A 62 -8.89 4.58 8.16
C ALA A 62 -9.60 5.79 7.54
N LEU A 63 -9.57 5.92 6.20
CA LEU A 63 -10.07 7.07 5.47
C LEU A 63 -11.61 7.04 5.26
N GLY A 64 -12.27 6.06 5.87
CA GLY A 64 -13.68 5.70 5.65
C GLY A 64 -13.88 4.79 4.43
N PHE A 65 -12.80 4.18 3.94
CA PHE A 65 -12.70 3.46 2.67
C PHE A 65 -13.37 2.08 2.72
N LYS A 66 -14.01 1.68 1.62
CA LYS A 66 -14.72 0.40 1.47
C LYS A 66 -13.76 -0.62 0.86
N ILE A 67 -12.97 -1.21 1.75
CA ILE A 67 -11.75 -2.02 1.60
C ILE A 67 -11.76 -3.11 2.71
CU CU1 B . -5.22 3.87 -8.09
N GLY A 1 28.46 -18.64 2.98
CA GLY A 1 27.88 -17.28 2.98
C GLY A 1 26.64 -17.27 3.86
N SER A 2 25.89 -16.16 3.86
CA SER A 2 24.66 -16.01 4.66
C SER A 2 23.71 -14.97 4.06
N PHE A 3 24.27 -13.84 3.59
CA PHE A 3 23.54 -12.73 2.97
C PHE A 3 24.23 -12.34 1.64
N THR A 4 23.62 -11.46 0.85
CA THR A 4 24.24 -10.93 -0.39
C THR A 4 23.75 -9.54 -0.79
N MET A 5 22.43 -9.29 -0.78
CA MET A 5 21.77 -8.06 -1.28
C MET A 5 22.47 -7.41 -2.50
N PRO A 6 22.45 -8.04 -3.68
CA PRO A 6 23.03 -7.45 -4.89
C PRO A 6 22.08 -6.42 -5.55
N GLY A 7 21.43 -5.57 -4.75
CA GLY A 7 20.55 -4.49 -5.23
C GLY A 7 20.89 -3.14 -4.58
N LEU A 8 20.69 -3.02 -3.26
CA LEU A 8 21.08 -1.86 -2.46
C LEU A 8 20.42 -0.57 -2.97
N VAL A 9 21.20 0.50 -2.84
CA VAL A 9 21.03 1.83 -3.47
C VAL A 9 19.87 2.69 -2.97
N ASP A 10 18.96 2.07 -2.23
CA ASP A 10 17.98 2.56 -1.24
C ASP A 10 17.49 4.01 -1.43
N SER A 11 17.13 4.39 -2.67
CA SER A 11 16.87 5.78 -3.06
C SER A 11 16.05 5.87 -4.37
N ASN A 12 16.23 6.97 -5.11
CA ASN A 12 15.45 7.37 -6.30
C ASN A 12 13.97 7.65 -5.96
N PRO A 13 13.71 8.68 -5.13
CA PRO A 13 12.36 9.11 -4.77
C PRO A 13 11.66 9.83 -5.94
N ALA A 14 10.42 10.26 -5.70
CA ALA A 14 9.53 10.90 -6.67
C ALA A 14 8.65 11.99 -6.01
N PRO A 15 8.06 12.91 -6.78
CA PRO A 15 7.04 13.84 -6.27
C PRO A 15 5.72 13.12 -5.91
N PRO A 16 4.91 13.68 -4.98
CA PRO A 16 3.59 13.15 -4.63
C PRO A 16 2.47 13.57 -5.60
N GLU A 17 1.24 13.13 -5.30
CA GLU A 17 0.01 13.81 -5.75
C GLU A 17 -0.24 15.10 -4.91
N SER A 18 -1.38 15.76 -5.07
CA SER A 18 -1.77 16.95 -4.28
C SER A 18 -1.67 16.80 -2.76
N GLN A 19 -1.60 17.94 -2.07
CA GLN A 19 -1.78 18.03 -0.61
C GLN A 19 -2.85 19.06 -0.19
N GLU A 20 -3.43 19.79 -1.15
CA GLU A 20 -4.69 20.51 -0.97
C GLU A 20 -5.85 19.57 -0.60
N LYS A 21 -7.07 20.12 -0.43
CA LYS A 21 -8.30 19.36 -0.25
C LYS A 21 -8.82 18.71 -1.54
N LYS A 22 -7.94 17.97 -2.20
CA LYS A 22 -8.27 16.93 -3.20
C LYS A 22 -9.04 15.76 -2.56
N PRO A 23 -9.66 14.87 -3.36
CA PRO A 23 -10.05 13.53 -2.92
C PRO A 23 -8.85 12.58 -2.95
N LEU A 24 -9.13 11.31 -2.67
CA LEU A 24 -8.18 10.21 -2.86
C LEU A 24 -8.78 9.08 -3.69
N LYS A 25 -7.91 8.30 -4.31
CA LYS A 25 -8.27 7.13 -5.11
C LYS A 25 -8.24 5.89 -4.22
N PRO A 26 -9.16 4.92 -4.39
CA PRO A 26 -9.27 3.75 -3.53
C PRO A 26 -8.13 2.74 -3.72
N CYS A 27 -7.32 2.94 -4.76
CA CYS A 27 -6.19 2.15 -5.16
C CYS A 27 -4.86 2.83 -4.72
N CYS A 28 -4.78 4.15 -4.85
CA CYS A 28 -3.57 4.93 -4.62
C CYS A 28 -3.46 5.61 -3.23
N ALA A 29 -4.51 5.64 -2.43
CA ALA A 29 -4.36 5.92 -1.00
C ALA A 29 -3.37 4.92 -0.37
N CYS A 30 -2.64 5.35 0.67
CA CYS A 30 -1.63 4.51 1.34
C CYS A 30 -0.60 3.89 0.36
N PRO A 31 0.09 4.71 -0.48
CA PRO A 31 0.79 4.22 -1.66
C PRO A 31 2.08 3.47 -1.32
N GLU A 32 2.47 3.44 -0.05
CA GLU A 32 3.69 2.81 0.44
C GLU A 32 3.44 1.44 1.07
N THR A 33 2.37 1.25 1.85
CA THR A 33 1.83 -0.11 2.07
C THR A 33 1.39 -0.72 0.74
N LYS A 34 0.86 0.07 -0.22
CA LYS A 34 0.62 -0.35 -1.60
C LYS A 34 1.91 -0.83 -2.30
N LYS A 35 2.95 -0.01 -2.32
CA LYS A 35 4.27 -0.35 -2.88
C LYS A 35 4.78 -1.69 -2.34
N ALA A 36 4.74 -1.80 -1.02
CA ALA A 36 5.12 -2.99 -0.28
C ALA A 36 4.19 -4.20 -0.54
N ARG A 37 2.88 -3.97 -0.69
CA ARG A 37 1.88 -4.97 -1.08
C ARG A 37 2.28 -5.58 -2.43
N ASP A 38 2.44 -4.69 -3.41
CA ASP A 38 2.68 -5.02 -4.80
C ASP A 38 4.05 -5.71 -4.98
N ALA A 39 5.08 -5.31 -4.23
CA ALA A 39 6.36 -6.04 -4.18
C ALA A 39 6.23 -7.46 -3.60
N CYS A 40 5.47 -7.65 -2.51
CA CYS A 40 5.15 -8.97 -1.96
C CYS A 40 4.43 -9.86 -2.99
N ILE A 41 3.60 -9.25 -3.85
CA ILE A 41 2.89 -9.95 -4.92
C ILE A 41 3.83 -10.28 -6.09
N ILE A 42 4.81 -9.42 -6.41
CA ILE A 42 5.90 -9.72 -7.34
C ILE A 42 6.78 -10.88 -6.85
N GLU A 43 6.97 -11.03 -5.53
CA GLU A 43 7.73 -12.11 -4.93
C GLU A 43 7.01 -13.49 -5.00
N LYS A 44 5.69 -13.59 -4.76
CA LYS A 44 4.92 -14.84 -4.60
C LYS A 44 3.44 -14.83 -5.02
N GLY A 45 2.85 -13.67 -5.28
CA GLY A 45 1.39 -13.48 -5.31
C GLY A 45 0.81 -13.18 -3.93
N GLU A 46 -0.40 -12.60 -3.86
CA GLU A 46 -0.92 -12.01 -2.64
C GLU A 46 -1.35 -13.04 -1.59
N GLU A 47 -1.88 -14.18 -2.05
CA GLU A 47 -2.27 -15.29 -1.18
C GLU A 47 -1.13 -15.75 -0.24
N HIS A 48 0.12 -15.73 -0.73
CA HIS A 48 1.33 -16.08 0.02
C HIS A 48 1.93 -14.90 0.80
N CYS A 49 1.18 -13.79 0.91
CA CYS A 49 1.63 -12.51 1.42
C CYS A 49 0.55 -11.74 2.20
N GLY A 50 -0.65 -12.29 2.44
CA GLY A 50 -1.83 -11.47 2.77
C GLY A 50 -1.79 -10.61 4.02
N HIS A 51 -0.86 -10.79 4.96
CA HIS A 51 -0.57 -9.79 5.99
C HIS A 51 -0.25 -8.40 5.42
N LEU A 52 0.45 -8.36 4.28
CA LEU A 52 0.72 -7.15 3.50
C LEU A 52 -0.57 -6.56 2.96
N ILE A 53 -1.48 -7.41 2.46
CA ILE A 53 -2.73 -6.92 1.88
C ILE A 53 -3.65 -6.44 2.98
N GLU A 54 -3.67 -7.13 4.11
CA GLU A 54 -4.50 -6.79 5.25
C GLU A 54 -4.11 -5.44 5.87
N ALA A 55 -2.84 -5.26 6.21
CA ALA A 55 -2.31 -4.01 6.78
C ALA A 55 -2.52 -2.81 5.84
N HIS A 56 -2.32 -3.01 4.54
CA HIS A 56 -2.58 -2.00 3.51
C HIS A 56 -4.07 -1.65 3.39
N LYS A 57 -4.92 -2.68 3.33
CA LYS A 57 -6.38 -2.52 3.40
C LYS A 57 -6.80 -1.73 4.62
N GLU A 58 -6.26 -2.03 5.80
CA GLU A 58 -6.55 -1.31 7.04
C GLU A 58 -6.05 0.14 7.03
N CYS A 59 -4.90 0.43 6.41
CA CYS A 59 -4.44 1.79 6.12
C CYS A 59 -5.46 2.57 5.27
N MET A 60 -5.90 2.03 4.14
CA MET A 60 -6.98 2.58 3.30
C MET A 60 -8.28 2.75 4.09
N ARG A 61 -8.73 1.74 4.82
CA ARG A 61 -9.98 1.71 5.55
C ARG A 61 -10.13 2.84 6.58
N ALA A 62 -9.03 3.32 7.16
CA ALA A 62 -8.98 4.56 7.95
C ALA A 62 -9.70 5.73 7.28
N LEU A 63 -9.71 5.77 5.94
CA LEU A 63 -10.24 6.88 5.17
C LEU A 63 -11.76 6.79 4.95
N GLY A 64 -12.41 5.79 5.57
CA GLY A 64 -13.78 5.40 5.30
C GLY A 64 -13.92 4.54 4.03
N PHE A 65 -12.82 3.94 3.59
CA PHE A 65 -12.72 3.03 2.42
C PHE A 65 -13.32 1.66 2.76
N LYS A 66 -14.02 1.06 1.78
CA LYS A 66 -14.82 -0.17 1.96
C LYS A 66 -14.02 -1.38 1.44
N ILE A 67 -13.05 -1.83 2.25
CA ILE A 67 -12.06 -2.85 1.88
C ILE A 67 -11.84 -3.86 3.02
CU CU1 B . -4.56 4.23 -8.41
N GLY A 1 0.27 9.33 36.20
CA GLY A 1 1.14 9.68 35.06
C GLY A 1 1.32 8.45 34.19
N SER A 2 1.67 8.64 32.92
CA SER A 2 1.74 7.57 31.92
C SER A 2 2.95 7.80 31.02
N PHE A 3 3.68 6.76 30.68
CA PHE A 3 5.08 6.86 30.22
C PHE A 3 5.37 5.83 29.10
N THR A 4 4.40 5.58 28.24
CA THR A 4 4.39 4.45 27.29
C THR A 4 3.85 4.89 25.93
N MET A 5 4.41 4.35 24.85
CA MET A 5 4.02 4.66 23.47
C MET A 5 3.73 3.36 22.68
N PRO A 6 2.63 2.64 22.99
CA PRO A 6 2.34 1.31 22.43
C PRO A 6 2.01 1.27 20.94
N GLY A 7 2.05 2.39 20.22
CA GLY A 7 1.96 2.47 18.76
C GLY A 7 2.53 3.79 18.25
N LEU A 8 3.30 3.74 17.16
CA LEU A 8 4.05 4.87 16.59
C LEU A 8 4.57 4.52 15.19
N VAL A 9 5.13 5.50 14.48
CA VAL A 9 5.73 5.36 13.15
C VAL A 9 6.87 6.38 12.99
N ASP A 10 7.84 6.11 12.10
CA ASP A 10 8.89 7.07 11.75
C ASP A 10 8.29 8.34 11.09
N SER A 11 8.81 9.51 11.47
CA SER A 11 8.34 10.81 10.94
C SER A 11 8.99 11.15 9.60
N ASN A 12 8.19 11.64 8.65
CA ASN A 12 8.60 11.90 7.26
C ASN A 12 8.02 13.25 6.76
N PRO A 13 8.53 14.40 7.26
CA PRO A 13 8.00 15.71 6.90
C PRO A 13 8.42 16.10 5.47
N ALA A 14 7.44 16.49 4.68
CA ALA A 14 7.56 16.86 3.26
C ALA A 14 6.52 17.94 2.87
N PRO A 15 6.72 18.65 1.75
CA PRO A 15 5.69 19.52 1.18
C PRO A 15 4.54 18.72 0.53
N PRO A 16 3.31 19.26 0.49
CA PRO A 16 2.23 18.75 -0.37
C PRO A 16 2.41 19.17 -1.83
N GLU A 17 1.48 18.73 -2.67
CA GLU A 17 1.32 19.16 -4.06
C GLU A 17 0.37 20.35 -4.20
N SER A 18 -0.77 20.24 -3.51
CA SER A 18 -1.90 21.19 -3.47
C SER A 18 -2.94 20.87 -2.39
N GLN A 19 -3.05 19.61 -1.93
CA GLN A 19 -4.03 19.08 -0.96
C GLN A 19 -5.43 19.70 -1.11
N GLU A 20 -5.92 19.69 -2.35
CA GLU A 20 -7.09 20.45 -2.80
C GLU A 20 -8.41 19.66 -2.65
N LYS A 21 -9.50 20.19 -3.20
CA LYS A 21 -10.86 19.64 -3.18
C LYS A 21 -11.02 18.40 -4.08
N LYS A 22 -10.16 17.39 -3.94
CA LYS A 22 -9.96 16.30 -4.92
C LYS A 22 -10.67 15.00 -4.51
N PRO A 23 -11.07 14.14 -5.46
CA PRO A 23 -11.46 12.76 -5.17
C PRO A 23 -10.24 11.89 -4.87
N LEU A 24 -10.48 10.63 -4.53
CA LEU A 24 -9.44 9.64 -4.31
C LEU A 24 -9.73 8.28 -4.96
N LYS A 25 -8.68 7.47 -5.04
CA LYS A 25 -8.67 6.07 -5.49
C LYS A 25 -8.07 5.27 -4.33
N PRO A 26 -8.62 4.10 -3.97
CA PRO A 26 -8.17 3.39 -2.77
C PRO A 26 -6.70 2.94 -2.91
N CYS A 27 -6.33 2.43 -4.08
CA CYS A 27 -4.99 2.02 -4.45
C CYS A 27 -3.95 3.17 -4.36
N CYS A 28 -4.37 4.39 -4.70
CA CYS A 28 -3.52 5.57 -4.62
C CYS A 28 -3.62 6.31 -3.27
N ALA A 29 -4.57 5.97 -2.39
CA ALA A 29 -4.80 6.66 -1.12
C ALA A 29 -3.85 6.26 0.02
N CYS A 30 -3.45 4.99 -0.05
CA CYS A 30 -2.38 4.34 0.71
C CYS A 30 -1.36 3.68 -0.25
N PRO A 31 -0.68 4.47 -1.11
CA PRO A 31 0.15 3.92 -2.18
C PRO A 31 1.43 3.26 -1.66
N GLU A 32 1.83 3.56 -0.43
CA GLU A 32 3.07 3.08 0.20
C GLU A 32 2.91 1.66 0.78
N THR A 33 1.78 1.34 1.41
CA THR A 33 1.39 -0.05 1.65
C THR A 33 1.00 -0.76 0.35
N LYS A 34 0.44 -0.06 -0.66
CA LYS A 34 0.24 -0.63 -2.01
C LYS A 34 1.54 -1.11 -2.66
N LYS A 35 2.59 -0.29 -2.57
CA LYS A 35 3.98 -0.58 -2.95
C LYS A 35 4.48 -1.87 -2.30
N ALA A 36 4.33 -1.97 -0.98
CA ALA A 36 4.72 -3.14 -0.20
C ALA A 36 3.87 -4.38 -0.50
N ARG A 37 2.56 -4.20 -0.71
CA ARG A 37 1.61 -5.27 -1.11
C ARG A 37 2.08 -5.89 -2.42
N ASP A 38 2.33 -5.04 -3.40
CA ASP A 38 2.75 -5.44 -4.75
C ASP A 38 4.21 -5.93 -4.80
N ALA A 39 5.11 -5.43 -3.94
CA ALA A 39 6.43 -6.04 -3.76
C ALA A 39 6.33 -7.47 -3.21
N CYS A 40 5.40 -7.74 -2.28
CA CYS A 40 5.09 -9.10 -1.80
C CYS A 40 4.62 -10.03 -2.93
N ILE A 41 3.93 -9.46 -3.90
CA ILE A 41 3.44 -10.15 -5.09
C ILE A 41 4.57 -10.40 -6.11
N ILE A 42 5.54 -9.50 -6.21
CA ILE A 42 6.81 -9.71 -6.94
C ILE A 42 7.68 -10.79 -6.27
N GLU A 43 7.66 -10.91 -4.93
CA GLU A 43 8.36 -11.96 -4.20
C GLU A 43 7.71 -13.35 -4.35
N LYS A 44 6.38 -13.43 -4.38
CA LYS A 44 5.59 -14.68 -4.45
C LYS A 44 4.36 -14.58 -5.36
N GLY A 45 3.47 -13.66 -5.01
CA GLY A 45 2.05 -13.64 -5.37
C GLY A 45 1.21 -13.23 -4.16
N GLU A 46 -0.03 -12.77 -4.34
CA GLU A 46 -0.80 -12.14 -3.25
C GLU A 46 -1.29 -13.16 -2.22
N GLU A 47 -1.53 -14.38 -2.67
CA GLU A 47 -2.00 -15.47 -1.83
C GLU A 47 -1.02 -15.77 -0.66
N HIS A 48 0.29 -15.61 -0.88
CA HIS A 48 1.34 -15.80 0.11
C HIS A 48 1.55 -14.57 1.02
N CYS A 49 0.71 -13.55 0.86
CA CYS A 49 0.98 -12.18 1.18
C CYS A 49 -0.26 -11.44 1.70
N GLY A 50 -1.29 -12.16 2.19
CA GLY A 50 -2.47 -11.50 2.76
C GLY A 50 -2.26 -10.81 4.09
N HIS A 51 -1.18 -11.07 4.83
CA HIS A 51 -0.72 -10.15 5.88
C HIS A 51 -0.35 -8.77 5.33
N LEU A 52 0.13 -8.71 4.09
CA LEU A 52 0.42 -7.46 3.37
C LEU A 52 -0.85 -6.84 2.80
N ILE A 53 -1.80 -7.67 2.35
CA ILE A 53 -3.10 -7.13 1.93
C ILE A 53 -3.83 -6.55 3.14
N GLU A 54 -3.82 -7.24 4.28
CA GLU A 54 -4.45 -6.77 5.50
C GLU A 54 -3.85 -5.44 5.98
N ALA A 55 -2.52 -5.36 6.17
CA ALA A 55 -1.86 -4.12 6.62
C ALA A 55 -2.19 -2.90 5.72
N HIS A 56 -2.23 -3.13 4.41
CA HIS A 56 -2.64 -2.14 3.41
C HIS A 56 -4.13 -1.78 3.45
N LYS A 57 -4.97 -2.79 3.63
CA LYS A 57 -6.42 -2.66 3.80
C LYS A 57 -6.77 -1.74 4.95
N GLU A 58 -6.22 -2.02 6.14
CA GLU A 58 -6.43 -1.18 7.33
C GLU A 58 -5.91 0.24 7.13
N CYS A 59 -4.75 0.38 6.46
CA CYS A 59 -4.25 1.70 6.02
C CYS A 59 -5.33 2.49 5.29
N MET A 60 -5.89 1.98 4.18
CA MET A 60 -7.01 2.61 3.45
C MET A 60 -8.22 2.82 4.35
N ARG A 61 -8.68 1.81 5.09
CA ARG A 61 -9.88 1.85 5.90
C ARG A 61 -9.92 2.99 6.91
N ALA A 62 -8.76 3.40 7.45
CA ALA A 62 -8.59 4.66 8.20
C ALA A 62 -9.27 5.88 7.56
N LEU A 63 -9.14 5.99 6.24
CA LEU A 63 -9.59 7.14 5.44
C LEU A 63 -11.10 7.09 5.18
N GLY A 64 -11.83 6.17 5.83
CA GLY A 64 -13.24 5.91 5.58
C GLY A 64 -13.49 4.98 4.39
N PHE A 65 -12.49 4.24 3.91
CA PHE A 65 -12.57 3.34 2.75
C PHE A 65 -13.52 2.15 3.00
N LYS A 66 -13.93 1.43 1.95
CA LYS A 66 -14.86 0.30 2.02
C LYS A 66 -14.23 -0.93 1.37
N ILE A 67 -13.68 -1.76 2.24
CA ILE A 67 -12.81 -2.91 2.02
C ILE A 67 -12.90 -3.82 3.26
CU CU1 B . -3.81 3.66 -7.61
N GLY A 1 26.62 -2.40 17.95
CA GLY A 1 27.92 -1.73 18.00
C GLY A 1 27.99 -0.88 16.77
N SER A 2 28.81 -1.26 15.79
CA SER A 2 28.41 -1.15 14.38
C SER A 2 27.01 -1.75 14.15
N PHE A 3 26.34 -1.32 13.09
CA PHE A 3 25.01 -1.76 12.67
C PHE A 3 24.80 -1.44 11.17
N THR A 4 23.62 -1.73 10.62
CA THR A 4 23.25 -1.34 9.24
C THR A 4 21.82 -0.81 9.26
N MET A 5 21.51 0.14 8.37
CA MET A 5 20.20 0.82 8.33
C MET A 5 19.69 1.08 6.89
N PRO A 6 19.50 0.04 6.06
CA PRO A 6 19.20 0.17 4.62
C PRO A 6 17.80 0.70 4.27
N GLY A 7 16.98 1.14 5.24
CA GLY A 7 15.59 1.56 5.02
C GLY A 7 15.43 3.01 4.53
N LEU A 8 16.28 3.46 3.61
CA LEU A 8 16.43 4.85 3.19
C LEU A 8 16.05 5.07 1.71
N VAL A 9 15.68 6.31 1.39
CA VAL A 9 15.34 6.83 0.06
C VAL A 9 15.50 8.35 0.06
N ASP A 10 15.48 8.98 -1.12
CA ASP A 10 15.31 10.43 -1.29
C ASP A 10 14.34 10.70 -2.45
N SER A 11 13.64 11.83 -2.38
CA SER A 11 12.70 12.34 -3.38
C SER A 11 11.58 11.34 -3.76
N ASN A 12 10.84 11.65 -4.83
CA ASN A 12 9.89 10.75 -5.49
C ASN A 12 9.77 11.11 -6.98
N PRO A 13 10.81 10.84 -7.79
CA PRO A 13 10.83 11.14 -9.22
C PRO A 13 9.87 10.24 -10.00
N ALA A 14 8.73 10.82 -10.34
CA ALA A 14 7.61 10.16 -11.02
C ALA A 14 6.77 11.16 -11.84
N PRO A 15 5.98 10.69 -12.83
CA PRO A 15 4.87 11.46 -13.39
C PRO A 15 3.69 11.55 -12.39
N PRO A 16 2.74 12.47 -12.60
CA PRO A 16 1.44 12.45 -11.91
C PRO A 16 0.50 11.39 -12.49
N GLU A 17 -0.66 11.28 -11.87
CA GLU A 17 -1.75 10.36 -12.20
C GLU A 17 -3.12 11.05 -12.13
N SER A 18 -4.12 10.40 -12.71
CA SER A 18 -5.54 10.69 -12.58
C SER A 18 -6.01 10.78 -11.13
N GLN A 19 -7.04 11.59 -10.88
CA GLN A 19 -7.72 11.68 -9.58
C GLN A 19 -9.24 11.69 -9.77
N GLU A 20 -9.95 11.09 -8.82
CA GLU A 20 -11.41 11.20 -8.72
C GLU A 20 -11.83 12.62 -8.24
N LYS A 21 -13.07 12.78 -7.80
CA LYS A 21 -13.67 14.01 -7.29
C LYS A 21 -13.91 13.86 -5.78
N LYS A 22 -12.87 13.34 -5.09
CA LYS A 22 -12.92 12.82 -3.72
C LYS A 22 -11.63 13.06 -2.93
N PRO A 23 -11.67 12.84 -1.60
CA PRO A 23 -10.46 12.59 -0.83
C PRO A 23 -9.84 11.28 -1.34
N LEU A 24 -8.70 11.43 -2.02
CA LEU A 24 -8.01 10.36 -2.75
C LEU A 24 -8.93 9.67 -3.79
N LYS A 25 -8.50 8.48 -4.20
CA LYS A 25 -9.13 7.42 -4.99
C LYS A 25 -8.80 6.09 -4.28
N PRO A 26 -9.66 5.08 -4.35
CA PRO A 26 -9.60 3.89 -3.50
C PRO A 26 -8.44 2.93 -3.80
N CYS A 27 -7.78 3.08 -4.94
CA CYS A 27 -6.73 2.22 -5.45
C CYS A 27 -5.32 2.76 -5.13
N CYS A 28 -5.19 4.09 -5.10
CA CYS A 28 -3.96 4.80 -4.76
C CYS A 28 -3.79 5.07 -3.25
N ALA A 29 -4.87 4.94 -2.48
CA ALA A 29 -4.85 5.23 -1.05
C ALA A 29 -3.77 4.42 -0.32
N CYS A 30 -3.11 5.02 0.68
CA CYS A 30 -1.98 4.41 1.36
C CYS A 30 -0.94 3.81 0.38
N PRO A 31 -0.33 4.63 -0.49
CA PRO A 31 0.41 4.15 -1.65
C PRO A 31 1.68 3.40 -1.23
N GLU A 32 2.14 3.62 0.00
CA GLU A 32 3.33 3.02 0.58
C GLU A 32 3.12 1.55 0.98
N THR A 33 2.03 1.25 1.70
CA THR A 33 1.59 -0.14 1.89
C THR A 33 1.05 -0.75 0.59
N LYS A 34 0.53 0.05 -0.36
CA LYS A 34 0.18 -0.41 -1.72
C LYS A 34 1.40 -0.94 -2.47
N LYS A 35 2.47 -0.15 -2.50
CA LYS A 35 3.81 -0.48 -3.02
C LYS A 35 4.37 -1.73 -2.39
N ALA A 36 4.28 -1.78 -1.07
CA ALA A 36 4.68 -2.95 -0.27
C ALA A 36 3.85 -4.22 -0.56
N ARG A 37 2.52 -4.10 -0.71
CA ARG A 37 1.61 -5.19 -1.11
C ARG A 37 2.05 -5.74 -2.47
N ASP A 38 2.13 -4.86 -3.45
CA ASP A 38 2.51 -5.17 -4.83
C ASP A 38 3.93 -5.74 -4.96
N ALA A 39 4.89 -5.28 -4.15
CA ALA A 39 6.23 -5.86 -4.08
C ALA A 39 6.24 -7.27 -3.46
N CYS A 40 5.38 -7.54 -2.47
CA CYS A 40 5.17 -8.89 -1.94
C CYS A 40 4.67 -9.84 -3.04
N ILE A 41 3.77 -9.36 -3.89
CA ILE A 41 3.16 -10.10 -4.99
C ILE A 41 4.19 -10.38 -6.11
N ILE A 42 5.15 -9.48 -6.33
CA ILE A 42 6.35 -9.77 -7.15
C ILE A 42 7.15 -10.94 -6.56
N GLU A 43 7.36 -10.94 -5.24
CA GLU A 43 8.19 -11.90 -4.53
C GLU A 43 7.62 -13.33 -4.44
N LYS A 44 6.28 -13.49 -4.31
CA LYS A 44 5.58 -14.79 -4.16
C LYS A 44 4.19 -14.90 -4.79
N GLY A 45 3.59 -13.81 -5.24
CA GLY A 45 2.17 -13.77 -5.57
C GLY A 45 1.30 -13.48 -4.34
N GLU A 46 0.00 -13.27 -4.56
CA GLU A 46 -0.84 -12.56 -3.58
C GLU A 46 -1.34 -13.43 -2.42
N GLU A 47 -1.67 -14.69 -2.67
CA GLU A 47 -2.06 -15.65 -1.63
C GLU A 47 -1.01 -15.77 -0.50
N HIS A 48 0.29 -15.72 -0.84
CA HIS A 48 1.41 -15.84 0.10
C HIS A 48 1.70 -14.53 0.86
N CYS A 49 0.86 -13.51 0.67
CA CYS A 49 1.12 -12.13 1.01
C CYS A 49 -0.07 -11.42 1.68
N GLY A 50 -1.06 -12.14 2.21
CA GLY A 50 -2.25 -11.47 2.76
C GLY A 50 -2.12 -10.77 4.10
N HIS A 51 -1.07 -11.04 4.87
CA HIS A 51 -0.63 -10.09 5.92
C HIS A 51 -0.27 -8.72 5.33
N LEU A 52 0.24 -8.68 4.09
CA LEU A 52 0.57 -7.43 3.40
C LEU A 52 -0.69 -6.78 2.88
N ILE A 53 -1.64 -7.59 2.41
CA ILE A 53 -2.93 -7.05 1.94
C ILE A 53 -3.72 -6.48 3.11
N GLU A 54 -3.70 -7.15 4.27
CA GLU A 54 -4.39 -6.71 5.48
C GLU A 54 -3.82 -5.42 6.06
N ALA A 55 -2.50 -5.36 6.34
CA ALA A 55 -1.89 -4.14 6.88
C ALA A 55 -2.12 -2.91 5.97
N HIS A 56 -2.13 -3.13 4.66
CA HIS A 56 -2.46 -2.14 3.66
C HIS A 56 -3.95 -1.73 3.64
N LYS A 57 -4.82 -2.74 3.66
CA LYS A 57 -6.29 -2.58 3.71
C LYS A 57 -6.72 -1.64 4.82
N GLU A 58 -6.26 -1.89 6.04
CA GLU A 58 -6.63 -1.11 7.21
C GLU A 58 -6.11 0.33 7.14
N CYS A 59 -4.91 0.51 6.57
CA CYS A 59 -4.37 1.83 6.20
C CYS A 59 -5.34 2.64 5.30
N MET A 60 -5.78 2.11 4.15
CA MET A 60 -6.86 2.69 3.31
C MET A 60 -8.13 2.95 4.14
N ARG A 61 -8.64 1.97 4.86
CA ARG A 61 -9.89 2.02 5.59
C ARG A 61 -10.00 3.17 6.59
N ALA A 62 -8.89 3.61 7.19
CA ALA A 62 -8.80 4.83 7.99
C ALA A 62 -9.48 6.04 7.33
N LEU A 63 -9.37 6.11 6.00
CA LEU A 63 -9.80 7.25 5.19
C LEU A 63 -11.32 7.24 4.94
N GLY A 64 -12.04 6.27 5.52
CA GLY A 64 -13.45 6.00 5.27
C GLY A 64 -13.67 4.88 4.23
N PHE A 65 -12.59 4.26 3.73
CA PHE A 65 -12.58 3.29 2.63
C PHE A 65 -13.24 1.96 2.96
N LYS A 66 -13.79 1.32 1.93
CA LYS A 66 -14.77 0.21 2.04
C LYS A 66 -14.13 -1.06 1.48
N ILE A 67 -13.25 -1.62 2.32
CA ILE A 67 -12.37 -2.77 2.04
C ILE A 67 -12.35 -3.70 3.26
CU CU1 B . -5.11 4.46 -8.28
N GLY A 1 32.84 -10.69 9.05
CA GLY A 1 32.37 -9.65 8.11
C GLY A 1 32.06 -10.29 6.77
N SER A 2 31.31 -9.61 5.92
CA SER A 2 30.82 -10.14 4.64
C SER A 2 30.39 -8.99 3.71
N PHE A 3 29.97 -9.32 2.48
CA PHE A 3 29.06 -8.46 1.73
C PHE A 3 27.82 -8.14 2.59
N THR A 4 27.30 -6.93 2.48
CA THR A 4 26.16 -6.43 3.28
C THR A 4 25.41 -5.37 2.46
N MET A 5 24.10 -5.23 2.66
CA MET A 5 23.26 -4.23 1.96
C MET A 5 22.38 -3.47 2.96
N PRO A 6 22.95 -2.56 3.76
CA PRO A 6 22.22 -1.71 4.72
C PRO A 6 21.37 -0.61 4.05
N GLY A 7 20.76 -0.90 2.89
CA GLY A 7 19.88 0.03 2.19
C GLY A 7 18.59 -0.61 1.66
N LEU A 8 18.64 -1.16 0.44
CA LEU A 8 17.44 -1.36 -0.39
C LEU A 8 16.62 -0.09 -0.52
N VAL A 9 15.29 -0.22 -0.66
CA VAL A 9 14.35 0.91 -0.52
C VAL A 9 14.57 1.94 -1.65
N ASP A 10 14.77 1.38 -2.83
CA ASP A 10 15.04 2.01 -4.12
C ASP A 10 14.24 3.29 -4.38
N SER A 11 14.98 4.31 -4.84
CA SER A 11 14.56 5.72 -5.03
C SER A 11 13.39 5.90 -6.00
N ASN A 12 12.19 5.60 -5.53
CA ASN A 12 10.97 5.49 -6.34
C ASN A 12 9.73 5.92 -5.53
N PRO A 13 9.59 7.21 -5.23
CA PRO A 13 8.39 7.81 -4.64
C PRO A 13 7.31 8.03 -5.72
N ALA A 14 6.21 8.67 -5.34
CA ALA A 14 5.15 9.12 -6.26
C ALA A 14 4.66 10.54 -5.91
N PRO A 15 4.07 11.28 -6.87
CA PRO A 15 3.32 12.48 -6.57
C PRO A 15 1.98 12.14 -5.88
N PRO A 16 1.41 13.04 -5.06
CA PRO A 16 0.06 12.89 -4.54
C PRO A 16 -1.00 13.18 -5.62
N GLU A 17 -2.25 12.95 -5.25
CA GLU A 17 -3.40 13.53 -5.98
C GLU A 17 -3.56 14.99 -5.54
N SER A 18 -3.93 15.87 -6.48
CA SER A 18 -4.38 17.22 -6.16
C SER A 18 -5.55 17.22 -5.17
N GLN A 19 -5.48 18.09 -4.17
CA GLN A 19 -6.61 18.23 -3.25
C GLN A 19 -7.84 18.83 -3.96
N GLU A 20 -8.98 18.16 -3.82
CA GLU A 20 -10.30 18.66 -4.18
C GLU A 20 -11.39 17.89 -3.41
N LYS A 21 -12.66 18.29 -3.58
CA LYS A 21 -13.84 17.46 -3.29
C LYS A 21 -13.80 16.09 -4.00
N LYS A 22 -13.34 15.03 -3.31
CA LYS A 22 -13.16 13.68 -3.84
C LYS A 22 -13.07 12.61 -2.74
N PRO A 23 -13.25 11.32 -3.06
CA PRO A 23 -12.62 10.21 -2.36
C PRO A 23 -11.22 9.95 -2.92
N LEU A 24 -10.56 8.97 -2.32
CA LEU A 24 -9.28 8.46 -2.80
C LEU A 24 -9.48 7.17 -3.60
N LYS A 25 -8.49 6.80 -4.43
CA LYS A 25 -8.51 5.57 -5.23
C LYS A 25 -7.90 4.45 -4.40
N PRO A 26 -8.40 3.21 -4.44
CA PRO A 26 -7.84 2.13 -3.62
C PRO A 26 -6.55 1.56 -4.25
N CYS A 27 -6.31 1.88 -5.53
CA CYS A 27 -5.13 1.54 -6.28
C CYS A 27 -3.96 2.52 -5.99
N CYS A 28 -4.27 3.73 -5.48
CA CYS A 28 -3.31 4.78 -5.18
C CYS A 28 -3.25 5.22 -3.69
N ALA A 29 -4.32 5.05 -2.91
CA ALA A 29 -4.36 5.38 -1.48
C ALA A 29 -3.34 4.52 -0.70
N CYS A 30 -2.87 5.01 0.45
CA CYS A 30 -1.83 4.34 1.25
C CYS A 30 -0.65 3.79 0.40
N PRO A 31 -0.05 4.62 -0.48
CA PRO A 31 0.80 4.14 -1.58
C PRO A 31 2.07 3.44 -1.08
N GLU A 32 2.57 3.85 0.09
CA GLU A 32 3.47 3.10 0.98
C GLU A 32 3.13 1.60 1.14
N THR A 33 2.02 1.26 1.81
CA THR A 33 1.59 -0.14 1.95
C THR A 33 1.12 -0.73 0.63
N LYS A 34 0.63 0.07 -0.31
CA LYS A 34 0.25 -0.38 -1.67
C LYS A 34 1.45 -0.94 -2.43
N LYS A 35 2.57 -0.20 -2.47
CA LYS A 35 3.83 -0.64 -3.11
C LYS A 35 4.39 -1.87 -2.42
N ALA A 36 4.37 -1.85 -1.09
CA ALA A 36 4.80 -2.98 -0.27
C ALA A 36 3.95 -4.25 -0.51
N ARG A 37 2.63 -4.10 -0.67
CA ARG A 37 1.69 -5.19 -0.99
C ARG A 37 2.06 -5.81 -2.32
N ASP A 38 2.16 -4.96 -3.34
CA ASP A 38 2.42 -5.38 -4.72
C ASP A 38 3.87 -5.87 -4.94
N ALA A 39 4.84 -5.41 -4.15
CA ALA A 39 6.19 -5.99 -4.11
C ALA A 39 6.19 -7.43 -3.53
N CYS A 40 5.39 -7.71 -2.50
CA CYS A 40 5.16 -9.06 -1.99
C CYS A 40 4.54 -9.98 -3.07
N ILE A 41 3.72 -9.39 -3.94
CA ILE A 41 3.08 -10.07 -5.07
C ILE A 41 4.07 -10.29 -6.23
N ILE A 42 5.02 -9.38 -6.46
CA ILE A 42 6.17 -9.57 -7.35
C ILE A 42 7.12 -10.69 -6.84
N GLU A 43 7.27 -10.84 -5.52
CA GLU A 43 8.04 -11.93 -4.91
C GLU A 43 7.37 -13.31 -5.03
N LYS A 44 6.03 -13.39 -4.93
CA LYS A 44 5.24 -14.63 -4.91
C LYS A 44 3.91 -14.52 -5.66
N GLY A 45 3.07 -13.61 -5.18
CA GLY A 45 1.62 -13.58 -5.40
C GLY A 45 0.92 -13.25 -4.08
N GLU A 46 -0.33 -12.79 -4.11
CA GLU A 46 -0.96 -12.20 -2.93
C GLU A 46 -1.33 -13.24 -1.87
N GLU A 47 -1.64 -14.46 -2.33
CA GLU A 47 -1.97 -15.58 -1.46
C GLU A 47 -0.87 -15.87 -0.41
N HIS A 48 0.41 -15.61 -0.74
CA HIS A 48 1.56 -15.78 0.16
C HIS A 48 1.83 -14.56 1.05
N CYS A 49 0.97 -13.54 0.95
CA CYS A 49 1.26 -12.16 1.26
C CYS A 49 0.05 -11.40 1.83
N GLY A 50 -0.99 -12.08 2.33
CA GLY A 50 -2.15 -11.38 2.89
C GLY A 50 -1.85 -10.54 4.11
N HIS A 51 -0.89 -10.89 4.97
CA HIS A 51 -0.42 -9.96 6.01
C HIS A 51 0.02 -8.58 5.48
N LEU A 52 0.43 -8.51 4.20
CA LEU A 52 0.71 -7.25 3.52
C LEU A 52 -0.57 -6.60 3.01
N ILE A 53 -1.52 -7.41 2.57
CA ILE A 53 -2.81 -6.92 2.08
C ILE A 53 -3.65 -6.42 3.24
N GLU A 54 -3.61 -7.07 4.40
CA GLU A 54 -4.30 -6.66 5.58
C GLU A 54 -3.75 -5.36 6.17
N ALA A 55 -2.45 -5.25 6.42
CA ALA A 55 -1.85 -3.99 6.87
C ALA A 55 -2.20 -2.79 5.97
N HIS A 56 -2.26 -3.02 4.66
CA HIS A 56 -2.71 -2.06 3.67
C HIS A 56 -4.23 -1.79 3.68
N LYS A 57 -5.01 -2.85 3.83
CA LYS A 57 -6.48 -2.80 3.96
C LYS A 57 -6.91 -1.88 5.09
N GLU A 58 -6.36 -2.09 6.28
CA GLU A 58 -6.64 -1.28 7.46
C GLU A 58 -6.16 0.17 7.28
N CYS A 59 -4.99 0.35 6.65
CA CYS A 59 -4.53 1.66 6.21
C CYS A 59 -5.58 2.40 5.38
N MET A 60 -6.03 1.87 4.23
CA MET A 60 -7.15 2.39 3.42
C MET A 60 -8.39 2.64 4.28
N ARG A 61 -8.84 1.69 5.10
CA ARG A 61 -10.03 1.80 5.92
C ARG A 61 -10.07 3.04 6.81
N ALA A 62 -8.92 3.50 7.35
CA ALA A 62 -8.83 4.80 8.04
C ALA A 62 -9.43 5.97 7.24
N LEU A 63 -9.27 5.93 5.92
CA LEU A 63 -9.64 7.00 5.00
C LEU A 63 -11.13 6.95 4.62
N GLY A 64 -11.93 6.10 5.29
CA GLY A 64 -13.37 5.93 5.04
C GLY A 64 -13.69 4.90 3.96
N PHE A 65 -12.78 3.96 3.69
CA PHE A 65 -12.74 3.12 2.48
C PHE A 65 -13.61 1.87 2.55
N LYS A 66 -14.04 1.40 1.36
CA LYS A 66 -14.97 0.29 1.15
C LYS A 66 -14.15 -0.98 0.92
N ILE A 67 -13.72 -1.56 2.05
CA ILE A 67 -12.68 -2.58 2.22
C ILE A 67 -13.12 -3.54 3.33
CU CU1 B . -3.91 3.85 -8.60
N GLY A 1 5.58 -16.00 19.11
CA GLY A 1 6.56 -16.56 18.14
C GLY A 1 7.37 -17.62 18.83
N SER A 2 8.41 -18.15 18.16
CA SER A 2 9.27 -19.24 18.65
C SER A 2 10.77 -18.99 18.40
N PHE A 3 11.10 -17.78 17.96
CA PHE A 3 12.44 -17.28 17.64
C PHE A 3 12.44 -15.74 17.72
N THR A 4 13.59 -15.12 17.49
CA THR A 4 13.77 -13.66 17.50
C THR A 4 14.43 -13.23 16.20
N MET A 5 14.13 -12.02 15.71
CA MET A 5 14.75 -11.43 14.53
C MET A 5 15.20 -9.98 14.84
N PRO A 6 16.35 -9.79 15.52
CA PRO A 6 16.90 -8.47 15.81
C PRO A 6 17.53 -7.75 14.61
N GLY A 7 17.54 -8.35 13.41
CA GLY A 7 18.20 -7.81 12.21
C GLY A 7 17.41 -6.72 11.48
N LEU A 8 16.85 -5.76 12.22
CA LEU A 8 15.94 -4.71 11.73
C LEU A 8 16.54 -3.32 11.95
N VAL A 9 16.49 -2.49 10.91
CA VAL A 9 16.96 -1.09 10.90
C VAL A 9 16.29 -0.34 9.74
N ASP A 10 16.31 0.99 9.75
CA ASP A 10 15.99 1.84 8.60
C ASP A 10 16.98 3.01 8.52
N SER A 11 17.12 3.60 7.34
CA SER A 11 17.82 4.86 7.05
C SER A 11 17.30 5.53 5.77
N ASN A 12 16.16 5.09 5.20
CA ASN A 12 15.65 5.56 3.91
C ASN A 12 14.12 5.83 3.93
N PRO A 13 13.67 6.79 4.77
CA PRO A 13 12.30 7.30 4.74
C PRO A 13 12.06 8.16 3.49
N ALA A 14 10.86 8.74 3.38
CA ALA A 14 10.43 9.57 2.26
C ALA A 14 9.70 10.84 2.74
N PRO A 15 9.67 11.92 1.94
CA PRO A 15 8.87 13.09 2.23
C PRO A 15 7.36 12.75 2.23
N PRO A 16 6.59 13.15 3.27
CA PRO A 16 5.14 13.03 3.28
C PRO A 16 4.45 14.12 2.44
N GLU A 17 3.12 14.09 2.44
CA GLU A 17 2.26 15.17 1.93
C GLU A 17 1.28 15.64 3.01
N SER A 18 0.66 16.80 2.80
CA SER A 18 -0.37 17.35 3.68
C SER A 18 -1.27 18.39 3.02
N GLN A 19 -1.05 18.74 1.74
CA GLN A 19 -1.81 19.82 1.13
C GLN A 19 -1.97 19.70 -0.40
N GLU A 20 -3.11 19.18 -0.81
CA GLU A 20 -3.76 19.48 -2.10
C GLU A 20 -5.30 19.59 -1.88
N LYS A 21 -6.12 19.64 -2.93
CA LYS A 21 -7.55 20.01 -2.86
C LYS A 21 -8.56 19.00 -3.40
N LYS A 22 -8.08 17.88 -3.94
CA LYS A 22 -8.86 16.73 -4.44
C LYS A 22 -9.10 15.67 -3.34
N PRO A 23 -10.01 14.70 -3.56
CA PRO A 23 -10.18 13.53 -2.70
C PRO A 23 -9.32 12.35 -3.15
N LEU A 24 -9.11 11.42 -2.22
CA LEU A 24 -8.56 10.09 -2.51
C LEU A 24 -9.60 9.21 -3.26
N LYS A 25 -9.13 8.11 -3.84
CA LYS A 25 -9.86 7.10 -4.62
C LYS A 25 -9.35 5.73 -4.18
N PRO A 26 -10.23 4.74 -3.99
CA PRO A 26 -10.01 3.59 -3.11
C PRO A 26 -8.87 2.64 -3.50
N CYS A 27 -8.42 2.65 -4.76
CA CYS A 27 -7.30 1.89 -5.25
C CYS A 27 -5.92 2.58 -5.01
N CYS A 28 -5.92 3.92 -4.87
CA CYS A 28 -4.72 4.75 -4.76
C CYS A 28 -4.26 5.07 -3.32
N ALA A 29 -5.11 4.80 -2.32
CA ALA A 29 -4.87 5.24 -0.95
C ALA A 29 -3.62 4.54 -0.34
N CYS A 30 -3.00 5.15 0.68
CA CYS A 30 -1.84 4.56 1.37
C CYS A 30 -0.76 3.98 0.43
N PRO A 31 -0.10 4.80 -0.40
CA PRO A 31 0.63 4.35 -1.58
C PRO A 31 1.90 3.55 -1.23
N GLU A 32 2.38 3.67 0.01
CA GLU A 32 3.63 3.06 0.48
C GLU A 32 3.43 1.64 1.01
N THR A 33 2.35 1.38 1.76
CA THR A 33 1.84 0.00 1.92
C THR A 33 1.37 -0.57 0.59
N LYS A 34 0.80 0.24 -0.34
CA LYS A 34 0.46 -0.20 -1.70
C LYS A 34 1.69 -0.73 -2.46
N LYS A 35 2.79 0.02 -2.44
CA LYS A 35 4.09 -0.37 -2.98
C LYS A 35 4.58 -1.69 -2.41
N ALA A 36 4.54 -1.82 -1.08
CA ALA A 36 4.97 -3.04 -0.38
C ALA A 36 4.02 -4.23 -0.63
N ARG A 37 2.71 -3.98 -0.76
CA ARG A 37 1.71 -4.97 -1.14
C ARG A 37 2.07 -5.58 -2.49
N ASP A 38 2.22 -4.70 -3.48
CA ASP A 38 2.56 -5.07 -4.87
C ASP A 38 3.94 -5.75 -4.95
N ALA A 39 4.94 -5.30 -4.18
CA ALA A 39 6.22 -6.00 -4.07
C ALA A 39 6.10 -7.42 -3.50
N CYS A 40 5.27 -7.65 -2.48
CA CYS A 40 4.99 -8.98 -1.94
C CYS A 40 4.37 -9.91 -3.01
N ILE A 41 3.55 -9.34 -3.88
CA ILE A 41 2.92 -10.06 -4.99
C ILE A 41 3.95 -10.38 -6.10
N ILE A 42 4.98 -9.54 -6.27
CA ILE A 42 6.15 -9.84 -7.11
C ILE A 42 7.03 -10.95 -6.51
N GLU A 43 7.19 -11.01 -5.18
CA GLU A 43 7.96 -12.02 -4.48
C GLU A 43 7.36 -13.45 -4.57
N LYS A 44 6.02 -13.60 -4.44
CA LYS A 44 5.30 -14.89 -4.32
C LYS A 44 3.87 -14.93 -4.88
N GLY A 45 3.23 -13.79 -5.11
CA GLY A 45 1.80 -13.68 -5.40
C GLY A 45 0.96 -13.38 -4.15
N GLU A 46 -0.28 -12.96 -4.36
CA GLU A 46 -1.11 -12.33 -3.33
C GLU A 46 -1.55 -13.27 -2.20
N GLU A 47 -1.89 -14.51 -2.55
CA GLU A 47 -2.25 -15.58 -1.63
C GLU A 47 -1.16 -15.88 -0.57
N HIS A 48 0.11 -15.75 -0.92
CA HIS A 48 1.25 -16.06 -0.06
C HIS A 48 1.72 -14.84 0.76
N CYS A 49 0.89 -13.79 0.84
CA CYS A 49 1.29 -12.49 1.31
C CYS A 49 0.25 -11.72 2.13
N GLY A 50 -0.95 -12.26 2.40
CA GLY A 50 -2.08 -11.45 2.87
C GLY A 50 -1.85 -10.53 4.06
N HIS A 51 -0.93 -10.78 4.98
CA HIS A 51 -0.55 -9.81 6.02
C HIS A 51 -0.18 -8.43 5.45
N LEU A 52 0.45 -8.41 4.27
CA LEU A 52 0.73 -7.21 3.47
C LEU A 52 -0.54 -6.61 2.88
N ILE A 53 -1.46 -7.45 2.41
CA ILE A 53 -2.72 -6.92 1.85
C ILE A 53 -3.60 -6.36 2.95
N GLU A 54 -3.58 -6.99 4.12
CA GLU A 54 -4.40 -6.70 5.27
C GLU A 54 -3.97 -5.42 6.00
N ALA A 55 -2.68 -5.29 6.33
CA ALA A 55 -2.12 -4.05 6.87
C ALA A 55 -2.35 -2.84 5.94
N HIS A 56 -2.25 -3.06 4.64
CA HIS A 56 -2.54 -2.05 3.62
C HIS A 56 -4.02 -1.69 3.54
N LYS A 57 -4.89 -2.70 3.45
CA LYS A 57 -6.35 -2.60 3.56
C LYS A 57 -6.77 -1.74 4.75
N GLU A 58 -6.24 -1.98 5.95
CA GLU A 58 -6.49 -1.15 7.14
C GLU A 58 -6.07 0.31 6.93
N CYS A 59 -4.85 0.56 6.41
CA CYS A 59 -4.34 1.90 6.13
C CYS A 59 -5.29 2.72 5.21
N MET A 60 -5.75 2.14 4.10
CA MET A 60 -6.82 2.70 3.25
C MET A 60 -8.13 2.81 4.03
N ARG A 61 -8.61 1.79 4.73
CA ARG A 61 -9.89 1.75 5.43
C ARG A 61 -10.06 2.88 6.45
N ALA A 62 -8.97 3.33 7.07
CA ALA A 62 -8.90 4.55 7.89
C ALA A 62 -9.65 5.75 7.30
N LEU A 63 -9.67 5.88 5.97
CA LEU A 63 -10.20 7.05 5.29
C LEU A 63 -11.74 7.05 5.16
N GLY A 64 -12.38 6.04 5.75
CA GLY A 64 -13.80 5.70 5.56
C GLY A 64 -14.01 4.70 4.42
N PHE A 65 -12.96 3.96 4.06
CA PHE A 65 -12.81 3.24 2.79
C PHE A 65 -13.24 1.77 2.89
N LYS A 66 -13.55 1.14 1.74
CA LYS A 66 -14.09 -0.21 1.64
C LYS A 66 -13.05 -1.06 0.89
N ILE A 67 -12.36 -1.94 1.62
CA ILE A 67 -11.19 -2.71 1.15
C ILE A 67 -11.12 -4.08 1.80
CU CU1 B . -5.78 3.92 -7.88
N GLY A 1 23.10 15.75 -17.04
CA GLY A 1 22.36 15.59 -15.78
C GLY A 1 23.32 15.33 -14.64
N SER A 2 22.83 15.13 -13.42
CA SER A 2 23.66 15.06 -12.20
C SER A 2 23.24 13.99 -11.18
N PHE A 3 22.16 13.23 -11.46
CA PHE A 3 21.70 12.16 -10.59
C PHE A 3 22.63 10.94 -10.63
N THR A 4 23.35 10.67 -9.54
CA THR A 4 24.10 9.41 -9.37
C THR A 4 23.14 8.22 -9.34
N MET A 5 23.53 7.09 -9.94
CA MET A 5 22.71 5.88 -10.02
C MET A 5 23.47 4.64 -9.48
N PRO A 6 23.83 4.62 -8.19
CA PRO A 6 24.77 3.63 -7.65
C PRO A 6 24.19 2.22 -7.42
N GLY A 7 22.87 2.03 -7.51
CA GLY A 7 22.21 0.79 -7.11
C GLY A 7 20.96 1.04 -6.29
N LEU A 8 19.86 1.41 -6.94
CA LEU A 8 18.63 1.89 -6.30
C LEU A 8 17.40 1.60 -7.15
N VAL A 9 16.27 1.45 -6.45
CA VAL A 9 14.92 1.26 -7.00
C VAL A 9 14.78 -0.07 -7.76
N ASP A 10 14.15 -1.04 -7.10
CA ASP A 10 13.82 -2.39 -7.59
C ASP A 10 12.74 -2.39 -8.71
N SER A 11 12.93 -1.56 -9.73
CA SER A 11 11.93 -1.20 -10.76
C SER A 11 10.58 -0.70 -10.20
N ASN A 12 10.56 -0.24 -8.93
CA ASN A 12 9.36 -0.05 -8.11
C ASN A 12 9.41 1.33 -7.45
N PRO A 13 8.97 2.38 -8.16
CA PRO A 13 9.08 3.78 -7.76
C PRO A 13 7.91 4.23 -6.86
N ALA A 14 7.79 5.55 -6.68
CA ALA A 14 6.64 6.22 -6.06
C ALA A 14 6.08 7.28 -7.03
N PRO A 15 4.84 7.76 -6.84
CA PRO A 15 4.35 8.95 -7.55
C PRO A 15 5.09 10.22 -7.06
N PRO A 16 5.18 11.27 -7.89
CA PRO A 16 5.78 12.56 -7.52
C PRO A 16 4.87 13.42 -6.65
N GLU A 17 5.41 14.56 -6.23
CA GLU A 17 4.87 15.46 -5.21
C GLU A 17 3.58 16.19 -5.63
N SER A 18 2.64 16.28 -4.70
CA SER A 18 1.64 17.37 -4.62
C SER A 18 0.92 17.36 -3.26
N GLN A 19 0.45 18.51 -2.79
CA GLN A 19 0.08 18.68 -1.36
C GLN A 19 -1.05 19.70 -1.10
N GLU A 20 -1.85 20.08 -2.10
CA GLU A 20 -3.12 20.78 -1.85
C GLU A 20 -4.12 19.90 -1.07
N LYS A 21 -5.35 20.42 -0.85
CA LYS A 21 -6.47 19.69 -0.21
C LYS A 21 -7.07 18.58 -1.12
N LYS A 22 -6.22 17.65 -1.57
CA LYS A 22 -6.53 16.48 -2.41
C LYS A 22 -7.71 15.62 -1.88
N PRO A 23 -8.38 14.86 -2.76
CA PRO A 23 -9.21 13.71 -2.40
C PRO A 23 -8.39 12.42 -2.41
N LEU A 24 -9.05 11.29 -2.21
CA LEU A 24 -8.49 9.96 -2.48
C LEU A 24 -9.49 9.12 -3.31
N LYS A 25 -8.96 8.04 -3.86
CA LYS A 25 -9.47 7.19 -4.93
C LYS A 25 -8.85 5.81 -4.65
N PRO A 26 -9.66 4.78 -4.48
CA PRO A 26 -9.36 3.64 -3.60
C PRO A 26 -8.15 2.81 -4.05
N CYS A 27 -7.85 2.74 -5.34
CA CYS A 27 -6.71 2.03 -5.89
C CYS A 27 -5.35 2.66 -5.50
N CYS A 28 -5.35 3.93 -5.06
CA CYS A 28 -4.17 4.72 -4.74
C CYS A 28 -3.98 5.06 -3.25
N ALA A 29 -4.92 4.70 -2.37
CA ALA A 29 -4.75 5.04 -0.95
C ALA A 29 -3.53 4.31 -0.36
N CYS A 30 -3.00 4.82 0.75
CA CYS A 30 -1.83 4.28 1.45
C CYS A 30 -0.75 3.67 0.52
N PRO A 31 -0.14 4.49 -0.36
CA PRO A 31 0.58 4.00 -1.52
C PRO A 31 1.86 3.26 -1.13
N GLU A 32 2.35 3.49 0.09
CA GLU A 32 3.57 2.89 0.63
C GLU A 32 3.33 1.44 1.05
N THR A 33 2.26 1.15 1.80
CA THR A 33 1.79 -0.25 1.99
C THR A 33 1.29 -0.85 0.68
N LYS A 34 0.72 -0.08 -0.26
CA LYS A 34 0.37 -0.54 -1.62
C LYS A 34 1.58 -1.05 -2.39
N LYS A 35 2.65 -0.25 -2.43
CA LYS A 35 3.98 -0.57 -3.01
C LYS A 35 4.56 -1.85 -2.45
N ALA A 36 4.51 -1.93 -1.13
CA ALA A 36 4.92 -3.12 -0.37
C ALA A 36 4.02 -4.35 -0.62
N ARG A 37 2.71 -4.16 -0.74
CA ARG A 37 1.72 -5.21 -1.04
C ARG A 37 2.02 -5.84 -2.38
N ASP A 38 2.13 -4.99 -3.39
CA ASP A 38 2.33 -5.42 -4.77
C ASP A 38 3.77 -5.92 -5.03
N ALA A 39 4.78 -5.40 -4.31
CA ALA A 39 6.12 -6.02 -4.25
C ALA A 39 6.08 -7.46 -3.70
N CYS A 40 5.25 -7.73 -2.69
CA CYS A 40 5.04 -9.07 -2.14
C CYS A 40 4.51 -10.04 -3.21
N ILE A 41 3.63 -9.55 -4.08
CA ILE A 41 3.07 -10.28 -5.21
C ILE A 41 4.12 -10.51 -6.31
N ILE A 42 5.04 -9.55 -6.53
CA ILE A 42 6.21 -9.71 -7.41
C ILE A 42 7.23 -10.72 -6.85
N GLU A 43 7.35 -10.85 -5.53
CA GLU A 43 8.24 -11.79 -4.85
C GLU A 43 7.71 -13.23 -4.80
N LYS A 44 6.39 -13.42 -4.66
CA LYS A 44 5.71 -14.73 -4.65
C LYS A 44 4.45 -14.75 -5.51
N GLY A 45 3.52 -13.88 -5.16
CA GLY A 45 2.11 -13.93 -5.53
C GLY A 45 1.22 -13.55 -4.33
N GLU A 46 -0.08 -13.44 -4.56
CA GLU A 46 -0.99 -12.74 -3.64
C GLU A 46 -1.39 -13.55 -2.41
N GLU A 47 -1.50 -14.87 -2.55
CA GLU A 47 -1.75 -15.80 -1.45
C GLU A 47 -0.69 -15.75 -0.34
N HIS A 48 0.59 -15.52 -0.66
CA HIS A 48 1.70 -15.52 0.29
C HIS A 48 1.82 -14.20 1.08
N CYS A 49 0.85 -13.30 0.90
CA CYS A 49 1.02 -11.89 1.10
C CYS A 49 -0.22 -11.19 1.66
N GLY A 50 -1.23 -11.91 2.17
CA GLY A 50 -2.42 -11.25 2.72
C GLY A 50 -2.21 -10.44 3.98
N HIS A 51 -1.25 -10.79 4.84
CA HIS A 51 -0.80 -9.89 5.91
C HIS A 51 -0.30 -8.54 5.37
N LEU A 52 0.25 -8.53 4.15
CA LEU A 52 0.66 -7.31 3.45
C LEU A 52 -0.56 -6.60 2.90
N ILE A 53 -1.57 -7.35 2.47
CA ILE A 53 -2.81 -6.78 1.97
C ILE A 53 -3.64 -6.20 3.12
N GLU A 54 -3.48 -6.75 4.31
CA GLU A 54 -4.34 -6.47 5.44
C GLU A 54 -3.90 -5.28 6.28
N ALA A 55 -2.61 -5.20 6.63
CA ALA A 55 -2.03 -3.95 7.15
C ALA A 55 -2.31 -2.75 6.22
N HIS A 56 -2.26 -2.99 4.91
CA HIS A 56 -2.62 -2.02 3.88
C HIS A 56 -4.11 -1.68 3.84
N LYS A 57 -4.97 -2.70 3.89
CA LYS A 57 -6.44 -2.58 3.93
C LYS A 57 -6.87 -1.63 5.04
N GLU A 58 -6.42 -1.86 6.27
CA GLU A 58 -6.74 -1.00 7.41
C GLU A 58 -6.24 0.44 7.22
N CYS A 59 -5.03 0.61 6.69
CA CYS A 59 -4.49 1.92 6.32
C CYS A 59 -5.41 2.72 5.37
N MET A 60 -5.87 2.12 4.26
CA MET A 60 -6.92 2.65 3.36
C MET A 60 -8.22 2.91 4.15
N ARG A 61 -8.76 1.93 4.87
CA ARG A 61 -10.03 1.98 5.58
C ARG A 61 -10.15 3.14 6.58
N ALA A 62 -9.05 3.57 7.19
CA ALA A 62 -8.96 4.82 7.99
C ALA A 62 -9.62 6.02 7.32
N LEU A 63 -9.53 6.08 5.98
CA LEU A 63 -9.97 7.21 5.18
C LEU A 63 -11.50 7.18 4.90
N GLY A 64 -12.20 6.22 5.50
CA GLY A 64 -13.59 5.89 5.22
C GLY A 64 -13.77 4.88 4.08
N PHE A 65 -12.69 4.23 3.63
CA PHE A 65 -12.65 3.29 2.50
C PHE A 65 -13.35 1.96 2.79
N LYS A 66 -13.87 1.32 1.74
CA LYS A 66 -14.75 0.15 1.78
C LYS A 66 -14.01 -1.07 1.24
N ILE A 67 -13.40 -1.83 2.14
CA ILE A 67 -12.50 -2.98 1.88
C ILE A 67 -12.59 -3.96 3.05
CU CU1 B . -4.82 4.05 -8.26
N GLY A 1 1.84 -27.09 -2.37
CA GLY A 1 2.83 -25.99 -2.36
C GLY A 1 3.95 -26.43 -3.28
N SER A 2 3.95 -25.89 -4.49
CA SER A 2 4.43 -26.63 -5.68
C SER A 2 4.31 -25.79 -6.98
N PHE A 3 4.26 -24.46 -6.83
CA PHE A 3 4.03 -23.47 -7.88
C PHE A 3 4.53 -22.10 -7.39
N THR A 4 4.88 -21.21 -8.31
CA THR A 4 5.35 -19.84 -8.01
C THR A 4 5.05 -18.92 -9.21
N MET A 5 4.85 -17.62 -9.00
CA MET A 5 4.63 -16.65 -10.08
C MET A 5 5.47 -15.36 -9.90
N PRO A 6 6.82 -15.45 -9.86
CA PRO A 6 7.72 -14.29 -9.91
C PRO A 6 7.82 -13.74 -11.36
N GLY A 7 6.68 -13.53 -12.01
CA GLY A 7 6.55 -13.27 -13.45
C GLY A 7 5.77 -12.00 -13.79
N LEU A 8 5.86 -10.96 -12.97
CA LEU A 8 5.17 -9.68 -13.14
C LEU A 8 5.95 -8.52 -12.51
N VAL A 9 5.50 -7.29 -12.76
CA VAL A 9 6.07 -6.05 -12.21
C VAL A 9 4.97 -5.02 -11.98
N ASP A 10 5.04 -4.31 -10.85
CA ASP A 10 3.89 -3.60 -10.24
C ASP A 10 2.68 -4.54 -9.99
N SER A 11 1.53 -3.98 -9.63
CA SER A 11 0.21 -4.52 -9.98
C SER A 11 -0.62 -3.51 -10.78
N ASN A 12 -0.38 -2.21 -10.57
CA ASN A 12 -1.05 -1.10 -11.26
C ASN A 12 -0.40 0.22 -10.82
N PRO A 13 0.21 0.96 -11.75
CA PRO A 13 0.74 2.31 -11.53
C PRO A 13 -0.35 3.38 -11.75
N ALA A 14 -0.01 4.65 -11.53
CA ALA A 14 -0.90 5.79 -11.76
C ALA A 14 -0.11 7.07 -12.10
N PRO A 15 -0.74 8.07 -12.76
CA PRO A 15 -0.16 9.40 -12.92
C PRO A 15 -0.10 10.15 -11.58
N PRO A 16 1.07 10.72 -11.19
CA PRO A 16 1.20 11.64 -10.06
C PRO A 16 0.87 13.10 -10.44
N GLU A 17 1.13 14.01 -9.49
CA GLU A 17 1.16 15.48 -9.65
C GLU A 17 -0.23 16.17 -9.57
N SER A 18 -0.27 17.46 -9.24
CA SER A 18 -1.46 18.32 -9.38
C SER A 18 -1.15 19.82 -9.21
N GLN A 19 -2.02 20.69 -9.74
CA GLN A 19 -1.91 22.15 -9.65
C GLN A 19 -3.08 22.69 -8.82
N GLU A 20 -4.29 22.49 -9.33
CA GLU A 20 -5.49 22.25 -8.50
C GLU A 20 -5.31 21.04 -7.57
N LYS A 21 -6.31 20.65 -6.76
CA LYS A 21 -6.23 19.52 -5.86
C LYS A 21 -7.48 18.64 -5.90
N LYS A 22 -7.34 17.41 -5.40
CA LYS A 22 -8.30 16.30 -5.56
C LYS A 22 -8.63 15.69 -4.18
N PRO A 23 -9.77 14.99 -4.01
CA PRO A 23 -9.90 13.99 -2.97
C PRO A 23 -9.06 12.74 -3.30
N LEU A 24 -8.93 11.86 -2.33
CA LEU A 24 -8.26 10.58 -2.47
C LEU A 24 -9.10 9.54 -3.23
N LYS A 25 -8.40 8.55 -3.79
CA LYS A 25 -8.91 7.49 -4.66
C LYS A 25 -8.39 6.13 -4.15
N PRO A 26 -9.24 5.09 -4.12
CA PRO A 26 -9.03 3.87 -3.32
C PRO A 26 -7.98 2.92 -3.91
N CYS A 27 -7.65 3.04 -5.20
CA CYS A 27 -6.64 2.27 -5.90
C CYS A 27 -5.20 2.74 -5.59
N CYS A 28 -5.09 3.98 -5.07
CA CYS A 28 -3.84 4.71 -4.84
C CYS A 28 -3.61 5.11 -3.36
N ALA A 29 -4.66 5.15 -2.55
CA ALA A 29 -4.58 5.48 -1.14
C ALA A 29 -3.60 4.54 -0.41
N CYS A 30 -2.92 5.05 0.63
CA CYS A 30 -1.82 4.34 1.29
C CYS A 30 -0.76 3.77 0.31
N PRO A 31 -0.17 4.58 -0.59
CA PRO A 31 0.64 4.11 -1.71
C PRO A 31 1.95 3.44 -1.25
N GLU A 32 2.50 3.90 -0.12
CA GLU A 32 3.44 3.19 0.75
C GLU A 32 3.11 1.69 0.95
N THR A 33 2.04 1.36 1.66
CA THR A 33 1.64 -0.06 1.82
C THR A 33 1.18 -0.66 0.50
N LYS A 34 0.63 0.10 -0.46
CA LYS A 34 0.23 -0.37 -1.80
C LYS A 34 1.40 -1.00 -2.55
N LYS A 35 2.55 -0.34 -2.59
CA LYS A 35 3.71 -0.84 -3.30
C LYS A 35 4.54 -1.83 -2.50
N ALA A 36 4.49 -1.73 -1.17
CA ALA A 36 4.95 -2.81 -0.30
C ALA A 36 4.13 -4.12 -0.52
N ARG A 37 2.81 -3.99 -0.68
CA ARG A 37 1.90 -5.09 -1.03
C ARG A 37 2.32 -5.73 -2.34
N ASP A 38 2.47 -4.88 -3.36
CA ASP A 38 2.77 -5.31 -4.71
C ASP A 38 4.19 -5.87 -4.89
N ALA A 39 5.19 -5.43 -4.11
CA ALA A 39 6.49 -6.09 -4.05
C ALA A 39 6.39 -7.54 -3.51
N CYS A 40 5.63 -7.76 -2.43
CA CYS A 40 5.29 -9.08 -1.92
C CYS A 40 4.61 -9.95 -3.00
N ILE A 41 3.83 -9.33 -3.87
CA ILE A 41 3.14 -10.01 -4.97
C ILE A 41 4.09 -10.33 -6.13
N ILE A 42 5.06 -9.46 -6.44
CA ILE A 42 6.19 -9.76 -7.35
C ILE A 42 7.02 -10.94 -6.84
N GLU A 43 7.21 -11.07 -5.53
CA GLU A 43 7.95 -12.17 -4.90
C GLU A 43 7.23 -13.54 -4.98
N LYS A 44 5.91 -13.62 -4.68
CA LYS A 44 5.14 -14.88 -4.50
C LYS A 44 3.69 -14.88 -5.00
N GLY A 45 3.11 -13.72 -5.31
CA GLY A 45 1.66 -13.53 -5.46
C GLY A 45 0.99 -13.15 -4.13
N GLU A 46 -0.27 -12.67 -4.17
CA GLU A 46 -0.91 -12.06 -3.00
C GLU A 46 -1.33 -13.07 -1.95
N GLU A 47 -1.77 -14.26 -2.39
CA GLU A 47 -2.21 -15.33 -1.50
C GLU A 47 -1.14 -15.71 -0.45
N HIS A 48 0.15 -15.66 -0.83
CA HIS A 48 1.30 -15.98 0.01
C HIS A 48 1.79 -14.78 0.84
N CYS A 49 1.02 -13.69 0.86
CA CYS A 49 1.44 -12.39 1.34
C CYS A 49 0.33 -11.61 2.08
N GLY A 50 -0.83 -12.21 2.39
CA GLY A 50 -1.99 -11.45 2.89
C GLY A 50 -1.79 -10.59 4.13
N HIS A 51 -0.80 -10.81 5.00
CA HIS A 51 -0.42 -9.84 6.04
C HIS A 51 -0.11 -8.44 5.46
N LEU A 52 0.52 -8.39 4.29
CA LEU A 52 0.76 -7.18 3.51
C LEU A 52 -0.53 -6.62 2.91
N ILE A 53 -1.46 -7.49 2.46
CA ILE A 53 -2.74 -6.98 1.94
C ILE A 53 -3.60 -6.44 3.07
N GLU A 54 -3.58 -7.09 4.22
CA GLU A 54 -4.41 -6.81 5.37
C GLU A 54 -4.04 -5.47 6.03
N ALA A 55 -2.76 -5.26 6.38
CA ALA A 55 -2.26 -4.00 6.92
C ALA A 55 -2.50 -2.80 5.98
N HIS A 56 -2.39 -3.04 4.67
CA HIS A 56 -2.68 -2.05 3.63
C HIS A 56 -4.18 -1.71 3.56
N LYS A 57 -5.01 -2.75 3.54
CA LYS A 57 -6.47 -2.65 3.62
C LYS A 57 -6.91 -1.80 4.82
N GLU A 58 -6.37 -2.07 6.01
CA GLU A 58 -6.60 -1.28 7.23
C GLU A 58 -6.14 0.18 7.08
N CYS A 59 -4.92 0.40 6.56
CA CYS A 59 -4.39 1.74 6.27
C CYS A 59 -5.36 2.59 5.43
N MET A 60 -5.84 2.06 4.29
CA MET A 60 -6.92 2.67 3.50
C MET A 60 -8.20 2.82 4.32
N ARG A 61 -8.67 1.80 5.04
CA ARG A 61 -9.96 1.80 5.71
C ARG A 61 -10.14 2.92 6.73
N ALA A 62 -9.06 3.40 7.36
CA ALA A 62 -9.04 4.63 8.16
C ALA A 62 -9.74 5.82 7.47
N LEU A 63 -9.62 5.90 6.14
CA LEU A 63 -10.04 7.06 5.36
C LEU A 63 -11.56 7.06 5.04
N GLY A 64 -12.31 6.12 5.63
CA GLY A 64 -13.70 5.82 5.28
C GLY A 64 -13.81 4.89 4.07
N PHE A 65 -12.79 4.05 3.85
CA PHE A 65 -12.65 3.23 2.65
C PHE A 65 -13.32 1.86 2.78
N LYS A 66 -13.42 1.21 1.63
CA LYS A 66 -14.63 0.50 1.20
C LYS A 66 -14.35 -0.93 0.75
N ILE A 67 -13.52 -1.52 1.60
CA ILE A 67 -12.69 -2.73 1.45
C ILE A 67 -13.01 -3.72 2.58
CU CU1 B . -4.85 4.20 -8.36
N GLY A 1 27.57 -4.34 -28.04
CA GLY A 1 27.91 -3.33 -27.01
C GLY A 1 27.75 -3.94 -25.63
N SER A 2 27.75 -3.14 -24.58
CA SER A 2 27.44 -3.54 -23.20
C SER A 2 26.92 -2.33 -22.41
N PHE A 3 26.48 -2.51 -21.17
CA PHE A 3 25.95 -1.47 -20.29
C PHE A 3 26.20 -1.81 -18.81
N THR A 4 26.20 -0.80 -17.94
CA THR A 4 26.50 -0.95 -16.51
C THR A 4 25.69 0.06 -15.69
N MET A 5 25.32 -0.30 -14.46
CA MET A 5 24.65 0.60 -13.51
C MET A 5 25.23 0.42 -12.09
N PRO A 6 26.46 0.90 -11.83
CA PRO A 6 27.18 0.64 -10.58
C PRO A 6 26.64 1.37 -9.34
N GLY A 7 25.57 2.16 -9.46
CA GLY A 7 24.87 2.77 -8.34
C GLY A 7 23.47 3.22 -8.78
N LEU A 8 22.47 2.95 -7.94
CA LEU A 8 21.04 3.16 -8.21
C LEU A 8 20.23 3.10 -6.91
N VAL A 9 18.99 3.59 -6.94
CA VAL A 9 18.10 3.71 -5.78
C VAL A 9 16.63 3.78 -6.22
N ASP A 10 15.69 3.51 -5.32
CA ASP A 10 14.27 3.82 -5.51
C ASP A 10 14.02 5.33 -5.67
N SER A 11 12.87 5.71 -6.23
CA SER A 11 12.46 7.10 -6.45
C SER A 11 11.06 7.32 -5.89
N ASN A 12 11.00 8.01 -4.76
CA ASN A 12 9.79 8.17 -3.95
C ASN A 12 9.68 9.58 -3.34
N PRO A 13 9.60 10.62 -4.18
CA PRO A 13 9.50 12.02 -3.77
C PRO A 13 8.11 12.37 -3.20
N ALA A 14 7.97 13.63 -2.80
CA ALA A 14 6.73 14.26 -2.34
C ALA A 14 6.03 15.03 -3.49
N PRO A 15 4.72 15.31 -3.37
CA PRO A 15 4.01 16.20 -4.28
C PRO A 15 4.43 17.68 -4.12
N PRO A 16 4.25 18.53 -5.16
CA PRO A 16 4.42 19.97 -5.07
C PRO A 16 3.20 20.68 -4.45
N GLU A 17 3.30 22.01 -4.36
CA GLU A 17 2.24 22.92 -3.91
C GLU A 17 0.89 22.77 -4.65
N SER A 18 0.92 22.22 -5.86
CA SER A 18 -0.22 21.96 -6.76
C SER A 18 -1.31 21.00 -6.24
N GLN A 19 -1.30 20.66 -4.94
CA GLN A 19 -2.29 19.80 -4.28
C GLN A 19 -3.74 20.22 -4.58
N GLU A 20 -4.43 19.43 -5.40
CA GLU A 20 -5.84 19.64 -5.72
C GLU A 20 -6.77 19.38 -4.52
N LYS A 21 -8.05 19.65 -4.78
CA LYS A 21 -9.17 19.77 -3.87
C LYS A 21 -10.27 18.81 -4.33
N LYS A 22 -9.94 17.51 -4.31
CA LYS A 22 -10.74 16.37 -4.77
C LYS A 22 -10.73 15.25 -3.71
N PRO A 23 -11.72 14.34 -3.71
CA PRO A 23 -11.71 13.18 -2.83
C PRO A 23 -10.69 12.13 -3.28
N LEU A 24 -10.32 11.26 -2.34
CA LEU A 24 -9.31 10.22 -2.54
C LEU A 24 -9.83 8.98 -3.26
N LYS A 25 -8.88 8.18 -3.76
CA LYS A 25 -9.08 6.85 -4.34
C LYS A 25 -8.05 5.91 -3.70
N PRO A 26 -8.45 4.74 -3.23
CA PRO A 26 -7.80 4.07 -2.10
C PRO A 26 -6.40 3.53 -2.40
N CYS A 27 -6.18 2.95 -3.58
CA CYS A 27 -4.89 2.42 -4.00
C CYS A 27 -3.78 3.52 -4.08
N CYS A 28 -4.22 4.76 -4.29
CA CYS A 28 -3.39 5.95 -4.32
C CYS A 28 -3.41 6.75 -2.99
N ALA A 29 -4.24 6.32 -2.03
CA ALA A 29 -4.43 7.01 -0.74
C ALA A 29 -3.51 6.50 0.37
N CYS A 30 -3.31 5.19 0.31
CA CYS A 30 -2.23 4.43 0.97
C CYS A 30 -1.25 3.81 -0.06
N PRO A 31 -0.52 4.63 -0.86
CA PRO A 31 0.29 4.13 -1.98
C PRO A 31 1.59 3.47 -1.49
N GLU A 32 2.05 3.80 -0.29
CA GLU A 32 3.21 3.21 0.38
C GLU A 32 2.98 1.73 0.75
N THR A 33 1.90 1.41 1.46
CA THR A 33 1.50 0.00 1.67
C THR A 33 1.10 -0.66 0.35
N LYS A 34 0.56 0.06 -0.63
CA LYS A 34 0.34 -0.45 -2.00
C LYS A 34 1.65 -0.94 -2.65
N LYS A 35 2.71 -0.13 -2.60
CA LYS A 35 4.07 -0.46 -3.07
C LYS A 35 4.59 -1.72 -2.40
N ALA A 36 4.48 -1.75 -1.08
CA ALA A 36 4.90 -2.87 -0.24
C ALA A 36 4.11 -4.16 -0.52
N ARG A 37 2.78 -4.05 -0.69
CA ARG A 37 1.88 -5.16 -1.02
C ARG A 37 2.27 -5.79 -2.35
N ASP A 38 2.41 -4.96 -3.37
CA ASP A 38 2.70 -5.40 -4.72
C ASP A 38 4.15 -5.91 -4.89
N ALA A 39 5.11 -5.39 -4.13
CA ALA A 39 6.45 -5.99 -4.02
C ALA A 39 6.43 -7.40 -3.39
N CYS A 40 5.57 -7.64 -2.39
CA CYS A 40 5.31 -8.99 -1.88
C CYS A 40 4.75 -9.92 -2.98
N ILE A 41 3.87 -9.38 -3.82
CA ILE A 41 3.20 -10.12 -4.89
C ILE A 41 4.17 -10.45 -6.03
N ILE A 42 5.18 -9.62 -6.28
CA ILE A 42 6.36 -9.98 -7.08
C ILE A 42 7.08 -11.21 -6.51
N GLU A 43 7.25 -11.27 -5.19
CA GLU A 43 7.96 -12.35 -4.50
C GLU A 43 7.27 -13.73 -4.63
N LYS A 44 5.93 -13.77 -4.52
CA LYS A 44 5.15 -15.01 -4.33
C LYS A 44 3.71 -15.00 -4.82
N GLY A 45 3.16 -13.86 -5.21
CA GLY A 45 1.72 -13.68 -5.39
C GLY A 45 0.99 -13.36 -4.08
N GLU A 46 -0.21 -12.77 -4.18
CA GLU A 46 -0.91 -12.21 -3.03
C GLU A 46 -1.35 -13.27 -2.03
N GLU A 47 -1.61 -14.47 -2.56
CA GLU A 47 -1.99 -15.63 -1.76
C GLU A 47 -0.94 -16.01 -0.69
N HIS A 48 0.35 -15.65 -0.84
CA HIS A 48 1.39 -15.93 0.15
C HIS A 48 1.77 -14.67 0.95
N CYS A 49 0.96 -13.60 0.82
CA CYS A 49 1.28 -12.23 1.17
C CYS A 49 0.11 -11.49 1.83
N GLY A 50 -0.90 -12.19 2.36
CA GLY A 50 -2.08 -11.51 2.91
C GLY A 50 -1.79 -10.64 4.11
N HIS A 51 -0.80 -10.94 4.94
CA HIS A 51 -0.33 -10.01 5.98
C HIS A 51 0.11 -8.65 5.43
N LEU A 52 0.51 -8.58 4.15
CA LEU A 52 0.78 -7.31 3.47
C LEU A 52 -0.50 -6.69 2.95
N ILE A 53 -1.46 -7.52 2.53
CA ILE A 53 -2.73 -7.03 1.99
C ILE A 53 -3.62 -6.52 3.12
N GLU A 54 -3.56 -7.15 4.28
CA GLU A 54 -4.36 -6.87 5.46
C GLU A 54 -3.98 -5.51 6.06
N ALA A 55 -2.70 -5.31 6.38
CA ALA A 55 -2.17 -4.01 6.83
C ALA A 55 -2.46 -2.86 5.83
N HIS A 56 -2.33 -3.12 4.53
CA HIS A 56 -2.67 -2.15 3.48
C HIS A 56 -4.16 -1.83 3.41
N LYS A 57 -4.98 -2.88 3.44
CA LYS A 57 -6.44 -2.78 3.55
C LYS A 57 -6.86 -1.94 4.75
N GLU A 58 -6.31 -2.19 5.94
CA GLU A 58 -6.55 -1.39 7.13
C GLU A 58 -6.09 0.07 6.97
N CYS A 59 -4.90 0.31 6.39
CA CYS A 59 -4.42 1.66 6.04
C CYS A 59 -5.48 2.43 5.25
N MET A 60 -5.92 1.91 4.09
CA MET A 60 -7.00 2.50 3.29
C MET A 60 -8.28 2.64 4.14
N ARG A 61 -8.69 1.64 4.91
CA ARG A 61 -9.92 1.68 5.71
C ARG A 61 -10.00 2.80 6.73
N ALA A 62 -8.87 3.27 7.27
CA ALA A 62 -8.82 4.50 8.08
C ALA A 62 -9.50 5.69 7.41
N LEU A 63 -9.48 5.75 6.07
CA LEU A 63 -9.94 6.89 5.29
C LEU A 63 -11.46 6.86 5.02
N GLY A 64 -12.17 6.20 5.93
CA GLY A 64 -13.61 5.90 5.90
C GLY A 64 -13.98 4.90 4.80
N PHE A 65 -13.06 3.99 4.45
CA PHE A 65 -12.96 3.47 3.10
C PHE A 65 -13.55 2.07 2.88
N LYS A 66 -13.62 1.73 1.59
CA LYS A 66 -14.59 0.80 1.01
C LYS A 66 -13.90 -0.40 0.36
N ILE A 67 -13.37 -1.15 1.32
CA ILE A 67 -12.15 -1.98 1.32
C ILE A 67 -12.30 -3.23 2.22
CU CU1 B . -3.71 3.92 -7.16
N GLY A 1 -13.06 13.35 18.55
CA GLY A 1 -12.89 11.97 18.05
C GLY A 1 -13.35 11.00 19.13
N SER A 2 -12.95 9.74 19.05
CA SER A 2 -13.10 8.72 20.11
C SER A 2 -12.03 7.65 19.93
N PHE A 3 -11.85 6.76 20.92
CA PHE A 3 -10.87 5.68 20.92
C PHE A 3 -11.46 4.44 21.60
N THR A 4 -10.99 3.25 21.22
CA THR A 4 -11.34 1.98 21.88
C THR A 4 -10.28 0.94 21.51
N MET A 5 -9.96 0.03 22.44
CA MET A 5 -8.92 -0.99 22.24
C MET A 5 -9.45 -2.39 22.60
N PRO A 6 -10.43 -2.94 21.84
CA PRO A 6 -11.15 -4.17 22.19
C PRO A 6 -10.35 -5.49 22.09
N GLY A 7 -9.06 -5.44 21.79
CA GLY A 7 -8.19 -6.61 21.66
C GLY A 7 -6.70 -6.28 21.53
N LEU A 8 -6.29 -5.14 22.08
CA LEU A 8 -4.96 -4.54 21.95
C LEU A 8 -4.76 -3.47 23.04
N VAL A 9 -3.67 -2.69 22.96
CA VAL A 9 -3.45 -1.49 23.78
C VAL A 9 -2.87 -0.39 22.90
N ASP A 10 -3.11 0.87 23.27
CA ASP A 10 -2.49 2.02 22.61
C ASP A 10 -1.08 2.29 23.16
N SER A 11 -0.27 3.00 22.37
CA SER A 11 1.02 3.59 22.76
C SER A 11 1.44 4.77 21.86
N ASN A 12 0.61 5.16 20.87
CA ASN A 12 0.88 6.24 19.92
C ASN A 12 -0.45 6.72 19.28
N PRO A 13 -1.33 7.37 20.06
CA PRO A 13 -2.58 7.91 19.57
C PRO A 13 -2.35 9.13 18.67
N ALA A 14 -3.42 9.53 18.01
CA ALA A 14 -3.51 10.71 17.16
C ALA A 14 -4.94 11.27 17.14
N PRO A 15 -5.15 12.55 16.79
CA PRO A 15 -6.46 13.02 16.39
C PRO A 15 -6.88 12.41 15.04
N PRO A 16 -8.18 12.37 14.72
CA PRO A 16 -8.63 12.21 13.33
C PRO A 16 -8.30 13.45 12.51
N GLU A 17 -8.63 13.42 11.23
CA GLU A 17 -8.72 14.62 10.43
C GLU A 17 -9.88 15.53 10.91
N SER A 18 -9.63 16.83 10.81
CA SER A 18 -10.59 17.92 11.07
C SER A 18 -10.13 19.23 10.45
N GLN A 19 -9.65 19.16 9.21
CA GLN A 19 -9.22 20.30 8.44
C GLN A 19 -9.40 19.98 6.95
N GLU A 20 -9.03 20.87 6.04
CA GLU A 20 -8.78 20.50 4.64
C GLU A 20 -7.85 19.29 4.49
N LYS A 21 -8.05 18.65 3.36
CA LYS A 21 -7.65 17.28 3.02
C LYS A 21 -8.13 16.96 1.60
N LYS A 22 -7.23 16.90 0.63
CA LYS A 22 -7.60 16.48 -0.73
C LYS A 22 -8.13 15.03 -0.73
N PRO A 23 -9.11 14.69 -1.58
CA PRO A 23 -9.74 13.37 -1.59
C PRO A 23 -8.79 12.28 -2.09
N LEU A 24 -9.23 11.03 -1.96
CA LEU A 24 -8.51 9.83 -2.42
C LEU A 24 -9.47 8.97 -3.26
N LYS A 25 -8.91 8.05 -4.03
CA LYS A 25 -9.56 7.08 -4.92
C LYS A 25 -8.94 5.71 -4.64
N PRO A 26 -9.75 4.67 -4.44
CA PRO A 26 -9.39 3.48 -3.66
C PRO A 26 -8.23 2.67 -4.27
N CYS A 27 -8.00 2.75 -5.57
CA CYS A 27 -6.89 2.10 -6.27
C CYS A 27 -5.50 2.68 -5.86
N CYS A 28 -5.49 3.90 -5.33
CA CYS A 28 -4.29 4.69 -5.01
C CYS A 28 -4.04 4.90 -3.50
N ALA A 29 -4.98 4.52 -2.63
CA ALA A 29 -4.88 4.89 -1.22
C ALA A 29 -3.72 4.15 -0.52
N CYS A 30 -3.14 4.75 0.52
CA CYS A 30 -1.94 4.27 1.21
C CYS A 30 -0.83 3.77 0.26
N PRO A 31 -0.34 4.61 -0.68
CA PRO A 31 0.51 4.19 -1.79
C PRO A 31 1.87 3.63 -1.31
N GLU A 32 2.35 4.11 -0.16
CA GLU A 32 3.31 3.46 0.73
C GLU A 32 3.12 1.94 0.93
N THR A 33 2.09 1.50 1.65
CA THR A 33 1.79 0.06 1.82
C THR A 33 1.34 -0.59 0.52
N LYS A 34 0.76 0.15 -0.44
CA LYS A 34 0.42 -0.35 -1.79
C LYS A 34 1.66 -0.85 -2.53
N LYS A 35 2.76 -0.08 -2.46
CA LYS A 35 4.08 -0.45 -2.98
C LYS A 35 4.59 -1.73 -2.34
N ALA A 36 4.53 -1.77 -1.01
CA ALA A 36 4.95 -2.93 -0.22
C ALA A 36 4.08 -4.17 -0.49
N ARG A 37 2.77 -3.98 -0.71
CA ARG A 37 1.81 -5.03 -1.08
C ARG A 37 2.22 -5.66 -2.39
N ASP A 38 2.36 -4.83 -3.41
CA ASP A 38 2.69 -5.26 -4.77
C ASP A 38 4.12 -5.81 -4.89
N ALA A 39 5.08 -5.37 -4.05
CA ALA A 39 6.37 -6.04 -3.92
C ALA A 39 6.26 -7.47 -3.34
N CYS A 40 5.45 -7.69 -2.29
CA CYS A 40 5.12 -9.03 -1.78
C CYS A 40 4.50 -9.93 -2.87
N ILE A 41 3.76 -9.32 -3.79
CA ILE A 41 3.15 -10.00 -4.93
C ILE A 41 4.17 -10.33 -6.02
N ILE A 42 5.17 -9.46 -6.24
CA ILE A 42 6.36 -9.75 -7.06
C ILE A 42 7.18 -10.92 -6.48
N GLU A 43 7.25 -11.05 -5.15
CA GLU A 43 7.94 -12.15 -4.47
C GLU A 43 7.24 -13.53 -4.63
N LYS A 44 5.90 -13.61 -4.49
CA LYS A 44 5.12 -14.87 -4.42
C LYS A 44 3.68 -14.86 -4.97
N GLY A 45 3.11 -13.70 -5.26
CA GLY A 45 1.66 -13.51 -5.46
C GLY A 45 0.92 -13.16 -4.15
N GLU A 46 -0.29 -12.62 -4.23
CA GLU A 46 -0.98 -12.03 -3.08
C GLU A 46 -1.46 -13.06 -2.06
N GLU A 47 -1.90 -14.23 -2.56
CA GLU A 47 -2.37 -15.33 -1.72
C GLU A 47 -1.32 -15.78 -0.67
N HIS A 48 -0.04 -15.72 -1.02
CA HIS A 48 1.09 -16.10 -0.17
C HIS A 48 1.63 -14.92 0.66
N CYS A 49 0.89 -13.80 0.71
CA CYS A 49 1.34 -12.53 1.25
C CYS A 49 0.24 -11.73 1.94
N GLY A 50 -0.94 -12.29 2.23
CA GLY A 50 -2.09 -11.49 2.69
C GLY A 50 -1.86 -10.61 3.91
N HIS A 51 -0.92 -10.90 4.81
CA HIS A 51 -0.52 -9.96 5.88
C HIS A 51 -0.14 -8.57 5.36
N LEU A 52 0.45 -8.51 4.16
CA LEU A 52 0.72 -7.27 3.42
C LEU A 52 -0.54 -6.67 2.82
N ILE A 53 -1.46 -7.49 2.30
CA ILE A 53 -2.73 -6.95 1.79
C ILE A 53 -3.58 -6.40 2.94
N GLU A 54 -3.51 -7.03 4.09
CA GLU A 54 -4.28 -6.71 5.26
C GLU A 54 -3.78 -5.44 5.95
N ALA A 55 -2.49 -5.36 6.28
CA ALA A 55 -1.89 -4.14 6.85
C ALA A 55 -2.13 -2.90 5.99
N HIS A 56 -2.08 -3.08 4.67
CA HIS A 56 -2.42 -2.05 3.68
C HIS A 56 -3.91 -1.68 3.67
N LYS A 57 -4.77 -2.69 3.61
CA LYS A 57 -6.24 -2.57 3.65
C LYS A 57 -6.72 -1.66 4.78
N GLU A 58 -6.22 -1.90 5.98
CA GLU A 58 -6.63 -1.18 7.19
C GLU A 58 -6.15 0.29 7.17
N CYS A 59 -4.93 0.51 6.70
CA CYS A 59 -4.43 1.86 6.36
C CYS A 59 -5.40 2.65 5.46
N MET A 60 -5.85 2.08 4.33
CA MET A 60 -6.90 2.63 3.44
C MET A 60 -8.20 2.86 4.22
N ARG A 61 -8.72 1.86 4.94
CA ARG A 61 -9.97 1.91 5.68
C ARG A 61 -10.06 3.05 6.70
N ALA A 62 -8.93 3.50 7.26
CA ALA A 62 -8.81 4.74 8.06
C ALA A 62 -9.44 5.98 7.41
N LEU A 63 -9.62 5.97 6.09
CA LEU A 63 -10.08 7.08 5.27
C LEU A 63 -11.60 7.02 5.00
N GLY A 64 -12.29 6.02 5.57
CA GLY A 64 -13.68 5.68 5.25
C GLY A 64 -13.82 4.74 4.06
N PHE A 65 -12.73 4.10 3.64
CA PHE A 65 -12.63 3.17 2.51
C PHE A 65 -13.33 1.82 2.82
N LYS A 66 -14.02 1.26 1.83
CA LYS A 66 -14.78 0.01 1.92
C LYS A 66 -13.94 -1.12 1.31
N ILE A 67 -13.18 -1.80 2.16
CA ILE A 67 -12.24 -2.90 1.85
C ILE A 67 -12.23 -3.90 3.02
CU CU1 B . -5.09 4.35 -8.45
N GLY A 1 20.58 10.57 -49.47
CA GLY A 1 20.67 9.67 -48.30
C GLY A 1 19.63 10.10 -47.29
N SER A 2 19.16 9.19 -46.45
CA SER A 2 18.00 9.39 -45.56
C SER A 2 18.22 8.62 -44.25
N PHE A 3 17.59 9.06 -43.16
CA PHE A 3 17.82 8.53 -41.81
C PHE A 3 16.51 8.48 -41.01
N THR A 4 16.45 7.58 -40.03
CA THR A 4 15.26 7.27 -39.21
C THR A 4 15.70 6.85 -37.81
N MET A 5 14.83 6.97 -36.80
CA MET A 5 15.11 6.53 -35.43
C MET A 5 14.01 5.59 -34.88
N PRO A 6 13.93 4.34 -35.36
CA PRO A 6 13.02 3.31 -34.83
C PRO A 6 13.53 2.72 -33.50
N GLY A 7 14.13 3.54 -32.63
CA GLY A 7 14.95 3.07 -31.50
C GLY A 7 15.08 4.08 -30.35
N LEU A 8 13.96 4.73 -29.98
CA LEU A 8 13.89 5.63 -28.83
C LEU A 8 12.59 5.42 -28.04
N VAL A 9 12.48 6.05 -26.87
CA VAL A 9 11.28 6.10 -26.03
C VAL A 9 11.31 7.38 -25.18
N ASP A 10 10.14 7.90 -24.85
CA ASP A 10 9.92 9.20 -24.18
C ASP A 10 8.94 9.13 -23.00
N SER A 11 8.28 8.00 -22.84
CA SER A 11 6.86 7.93 -22.44
C SER A 11 6.61 7.96 -20.92
N ASN A 12 7.51 8.60 -20.16
CA ASN A 12 7.48 8.68 -18.70
C ASN A 12 7.72 10.14 -18.25
N PRO A 13 6.70 11.01 -18.41
CA PRO A 13 6.78 12.42 -18.03
C PRO A 13 6.71 12.62 -16.50
N ALA A 14 6.81 13.88 -16.10
CA ALA A 14 6.62 14.34 -14.73
C ALA A 14 5.14 14.27 -14.30
N PRO A 15 4.87 14.18 -12.98
CA PRO A 15 3.55 14.44 -12.41
C PRO A 15 3.20 15.94 -12.48
N PRO A 16 1.90 16.31 -12.35
CA PRO A 16 1.47 17.69 -12.21
C PRO A 16 1.79 18.28 -10.83
N GLU A 17 1.44 19.55 -10.65
CA GLU A 17 1.67 20.31 -9.42
C GLU A 17 0.87 19.82 -8.21
N SER A 18 1.46 19.99 -7.02
CA SER A 18 0.84 19.83 -5.68
C SER A 18 -0.28 20.85 -5.36
N GLN A 19 -0.98 21.36 -6.38
CA GLN A 19 -1.98 22.42 -6.26
C GLN A 19 -3.20 21.93 -5.44
N GLU A 20 -3.59 22.70 -4.42
CA GLU A 20 -4.75 22.50 -3.53
C GLU A 20 -4.75 21.23 -2.67
N LYS A 21 -5.74 21.19 -1.77
CA LYS A 21 -6.26 19.95 -1.20
C LYS A 21 -7.05 19.18 -2.27
N LYS A 22 -6.86 17.87 -2.36
CA LYS A 22 -7.54 16.98 -3.31
C LYS A 22 -8.09 15.72 -2.61
N PRO A 23 -9.06 15.01 -3.23
CA PRO A 23 -9.58 13.75 -2.70
C PRO A 23 -8.66 12.57 -3.02
N LEU A 24 -8.94 11.43 -2.36
CA LEU A 24 -8.35 10.13 -2.68
C LEU A 24 -9.35 9.29 -3.52
N LYS A 25 -8.83 8.24 -4.16
CA LYS A 25 -9.49 7.24 -5.00
C LYS A 25 -8.87 5.88 -4.66
N PRO A 26 -9.68 4.86 -4.37
CA PRO A 26 -9.30 3.70 -3.56
C PRO A 26 -8.17 2.85 -4.18
N CYS A 27 -7.99 2.89 -5.49
CA CYS A 27 -6.92 2.22 -6.22
C CYS A 27 -5.51 2.79 -5.90
N CYS A 28 -5.47 3.98 -5.30
CA CYS A 28 -4.27 4.75 -4.97
C CYS A 28 -4.08 5.02 -3.46
N ALA A 29 -5.04 4.67 -2.61
CA ALA A 29 -4.95 5.00 -1.18
C ALA A 29 -3.79 4.26 -0.52
N CYS A 30 -3.22 4.84 0.54
CA CYS A 30 -2.03 4.32 1.22
C CYS A 30 -0.98 3.70 0.27
N PRO A 31 -0.48 4.46 -0.72
CA PRO A 31 0.29 3.90 -1.84
C PRO A 31 1.64 3.34 -1.40
N GLU A 32 2.07 3.62 -0.17
CA GLU A 32 3.35 3.23 0.40
C GLU A 32 3.29 1.83 1.06
N THR A 33 2.23 1.49 1.81
CA THR A 33 1.88 0.08 2.06
C THR A 33 1.51 -0.63 0.77
N LYS A 34 0.86 0.04 -0.19
CA LYS A 34 0.56 -0.53 -1.52
C LYS A 34 1.81 -0.95 -2.28
N LYS A 35 2.85 -0.12 -2.25
CA LYS A 35 4.16 -0.37 -2.86
C LYS A 35 4.74 -1.68 -2.34
N ALA A 36 4.74 -1.84 -1.01
CA ALA A 36 5.16 -3.07 -0.34
C ALA A 36 4.20 -4.24 -0.59
N ARG A 37 2.90 -3.99 -0.71
CA ARG A 37 1.87 -4.99 -1.02
C ARG A 37 2.16 -5.65 -2.36
N ASP A 38 2.31 -4.81 -3.37
CA ASP A 38 2.50 -5.22 -4.76
C ASP A 38 3.93 -5.75 -5.00
N ALA A 39 4.94 -5.28 -4.25
CA ALA A 39 6.25 -5.96 -4.16
C ALA A 39 6.15 -7.38 -3.58
N CYS A 40 5.33 -7.62 -2.54
CA CYS A 40 5.06 -8.95 -1.99
C CYS A 40 4.46 -9.89 -3.06
N ILE A 41 3.66 -9.34 -3.97
CA ILE A 41 3.08 -10.09 -5.09
C ILE A 41 4.15 -10.43 -6.14
N ILE A 42 5.13 -9.55 -6.36
CA ILE A 42 6.33 -9.83 -7.16
C ILE A 42 7.20 -10.93 -6.54
N GLU A 43 7.29 -11.02 -5.21
CA GLU A 43 8.04 -12.04 -4.49
C GLU A 43 7.41 -13.46 -4.58
N LYS A 44 6.07 -13.60 -4.43
CA LYS A 44 5.35 -14.88 -4.27
C LYS A 44 3.92 -14.95 -4.85
N GLY A 45 3.31 -13.82 -5.16
CA GLY A 45 1.87 -13.71 -5.43
C GLY A 45 1.05 -13.35 -4.19
N GLU A 46 -0.19 -12.93 -4.41
CA GLU A 46 -1.02 -12.24 -3.41
C GLU A 46 -1.46 -13.13 -2.24
N GLU A 47 -1.87 -14.37 -2.54
CA GLU A 47 -2.25 -15.38 -1.56
C GLU A 47 -1.16 -15.68 -0.51
N HIS A 48 0.13 -15.63 -0.89
CA HIS A 48 1.26 -15.95 -0.03
C HIS A 48 1.75 -14.74 0.78
N CYS A 49 0.96 -13.66 0.79
CA CYS A 49 1.35 -12.36 1.25
C CYS A 49 0.25 -11.62 2.02
N GLY A 50 -0.93 -12.19 2.27
CA GLY A 50 -2.09 -11.43 2.76
C GLY A 50 -1.93 -10.59 4.02
N HIS A 51 -0.95 -10.83 4.90
CA HIS A 51 -0.58 -9.88 5.97
C HIS A 51 -0.22 -8.48 5.43
N LEU A 52 0.43 -8.42 4.27
CA LEU A 52 0.69 -7.19 3.51
C LEU A 52 -0.60 -6.61 2.95
N ILE A 53 -1.51 -7.44 2.44
CA ILE A 53 -2.75 -6.91 1.87
C ILE A 53 -3.64 -6.37 2.97
N GLU A 54 -3.67 -7.07 4.10
CA GLU A 54 -4.47 -6.75 5.26
C GLU A 54 -4.02 -5.45 5.95
N ALA A 55 -2.73 -5.32 6.27
CA ALA A 55 -2.18 -4.09 6.87
C ALA A 55 -2.35 -2.86 5.95
N HIS A 56 -2.19 -3.05 4.65
CA HIS A 56 -2.46 -2.03 3.65
C HIS A 56 -3.94 -1.64 3.57
N LYS A 57 -4.80 -2.65 3.50
CA LYS A 57 -6.27 -2.50 3.59
C LYS A 57 -6.71 -1.71 4.82
N GLU A 58 -6.18 -2.01 6.01
CA GLU A 58 -6.42 -1.20 7.22
C GLU A 58 -5.99 0.26 7.04
N CYS A 59 -4.80 0.50 6.47
CA CYS A 59 -4.33 1.86 6.17
C CYS A 59 -5.32 2.64 5.28
N MET A 60 -5.77 2.08 4.16
CA MET A 60 -6.85 2.65 3.34
C MET A 60 -8.14 2.82 4.15
N ARG A 61 -8.62 1.78 4.84
CA ARG A 61 -9.88 1.75 5.58
C ARG A 61 -10.01 2.87 6.61
N ALA A 62 -8.90 3.32 7.20
CA ALA A 62 -8.83 4.54 8.02
C ALA A 62 -9.56 5.75 7.41
N LEU A 63 -9.54 5.86 6.08
CA LEU A 63 -10.07 7.03 5.36
C LEU A 63 -11.60 6.98 5.18
N GLY A 64 -12.25 6.02 5.85
CA GLY A 64 -13.64 5.63 5.64
C GLY A 64 -13.83 4.79 4.36
N PHE A 65 -12.77 4.16 3.88
CA PHE A 65 -12.68 3.44 2.61
C PHE A 65 -13.34 2.06 2.72
N LYS A 66 -14.23 1.76 1.77
CA LYS A 66 -15.02 0.53 1.69
C LYS A 66 -14.18 -0.57 1.02
N ILE A 67 -13.27 -1.17 1.81
CA ILE A 67 -12.30 -2.19 1.39
C ILE A 67 -12.23 -3.31 2.43
CU CU1 B . -5.06 4.28 -8.49
#